data_7NYL
# 
_entry.id   7NYL 
# 
_audit_conform.dict_name       mmcif_pdbx.dic 
_audit_conform.dict_version    5.384 
_audit_conform.dict_location   http://mmcif.pdb.org/dictionaries/ascii/mmcif_pdbx.dic 
# 
loop_
_database_2.database_id 
_database_2.database_code 
_database_2.pdbx_database_accession 
_database_2.pdbx_DOI 
PDB   7NYL         pdb_00007nyl 10.2210/pdb7nyl/pdb 
WWPDB D_1292114826 ?            ?                   
# 
loop_
_pdbx_audit_revision_history.ordinal 
_pdbx_audit_revision_history.data_content_type 
_pdbx_audit_revision_history.major_revision 
_pdbx_audit_revision_history.minor_revision 
_pdbx_audit_revision_history.revision_date 
1 'Structure model' 1 0 2021-12-22 
2 'Structure model' 1 1 2022-03-02 
3 'Structure model' 1 2 2022-03-09 
4 'Structure model' 1 3 2024-01-31 
# 
_pdbx_audit_revision_details.ordinal             1 
_pdbx_audit_revision_details.revision_ordinal    1 
_pdbx_audit_revision_details.data_content_type   'Structure model' 
_pdbx_audit_revision_details.provider            repository 
_pdbx_audit_revision_details.type                'Initial release' 
_pdbx_audit_revision_details.description         ? 
_pdbx_audit_revision_details.details             ? 
# 
loop_
_pdbx_audit_revision_group.ordinal 
_pdbx_audit_revision_group.revision_ordinal 
_pdbx_audit_revision_group.data_content_type 
_pdbx_audit_revision_group.group 
1 2 'Structure model' 'Database references'    
2 3 'Structure model' 'Database references'    
3 4 'Structure model' 'Data collection'        
4 4 'Structure model' 'Derived calculations'   
5 4 'Structure model' 'Refinement description' 
# 
loop_
_pdbx_audit_revision_category.ordinal 
_pdbx_audit_revision_category.revision_ordinal 
_pdbx_audit_revision_category.data_content_type 
_pdbx_audit_revision_category.category 
1 2 'Structure model' citation                      
2 2 'Structure model' citation_author               
3 3 'Structure model' citation                      
4 3 'Structure model' citation_author               
5 4 'Structure model' atom_type                     
6 4 'Structure model' chem_comp_atom                
7 4 'Structure model' chem_comp_bond                
8 4 'Structure model' pdbx_initial_refinement_model 
9 4 'Structure model' struct_ncs_dom_lim            
# 
loop_
_pdbx_audit_revision_item.ordinal 
_pdbx_audit_revision_item.revision_ordinal 
_pdbx_audit_revision_item.data_content_type 
_pdbx_audit_revision_item.item 
1  2 'Structure model' '_citation.pdbx_database_id_DOI'        
2  2 'Structure model' '_citation.pdbx_database_id_PubMed'     
3  2 'Structure model' '_citation.title'                       
4  2 'Structure model' '_citation.year'                        
5  2 'Structure model' '_citation_author.identifier_ORCID'     
6  2 'Structure model' '_citation_author.name'                 
7  3 'Structure model' '_citation.journal_volume'              
8  3 'Structure model' '_citation.page_first'                  
9  3 'Structure model' '_citation.page_last'                   
10 3 'Structure model' '_citation_author.identifier_ORCID'     
11 4 'Structure model' '_atom_type.pdbx_N_electrons'           
12 4 'Structure model' '_atom_type.pdbx_scat_Z'                
13 4 'Structure model' '_struct_ncs_dom_lim.beg_auth_comp_id'  
14 4 'Structure model' '_struct_ncs_dom_lim.beg_label_asym_id' 
15 4 'Structure model' '_struct_ncs_dom_lim.beg_label_comp_id' 
16 4 'Structure model' '_struct_ncs_dom_lim.beg_label_seq_id'  
17 4 'Structure model' '_struct_ncs_dom_lim.end_auth_comp_id'  
18 4 'Structure model' '_struct_ncs_dom_lim.end_label_asym_id' 
19 4 'Structure model' '_struct_ncs_dom_lim.end_label_comp_id' 
20 4 'Structure model' '_struct_ncs_dom_lim.end_label_seq_id'  
# 
_pdbx_database_status.status_code                     REL 
_pdbx_database_status.status_code_sf                  REL 
_pdbx_database_status.status_code_mr                  ? 
_pdbx_database_status.entry_id                        7NYL 
_pdbx_database_status.recvd_initial_deposition_date   2021-03-23 
_pdbx_database_status.SG_entry                        N 
_pdbx_database_status.deposit_site                    PDBE 
_pdbx_database_status.process_site                    PDBE 
_pdbx_database_status.status_code_cs                  ? 
_pdbx_database_status.status_code_nmr_data            ? 
_pdbx_database_status.methods_development_category    ? 
_pdbx_database_status.pdb_format_compatible           N 
# 
_pdbx_database_related.db_name        PDB 
_pdbx_database_related.details        'wild type JIP1 SH3 domain' 
_pdbx_database_related.db_id          7NYK 
_pdbx_database_related.content_type   re-refinement 
# 
loop_
_audit_author.name 
_audit_author.pdbx_ordinal 
_audit_author.identifier_ORCID 
'Perez, L.M.'  1 ?                   
'Ielasi, F.S.' 2 ?                   
'Palencia, A.' 3 0000-0002-1805-319X 
'Jensen, M.R.' 4 0000-0003-0419-2196 
# 
_citation.abstract                  ? 
_citation.abstract_id_CAS           ? 
_citation.book_id_ISBN              ? 
_citation.book_publisher            ? 
_citation.book_publisher_city       ? 
_citation.book_title                ? 
_citation.coordinate_linkage        ? 
_citation.country                   UK 
_citation.database_id_Medline       ? 
_citation.details                   ? 
_citation.id                        primary 
_citation.journal_abbrev            Nature 
_citation.journal_id_ASTM           NATUAS 
_citation.journal_id_CSD            0006 
_citation.journal_id_ISSN           1476-4687 
_citation.journal_full              ? 
_citation.journal_issue             ? 
_citation.journal_volume            602 
_citation.language                  ? 
_citation.page_first                695 
_citation.page_last                 700 
_citation.title                     'Visualizing protein breathing motions associated with aromatic ring flipping.' 
_citation.year                      2022 
_citation.database_id_CSD           ? 
_citation.pdbx_database_id_DOI      10.1038/s41586-022-04417-6 
_citation.pdbx_database_id_PubMed   35173330 
_citation.pdbx_database_id_patent   ? 
_citation.unpublished_flag          ? 
# 
loop_
_citation_author.citation_id 
_citation_author.name 
_citation_author.ordinal 
_citation_author.identifier_ORCID 
primary 'Marino Perez, L.' 1  ? 
primary 'Ielasi, F.S.'     2  ? 
primary 'Bessa, L.M.'      3  ? 
primary 'Maurin, D.'       4  ? 
primary 'Kragelj, J.'      5  ? 
primary 'Blackledge, M.'   6  ? 
primary 'Salvi, N.'        7  ? 
primary 'Bouvignies, G.'   8  ? 
primary 'Palencia, A.'     9  ? 
primary 'Jensen, M.R.'     10 ? 
# 
loop_
_entity.id 
_entity.type 
_entity.src_method 
_entity.pdbx_description 
_entity.formula_weight 
_entity.pdbx_number_of_molecules 
_entity.pdbx_ec 
_entity.pdbx_mutation 
_entity.pdbx_fragment 
_entity.details 
1 polymer     man 'SH3 domain of JNK-interacting Protein 1 (JIP1)'    7459.299 2  3.1.3.36 H493A ? 
'GHM belongs to expression vector pET28a' 
2 branched    man 'alpha-D-glucopyranose-(1-1)-alpha-D-glucopyranose' 342.297  1  ?        ?     ? ? 
3 non-polymer syn 'TETRAETHYLENE GLYCOL'                              194.226  1  ?        ?     ? ? 
4 water       nat water                                               18.015   48 ?        ?     ? ? 
# 
_entity_name_com.entity_id   1 
_entity_name_com.name        
;JIP-1,JNK-interacting protein 1,Islet-brain 1,IB-1,JNK MAP kinase scaffold protein 1,Mitogen-activated protein kinase 8-interacting protein 1,C-Jun-amino-terminal kinase-interacting protein 1
;
# 
_entity_poly.entity_id                      1 
_entity_poly.type                           'polypeptide(L)' 
_entity_poly.nstd_linkage                   no 
_entity_poly.nstd_monomer                   no 
_entity_poly.pdbx_seq_one_letter_code       GHMEQTARAIFRFVPRHEDELELEVDDPLLVELQAEDYWYEAYNMRTGARGVFPAYYAIEVTK 
_entity_poly.pdbx_seq_one_letter_code_can   GHMEQTARAIFRFVPRHEDELELEVDDPLLVELQAEDYWYEAYNMRTGARGVFPAYYAIEVTK 
_entity_poly.pdbx_strand_id                 AAA,BBB 
_entity_poly.pdbx_target_identifier         ? 
# 
loop_
_pdbx_entity_nonpoly.entity_id 
_pdbx_entity_nonpoly.name 
_pdbx_entity_nonpoly.comp_id 
3 'TETRAETHYLENE GLYCOL' PG4 
4 water                  HOH 
# 
loop_
_entity_poly_seq.entity_id 
_entity_poly_seq.num 
_entity_poly_seq.mon_id 
_entity_poly_seq.hetero 
1 1  GLY n 
1 2  HIS n 
1 3  MET n 
1 4  GLU n 
1 5  GLN n 
1 6  THR n 
1 7  ALA n 
1 8  ARG n 
1 9  ALA n 
1 10 ILE n 
1 11 PHE n 
1 12 ARG n 
1 13 PHE n 
1 14 VAL n 
1 15 PRO n 
1 16 ARG n 
1 17 HIS n 
1 18 GLU n 
1 19 ASP n 
1 20 GLU n 
1 21 LEU n 
1 22 GLU n 
1 23 LEU n 
1 24 GLU n 
1 25 VAL n 
1 26 ASP n 
1 27 ASP n 
1 28 PRO n 
1 29 LEU n 
1 30 LEU n 
1 31 VAL n 
1 32 GLU n 
1 33 LEU n 
1 34 GLN n 
1 35 ALA n 
1 36 GLU n 
1 37 ASP n 
1 38 TYR n 
1 39 TRP n 
1 40 TYR n 
1 41 GLU n 
1 42 ALA n 
1 43 TYR n 
1 44 ASN n 
1 45 MET n 
1 46 ARG n 
1 47 THR n 
1 48 GLY n 
1 49 ALA n 
1 50 ARG n 
1 51 GLY n 
1 52 VAL n 
1 53 PHE n 
1 54 PRO n 
1 55 ALA n 
1 56 TYR n 
1 57 TYR n 
1 58 ALA n 
1 59 ILE n 
1 60 GLU n 
1 61 VAL n 
1 62 THR n 
1 63 LYS n 
# 
_entity_src_gen.entity_id                          1 
_entity_src_gen.pdbx_src_id                        1 
_entity_src_gen.pdbx_alt_source_flag               sample 
_entity_src_gen.pdbx_seq_type                      'Biological sequence' 
_entity_src_gen.pdbx_beg_seq_num                   1 
_entity_src_gen.pdbx_end_seq_num                   63 
_entity_src_gen.gene_src_common_name               Human 
_entity_src_gen.gene_src_genus                     ? 
_entity_src_gen.pdbx_gene_src_gene                 'MAPK8IP1, IB1, JIP1, PRKM8IP' 
_entity_src_gen.gene_src_species                   ? 
_entity_src_gen.gene_src_strain                    ? 
_entity_src_gen.gene_src_tissue                    ? 
_entity_src_gen.gene_src_tissue_fraction           ? 
_entity_src_gen.gene_src_details                   ? 
_entity_src_gen.pdbx_gene_src_fragment             ? 
_entity_src_gen.pdbx_gene_src_scientific_name      'Homo sapiens' 
_entity_src_gen.pdbx_gene_src_ncbi_taxonomy_id     9606 
_entity_src_gen.pdbx_gene_src_variant              ? 
_entity_src_gen.pdbx_gene_src_cell_line            ? 
_entity_src_gen.pdbx_gene_src_atcc                 ? 
_entity_src_gen.pdbx_gene_src_organ                ? 
_entity_src_gen.pdbx_gene_src_organelle            ? 
_entity_src_gen.pdbx_gene_src_cell                 ? 
_entity_src_gen.pdbx_gene_src_cellular_location    ? 
_entity_src_gen.host_org_common_name               ? 
_entity_src_gen.pdbx_host_org_scientific_name      'Escherichia coli BL21(DE3)' 
_entity_src_gen.pdbx_host_org_ncbi_taxonomy_id     469008 
_entity_src_gen.host_org_genus                     ? 
_entity_src_gen.pdbx_host_org_gene                 ? 
_entity_src_gen.pdbx_host_org_organ                ? 
_entity_src_gen.host_org_species                   ? 
_entity_src_gen.pdbx_host_org_tissue               ? 
_entity_src_gen.pdbx_host_org_tissue_fraction      ? 
_entity_src_gen.pdbx_host_org_strain               ? 
_entity_src_gen.pdbx_host_org_variant              ? 
_entity_src_gen.pdbx_host_org_cell_line            ? 
_entity_src_gen.pdbx_host_org_atcc                 ? 
_entity_src_gen.pdbx_host_org_culture_collection   ? 
_entity_src_gen.pdbx_host_org_cell                 ? 
_entity_src_gen.pdbx_host_org_organelle            ? 
_entity_src_gen.pdbx_host_org_cellular_location    ? 
_entity_src_gen.pdbx_host_org_vector_type          ? 
_entity_src_gen.pdbx_host_org_vector               ? 
_entity_src_gen.host_org_details                   ? 
_entity_src_gen.expression_system_id               ? 
_entity_src_gen.plasmid_name                       ? 
_entity_src_gen.plasmid_details                    ? 
_entity_src_gen.pdbx_description                   ? 
# 
_pdbx_entity_branch.entity_id   2 
_pdbx_entity_branch.type        oligosaccharide 
# 
loop_
_pdbx_entity_branch_descriptor.ordinal 
_pdbx_entity_branch_descriptor.entity_id 
_pdbx_entity_branch_descriptor.descriptor 
_pdbx_entity_branch_descriptor.type 
_pdbx_entity_branch_descriptor.program 
_pdbx_entity_branch_descriptor.program_version 
1 2 DGlcpa1-1DGlcpa                             'Glycam Condensed Sequence' GMML       1.0   
2 2 'WURCS=2.0/1,2,1/[a2122h-1a_1-5]/1-1/a1-b1' WURCS                       PDB2Glycan 1.1.0 
3 2 '[][a-D-Glcp]{[(1+1)][a-D-Glcp]{}}'         LINUCS                      PDB-CARE   ?     
# 
_pdbx_entity_branch_link.link_id                    1 
_pdbx_entity_branch_link.entity_id                  2 
_pdbx_entity_branch_link.entity_branch_list_num_1   1 
_pdbx_entity_branch_link.comp_id_1                  GLC 
_pdbx_entity_branch_link.atom_id_1                  C1 
_pdbx_entity_branch_link.leaving_atom_id_1          O1 
_pdbx_entity_branch_link.entity_branch_list_num_2   2 
_pdbx_entity_branch_link.comp_id_2                  GLC 
_pdbx_entity_branch_link.atom_id_2                  O1 
_pdbx_entity_branch_link.leaving_atom_id_2          HO1 
_pdbx_entity_branch_link.value_order                sing 
_pdbx_entity_branch_link.details                    ? 
# 
loop_
_chem_comp.id 
_chem_comp.type 
_chem_comp.mon_nstd_flag 
_chem_comp.name 
_chem_comp.pdbx_synonyms 
_chem_comp.formula 
_chem_comp.formula_weight 
ALA 'L-peptide linking'           y ALANINE                ?                                     'C3 H7 N O2'     89.093  
ARG 'L-peptide linking'           y ARGININE               ?                                     'C6 H15 N4 O2 1' 175.209 
ASN 'L-peptide linking'           y ASPARAGINE             ?                                     'C4 H8 N2 O3'    132.118 
ASP 'L-peptide linking'           y 'ASPARTIC ACID'        ?                                     'C4 H7 N O4'     133.103 
GLC 'D-saccharide, alpha linking' . alpha-D-glucopyranose  'alpha-D-glucose; D-glucose; glucose' 'C6 H12 O6'      180.156 
GLN 'L-peptide linking'           y GLUTAMINE              ?                                     'C5 H10 N2 O3'   146.144 
GLU 'L-peptide linking'           y 'GLUTAMIC ACID'        ?                                     'C5 H9 N O4'     147.129 
GLY 'peptide linking'             y GLYCINE                ?                                     'C2 H5 N O2'     75.067  
HIS 'L-peptide linking'           y HISTIDINE              ?                                     'C6 H10 N3 O2 1' 156.162 
HOH non-polymer                   . WATER                  ?                                     'H2 O'           18.015  
ILE 'L-peptide linking'           y ISOLEUCINE             ?                                     'C6 H13 N O2'    131.173 
LEU 'L-peptide linking'           y LEUCINE                ?                                     'C6 H13 N O2'    131.173 
LYS 'L-peptide linking'           y LYSINE                 ?                                     'C6 H15 N2 O2 1' 147.195 
MET 'L-peptide linking'           y METHIONINE             ?                                     'C5 H11 N O2 S'  149.211 
PG4 non-polymer                   . 'TETRAETHYLENE GLYCOL' ?                                     'C8 H18 O5'      194.226 
PHE 'L-peptide linking'           y PHENYLALANINE          ?                                     'C9 H11 N O2'    165.189 
PRO 'L-peptide linking'           y PROLINE                ?                                     'C5 H9 N O2'     115.130 
THR 'L-peptide linking'           y THREONINE              ?                                     'C4 H9 N O3'     119.119 
TRP 'L-peptide linking'           y TRYPTOPHAN             ?                                     'C11 H12 N2 O2'  204.225 
TYR 'L-peptide linking'           y TYROSINE               ?                                     'C9 H11 N O3'    181.189 
VAL 'L-peptide linking'           y VALINE                 ?                                     'C5 H11 N O2'    117.146 
# 
loop_
_pdbx_chem_comp_identifier.comp_id 
_pdbx_chem_comp_identifier.type 
_pdbx_chem_comp_identifier.program 
_pdbx_chem_comp_identifier.program_version 
_pdbx_chem_comp_identifier.identifier 
GLC 'CONDENSED IUPAC CARBOHYDRATE SYMBOL' GMML     1.0 DGlcpa            
GLC 'COMMON NAME'                         GMML     1.0 a-D-glucopyranose 
GLC 'IUPAC CARBOHYDRATE SYMBOL'           PDB-CARE 1.0 a-D-Glcp          
GLC 'SNFG CARBOHYDRATE SYMBOL'            GMML     1.0 Glc               
# 
loop_
_pdbx_poly_seq_scheme.asym_id 
_pdbx_poly_seq_scheme.entity_id 
_pdbx_poly_seq_scheme.seq_id 
_pdbx_poly_seq_scheme.mon_id 
_pdbx_poly_seq_scheme.ndb_seq_num 
_pdbx_poly_seq_scheme.pdb_seq_num 
_pdbx_poly_seq_scheme.auth_seq_num 
_pdbx_poly_seq_scheme.pdb_mon_id 
_pdbx_poly_seq_scheme.auth_mon_id 
_pdbx_poly_seq_scheme.pdb_strand_id 
_pdbx_poly_seq_scheme.pdb_ins_code 
_pdbx_poly_seq_scheme.hetero 
A 1 1  GLY 1  487 ?   ?   ?   AAA . n 
A 1 2  HIS 2  488 ?   ?   ?   AAA . n 
A 1 3  MET 3  489 ?   ?   ?   AAA . n 
A 1 4  GLU 4  490 ?   ?   ?   AAA . n 
A 1 5  GLN 5  491 491 GLN GLN AAA . n 
A 1 6  THR 6  492 492 THR THR AAA . n 
A 1 7  ALA 7  493 493 ALA ALA AAA . n 
A 1 8  ARG 8  494 494 ARG ARG AAA . n 
A 1 9  ALA 9  495 495 ALA ALA AAA . n 
A 1 10 ILE 10 496 496 ILE ILE AAA . n 
A 1 11 PHE 11 497 497 PHE PHE AAA . n 
A 1 12 ARG 12 498 498 ARG ARG AAA . n 
A 1 13 PHE 13 499 499 PHE PHE AAA . n 
A 1 14 VAL 14 500 500 VAL VAL AAA . n 
A 1 15 PRO 15 501 501 PRO PRO AAA . n 
A 1 16 ARG 16 502 502 ARG ARG AAA . n 
A 1 17 HIS 17 503 503 HIS HIS AAA . n 
A 1 18 GLU 18 504 504 GLU GLU AAA . n 
A 1 19 ASP 19 505 505 ASP ASP AAA . n 
A 1 20 GLU 20 506 506 GLU GLU AAA . n 
A 1 21 LEU 21 507 507 LEU LEU AAA . n 
A 1 22 GLU 22 508 508 GLU GLU AAA . n 
A 1 23 LEU 23 509 509 LEU LEU AAA . n 
A 1 24 GLU 24 510 510 GLU GLU AAA . n 
A 1 25 VAL 25 511 511 VAL VAL AAA . n 
A 1 26 ASP 26 512 512 ASP ASP AAA . n 
A 1 27 ASP 27 513 513 ASP ASP AAA . n 
A 1 28 PRO 28 514 514 PRO PRO AAA . n 
A 1 29 LEU 29 515 515 LEU LEU AAA . n 
A 1 30 LEU 30 516 516 LEU LEU AAA . n 
A 1 31 VAL 31 517 517 VAL VAL AAA . n 
A 1 32 GLU 32 518 518 GLU GLU AAA . n 
A 1 33 LEU 33 519 519 LEU LEU AAA . n 
A 1 34 GLN 34 520 520 GLN GLN AAA . n 
A 1 35 ALA 35 521 521 ALA ALA AAA . n 
A 1 36 GLU 36 522 522 GLU GLU AAA . n 
A 1 37 ASP 37 523 523 ASP ASP AAA . n 
A 1 38 TYR 38 524 524 TYR TYR AAA . n 
A 1 39 TRP 39 525 525 TRP TRP AAA . n 
A 1 40 TYR 40 526 526 TYR TYR AAA . n 
A 1 41 GLU 41 527 527 GLU GLU AAA . n 
A 1 42 ALA 42 528 528 ALA ALA AAA . n 
A 1 43 TYR 43 529 529 TYR TYR AAA . n 
A 1 44 ASN 44 530 530 ASN ASN AAA . n 
A 1 45 MET 45 531 531 MET MET AAA . n 
A 1 46 ARG 46 532 532 ARG ARG AAA . n 
A 1 47 THR 47 533 533 THR THR AAA . n 
A 1 48 GLY 48 534 534 GLY GLY AAA . n 
A 1 49 ALA 49 535 535 ALA ALA AAA . n 
A 1 50 ARG 50 536 536 ARG ARG AAA . n 
A 1 51 GLY 51 537 537 GLY GLY AAA . n 
A 1 52 VAL 52 538 538 VAL VAL AAA . n 
A 1 53 PHE 53 539 539 PHE PHE AAA . n 
A 1 54 PRO 54 540 540 PRO PRO AAA . n 
A 1 55 ALA 55 541 541 ALA ALA AAA . n 
A 1 56 TYR 56 542 542 TYR TYR AAA . n 
A 1 57 TYR 57 543 543 TYR TYR AAA . n 
A 1 58 ALA 58 544 544 ALA ALA AAA . n 
A 1 59 ILE 59 545 545 ILE ILE AAA . n 
A 1 60 GLU 60 546 546 GLU GLU AAA . n 
A 1 61 VAL 61 547 547 VAL VAL AAA . n 
A 1 62 THR 62 548 548 THR THR AAA . n 
A 1 63 LYS 63 549 ?   ?   ?   AAA . n 
B 1 1  GLY 1  487 487 GLY GLY BBB . n 
B 1 2  HIS 2  488 488 HIS HIS BBB . n 
B 1 3  MET 3  489 489 MET MET BBB . n 
B 1 4  GLU 4  490 490 GLU GLU BBB . n 
B 1 5  GLN 5  491 491 GLN GLN BBB . n 
B 1 6  THR 6  492 492 THR THR BBB . n 
B 1 7  ALA 7  493 493 ALA ALA BBB . n 
B 1 8  ARG 8  494 494 ARG ARG BBB . n 
B 1 9  ALA 9  495 495 ALA ALA BBB . n 
B 1 10 ILE 10 496 496 ILE ILE BBB . n 
B 1 11 PHE 11 497 497 PHE PHE BBB . n 
B 1 12 ARG 12 498 498 ARG ARG BBB . n 
B 1 13 PHE 13 499 499 PHE PHE BBB . n 
B 1 14 VAL 14 500 500 VAL VAL BBB . n 
B 1 15 PRO 15 501 501 PRO PRO BBB . n 
B 1 16 ARG 16 502 502 ARG ARG BBB . n 
B 1 17 HIS 17 503 503 HIS HIS BBB . n 
B 1 18 GLU 18 504 504 GLU GLU BBB . n 
B 1 19 ASP 19 505 505 ASP ASP BBB . n 
B 1 20 GLU 20 506 506 GLU GLU BBB . n 
B 1 21 LEU 21 507 507 LEU LEU BBB . n 
B 1 22 GLU 22 508 508 GLU GLU BBB . n 
B 1 23 LEU 23 509 509 LEU LEU BBB . n 
B 1 24 GLU 24 510 510 GLU GLU BBB . n 
B 1 25 VAL 25 511 511 VAL VAL BBB . n 
B 1 26 ASP 26 512 512 ASP ASP BBB . n 
B 1 27 ASP 27 513 513 ASP ASP BBB . n 
B 1 28 PRO 28 514 514 PRO PRO BBB . n 
B 1 29 LEU 29 515 515 LEU LEU BBB . n 
B 1 30 LEU 30 516 516 LEU LEU BBB . n 
B 1 31 VAL 31 517 517 VAL VAL BBB . n 
B 1 32 GLU 32 518 518 GLU GLU BBB . n 
B 1 33 LEU 33 519 519 LEU LEU BBB . n 
B 1 34 GLN 34 520 520 GLN GLN BBB . n 
B 1 35 ALA 35 521 521 ALA ALA BBB . n 
B 1 36 GLU 36 522 522 GLU GLU BBB . n 
B 1 37 ASP 37 523 523 ASP ASP BBB . n 
B 1 38 TYR 38 524 524 TYR TYR BBB . n 
B 1 39 TRP 39 525 525 TRP TRP BBB . n 
B 1 40 TYR 40 526 526 TYR TYR BBB . n 
B 1 41 GLU 41 527 527 GLU GLU BBB . n 
B 1 42 ALA 42 528 528 ALA ALA BBB . n 
B 1 43 TYR 43 529 529 TYR TYR BBB . n 
B 1 44 ASN 44 530 530 ASN ASN BBB . n 
B 1 45 MET 45 531 531 MET MET BBB . n 
B 1 46 ARG 46 532 532 ARG ARG BBB . n 
B 1 47 THR 47 533 533 THR THR BBB . n 
B 1 48 GLY 48 534 534 GLY GLY BBB . n 
B 1 49 ALA 49 535 535 ALA ALA BBB . n 
B 1 50 ARG 50 536 536 ARG ARG BBB . n 
B 1 51 GLY 51 537 537 GLY GLY BBB . n 
B 1 52 VAL 52 538 538 VAL VAL BBB . n 
B 1 53 PHE 53 539 539 PHE PHE BBB . n 
B 1 54 PRO 54 540 540 PRO PRO BBB . n 
B 1 55 ALA 55 541 541 ALA ALA BBB . n 
B 1 56 TYR 56 542 542 TYR TYR BBB . n 
B 1 57 TYR 57 543 543 TYR TYR BBB . n 
B 1 58 ALA 58 544 544 ALA ALA BBB . n 
B 1 59 ILE 59 545 545 ILE ILE BBB . n 
B 1 60 GLU 60 546 546 GLU GLU BBB . n 
B 1 61 VAL 61 547 547 VAL VAL BBB . n 
B 1 62 THR 62 548 548 THR THR BBB . n 
B 1 63 LYS 63 549 ?   ?   ?   BBB . n 
# 
loop_
_pdbx_branch_scheme.asym_id 
_pdbx_branch_scheme.entity_id 
_pdbx_branch_scheme.mon_id 
_pdbx_branch_scheme.num 
_pdbx_branch_scheme.pdb_asym_id 
_pdbx_branch_scheme.pdb_mon_id 
_pdbx_branch_scheme.pdb_seq_num 
_pdbx_branch_scheme.auth_asym_id 
_pdbx_branch_scheme.auth_mon_id 
_pdbx_branch_scheme.auth_seq_num 
_pdbx_branch_scheme.hetero 
C 2 GLC 1 C GLC 1 CCC TRE 1 n 
C 2 GLC 2 C GLC 2 CCC TRE 1 n 
# 
loop_
_pdbx_nonpoly_scheme.asym_id 
_pdbx_nonpoly_scheme.entity_id 
_pdbx_nonpoly_scheme.mon_id 
_pdbx_nonpoly_scheme.ndb_seq_num 
_pdbx_nonpoly_scheme.pdb_seq_num 
_pdbx_nonpoly_scheme.auth_seq_num 
_pdbx_nonpoly_scheme.pdb_mon_id 
_pdbx_nonpoly_scheme.auth_mon_id 
_pdbx_nonpoly_scheme.pdb_strand_id 
_pdbx_nonpoly_scheme.pdb_ins_code 
D 3 PG4 1  601 1  PG4 PG4 AAA . 
E 4 HOH 1  701 43 HOH HOH AAA . 
E 4 HOH 2  702 47 HOH HOH AAA . 
E 4 HOH 3  703 42 HOH HOH AAA . 
E 4 HOH 4  704 32 HOH HOH AAA . 
E 4 HOH 5  705 44 HOH HOH AAA . 
E 4 HOH 6  706 11 HOH HOH AAA . 
E 4 HOH 7  707 30 HOH HOH AAA . 
E 4 HOH 8  708 5  HOH HOH AAA . 
E 4 HOH 9  709 8  HOH HOH AAA . 
E 4 HOH 10 710 36 HOH HOH AAA . 
E 4 HOH 11 711 33 HOH HOH AAA . 
E 4 HOH 12 712 31 HOH HOH AAA . 
E 4 HOH 13 713 2  HOH HOH AAA . 
E 4 HOH 14 714 24 HOH HOH AAA . 
E 4 HOH 15 715 23 HOH HOH AAA . 
E 4 HOH 16 716 46 HOH HOH AAA . 
E 4 HOH 17 717 37 HOH HOH AAA . 
E 4 HOH 18 718 13 HOH HOH AAA . 
E 4 HOH 19 719 41 HOH HOH AAA . 
E 4 HOH 20 720 48 HOH HOH AAA . 
E 4 HOH 21 721 34 HOH HOH AAA . 
E 4 HOH 22 722 40 HOH HOH AAA . 
E 4 HOH 23 723 29 HOH HOH AAA . 
E 4 HOH 24 724 45 HOH HOH AAA . 
E 4 HOH 25 725 39 HOH HOH AAA . 
E 4 HOH 26 726 38 HOH HOH AAA . 
F 4 HOH 1  601 25 HOH HOH BBB . 
F 4 HOH 2  602 9  HOH HOH BBB . 
F 4 HOH 3  603 22 HOH HOH BBB . 
F 4 HOH 4  604 16 HOH HOH BBB . 
F 4 HOH 5  605 12 HOH HOH BBB . 
F 4 HOH 6  606 15 HOH HOH BBB . 
F 4 HOH 7  607 26 HOH HOH BBB . 
F 4 HOH 8  608 3  HOH HOH BBB . 
F 4 HOH 9  609 6  HOH HOH BBB . 
F 4 HOH 10 610 4  HOH HOH BBB . 
F 4 HOH 11 611 10 HOH HOH BBB . 
F 4 HOH 12 612 19 HOH HOH BBB . 
F 4 HOH 13 613 1  HOH HOH BBB . 
F 4 HOH 14 614 18 HOH HOH BBB . 
F 4 HOH 15 615 7  HOH HOH BBB . 
F 4 HOH 16 616 17 HOH HOH BBB . 
F 4 HOH 17 617 14 HOH HOH BBB . 
F 4 HOH 18 618 27 HOH HOH BBB . 
F 4 HOH 19 619 35 HOH HOH BBB . 
F 4 HOH 20 620 28 HOH HOH BBB . 
F 4 HOH 21 621 20 HOH HOH BBB . 
F 4 HOH 22 622 21 HOH HOH BBB . 
# 
loop_
_software.citation_id 
_software.classification 
_software.compiler_name 
_software.compiler_version 
_software.contact_author 
_software.contact_author_email 
_software.date 
_software.description 
_software.dependencies 
_software.hardware 
_software.language 
_software.location 
_software.mods 
_software.name 
_software.os 
_software.os_version 
_software.type 
_software.version 
_software.pdbx_ordinal 
? refinement       ? ? ? ? ? ? ? ? ? ? ? REFMAC ? ? ? 7.0.078 1 
? 'data reduction' ? ? ? ? ? ? ? ? ? ? ? XDS    ? ? ? .       2 
? 'data scaling'   ? ? ? ? ? ? ? ? ? ? ? XSCALE ? ? ? .       3 
? phasing          ? ? ? ? ? ? ? ? ? ? ? PHASER ? ? ? .       4 
# 
_cell.angle_alpha                  90.000 
_cell.angle_alpha_esd              ? 
_cell.angle_beta                   104.274 
_cell.angle_beta_esd               ? 
_cell.angle_gamma                  90.000 
_cell.angle_gamma_esd              ? 
_cell.entry_id                     7NYL 
_cell.details                      ? 
_cell.formula_units_Z              ? 
_cell.length_a                     28.055 
_cell.length_a_esd                 ? 
_cell.length_b                     45.551 
_cell.length_b_esd                 ? 
_cell.length_c                     46.006 
_cell.length_c_esd                 ? 
_cell.volume                       ? 
_cell.volume_esd                   ? 
_cell.Z_PDB                        4 
_cell.reciprocal_angle_alpha       ? 
_cell.reciprocal_angle_beta        ? 
_cell.reciprocal_angle_gamma       ? 
_cell.reciprocal_angle_alpha_esd   ? 
_cell.reciprocal_angle_beta_esd    ? 
_cell.reciprocal_angle_gamma_esd   ? 
_cell.reciprocal_length_a          ? 
_cell.reciprocal_length_b          ? 
_cell.reciprocal_length_c          ? 
_cell.reciprocal_length_a_esd      ? 
_cell.reciprocal_length_b_esd      ? 
_cell.reciprocal_length_c_esd      ? 
_cell.pdbx_unique_axis             ? 
# 
_symmetry.entry_id                         7NYL 
_symmetry.cell_setting                     ? 
_symmetry.Int_Tables_number                4 
_symmetry.space_group_name_Hall            ? 
_symmetry.space_group_name_H-M             'P 1 21 1' 
_symmetry.pdbx_full_space_group_name_H-M   ? 
# 
_exptl.absorpt_coefficient_mu     ? 
_exptl.absorpt_correction_T_max   ? 
_exptl.absorpt_correction_T_min   ? 
_exptl.absorpt_correction_type    ? 
_exptl.absorpt_process_details    ? 
_exptl.entry_id                   7NYL 
_exptl.crystals_number            1 
_exptl.details                    ? 
_exptl.method                     'X-RAY DIFFRACTION' 
_exptl.method_details             ? 
# 
_exptl_crystal.colour                      ? 
_exptl_crystal.density_diffrn              ? 
_exptl_crystal.density_Matthews            1.9 
_exptl_crystal.density_method              ? 
_exptl_crystal.density_percent_sol         36.1 
_exptl_crystal.description                 neddles 
_exptl_crystal.F_000                       ? 
_exptl_crystal.id                          1 
_exptl_crystal.preparation                 ? 
_exptl_crystal.size_max                    ? 
_exptl_crystal.size_mid                    ? 
_exptl_crystal.size_min                    ? 
_exptl_crystal.size_rad                    ? 
_exptl_crystal.colour_lustre               ? 
_exptl_crystal.colour_modifier             ? 
_exptl_crystal.colour_primary              ? 
_exptl_crystal.density_meas                ? 
_exptl_crystal.density_meas_esd            ? 
_exptl_crystal.density_meas_gt             ? 
_exptl_crystal.density_meas_lt             ? 
_exptl_crystal.density_meas_temp           ? 
_exptl_crystal.density_meas_temp_esd       ? 
_exptl_crystal.density_meas_temp_gt        ? 
_exptl_crystal.density_meas_temp_lt        ? 
_exptl_crystal.pdbx_crystal_image_url      ? 
_exptl_crystal.pdbx_crystal_image_format   ? 
_exptl_crystal.pdbx_mosaicity              ? 
_exptl_crystal.pdbx_mosaicity_esd          ? 
# 
_exptl_crystal_grow.apparatus       ? 
_exptl_crystal_grow.atmosphere      ? 
_exptl_crystal_grow.crystal_id      1 
_exptl_crystal_grow.details         ? 
_exptl_crystal_grow.method          'VAPOR DIFFUSION' 
_exptl_crystal_grow.method_ref      ? 
_exptl_crystal_grow.pH              7.5 
_exptl_crystal_grow.pressure        ? 
_exptl_crystal_grow.pressure_esd    ? 
_exptl_crystal_grow.seeding         ? 
_exptl_crystal_grow.seeding_ref     ? 
_exptl_crystal_grow.temp            293 
_exptl_crystal_grow.temp_details    ? 
_exptl_crystal_grow.temp_esd        ? 
_exptl_crystal_grow.time            ? 
_exptl_crystal_grow.pdbx_details    '0.1 M HEPES pH 7.5, 1-5% PEG 400, 2-2.5 M Ammonium sulfate' 
_exptl_crystal_grow.pdbx_pH_range   ? 
# 
_diffrn.ambient_environment              ? 
_diffrn.ambient_temp                     100 
_diffrn.ambient_temp_details             ? 
_diffrn.ambient_temp_esd                 ? 
_diffrn.crystal_id                       1 
_diffrn.crystal_support                  ? 
_diffrn.crystal_treatment                ? 
_diffrn.details                          ? 
_diffrn.id                               1 
_diffrn.ambient_pressure                 ? 
_diffrn.ambient_pressure_esd             ? 
_diffrn.ambient_pressure_gt              ? 
_diffrn.ambient_pressure_lt              ? 
_diffrn.ambient_temp_gt                  ? 
_diffrn.ambient_temp_lt                  ? 
_diffrn.pdbx_serial_crystal_experiment   N 
# 
_diffrn_detector.details                      ? 
_diffrn_detector.detector                     PIXEL 
_diffrn_detector.diffrn_id                    1 
_diffrn_detector.type                         'DECTRIS PILATUS 6M' 
_diffrn_detector.area_resol_mean              ? 
_diffrn_detector.dtime                        ? 
_diffrn_detector.pdbx_frames_total            ? 
_diffrn_detector.pdbx_collection_time_total   ? 
_diffrn_detector.pdbx_collection_date         2020-11-20 
_diffrn_detector.pdbx_frequency               ? 
# 
_diffrn_radiation.collimation                      ? 
_diffrn_radiation.diffrn_id                        1 
_diffrn_radiation.filter_edge                      ? 
_diffrn_radiation.inhomogeneity                    ? 
_diffrn_radiation.monochromator                    'Silicon crystal' 
_diffrn_radiation.polarisn_norm                    ? 
_diffrn_radiation.polarisn_ratio                   ? 
_diffrn_radiation.probe                            ? 
_diffrn_radiation.type                             ? 
_diffrn_radiation.xray_symbol                      ? 
_diffrn_radiation.wavelength_id                    1 
_diffrn_radiation.pdbx_monochromatic_or_laue_m_l   M 
_diffrn_radiation.pdbx_wavelength_list             ? 
_diffrn_radiation.pdbx_wavelength                  ? 
_diffrn_radiation.pdbx_diffrn_protocol             'SINGLE WAVELENGTH' 
_diffrn_radiation.pdbx_analyzer                    ? 
_diffrn_radiation.pdbx_scattering_type             x-ray 
# 
_diffrn_radiation_wavelength.id           1 
_diffrn_radiation_wavelength.wavelength   0.9763 
_diffrn_radiation_wavelength.wt           1.0 
# 
_diffrn_source.current                     ? 
_diffrn_source.details                     ? 
_diffrn_source.diffrn_id                   1 
_diffrn_source.power                       ? 
_diffrn_source.size                        ? 
_diffrn_source.source                      SYNCHROTRON 
_diffrn_source.target                      ? 
_diffrn_source.type                        'ESRF BEAMLINE ID23-1' 
_diffrn_source.voltage                     ? 
_diffrn_source.take-off_angle              ? 
_diffrn_source.pdbx_wavelength_list        0.9763 
_diffrn_source.pdbx_wavelength             ? 
_diffrn_source.pdbx_synchrotron_beamline   ID23-1 
_diffrn_source.pdbx_synchrotron_site       ESRF 
# 
_reflns.B_iso_Wilson_estimate            ? 
_reflns.entry_id                         7NYL 
_reflns.data_reduction_details           ? 
_reflns.data_reduction_method            ? 
_reflns.d_resolution_high                1.93 
_reflns.d_resolution_low                 45.55 
_reflns.details                          ? 
_reflns.limit_h_max                      ? 
_reflns.limit_h_min                      ? 
_reflns.limit_k_max                      ? 
_reflns.limit_k_min                      ? 
_reflns.limit_l_max                      ? 
_reflns.limit_l_min                      ? 
_reflns.number_all                       ? 
_reflns.number_obs                       8443 
_reflns.observed_criterion               ? 
_reflns.observed_criterion_F_max         ? 
_reflns.observed_criterion_F_min         ? 
_reflns.observed_criterion_I_max         ? 
_reflns.observed_criterion_I_min         ? 
_reflns.observed_criterion_sigma_F       ? 
_reflns.observed_criterion_sigma_I       1 
_reflns.percent_possible_obs             96.3 
_reflns.R_free_details                   ? 
_reflns.Rmerge_F_all                     ? 
_reflns.Rmerge_F_obs                     ? 
_reflns.Friedel_coverage                 ? 
_reflns.number_gt                        ? 
_reflns.threshold_expression             ? 
_reflns.pdbx_redundancy                  8.4 
_reflns.pdbx_Rmerge_I_obs                ? 
_reflns.pdbx_Rmerge_I_all                ? 
_reflns.pdbx_Rsym_value                  ? 
_reflns.pdbx_netI_over_av_sigmaI         ? 
_reflns.pdbx_netI_over_sigmaI            6.9 
_reflns.pdbx_res_netI_over_av_sigmaI_2   ? 
_reflns.pdbx_res_netI_over_sigmaI_2      ? 
_reflns.pdbx_chi_squared                 ? 
_reflns.pdbx_scaling_rejects             ? 
_reflns.pdbx_d_res_high_opt              ? 
_reflns.pdbx_d_res_low_opt               ? 
_reflns.pdbx_d_res_opt_method            ? 
_reflns.phase_calculation_details        ? 
_reflns.pdbx_Rrim_I_all                  ? 
_reflns.pdbx_Rpim_I_all                  ? 
_reflns.pdbx_d_opt                       ? 
_reflns.pdbx_number_measured_all         ? 
_reflns.pdbx_diffrn_id                   1 
_reflns.pdbx_ordinal                     1 
_reflns.pdbx_CC_half                     0.99 
_reflns.pdbx_CC_star                     ? 
_reflns.pdbx_R_split                     ? 
# 
_reflns_shell.d_res_high                  1.93 
_reflns_shell.d_res_low                   2.03 
_reflns_shell.meanI_over_sigI_all         ? 
_reflns_shell.meanI_over_sigI_obs         1.18 
_reflns_shell.number_measured_all         ? 
_reflns_shell.number_measured_obs         ? 
_reflns_shell.number_possible             ? 
_reflns_shell.number_unique_all           ? 
_reflns_shell.number_unique_obs           1083 
_reflns_shell.percent_possible_all        77.9 
_reflns_shell.percent_possible_obs        ? 
_reflns_shell.Rmerge_F_all                ? 
_reflns_shell.Rmerge_F_obs                ? 
_reflns_shell.Rmerge_I_all                ? 
_reflns_shell.Rmerge_I_obs                ? 
_reflns_shell.meanI_over_sigI_gt          ? 
_reflns_shell.meanI_over_uI_all           ? 
_reflns_shell.meanI_over_uI_gt            ? 
_reflns_shell.number_measured_gt          ? 
_reflns_shell.number_unique_gt            ? 
_reflns_shell.percent_possible_gt         ? 
_reflns_shell.Rmerge_F_gt                 ? 
_reflns_shell.Rmerge_I_gt                 ? 
_reflns_shell.pdbx_redundancy             ? 
_reflns_shell.pdbx_Rsym_value             ? 
_reflns_shell.pdbx_chi_squared            ? 
_reflns_shell.pdbx_netI_over_sigmaI_all   ? 
_reflns_shell.pdbx_netI_over_sigmaI_obs   ? 
_reflns_shell.pdbx_Rrim_I_all             ? 
_reflns_shell.pdbx_Rpim_I_all             ? 
_reflns_shell.pdbx_rejects                ? 
_reflns_shell.pdbx_ordinal                1 
_reflns_shell.pdbx_diffrn_id              1 
_reflns_shell.pdbx_CC_half                0.66 
_reflns_shell.pdbx_CC_star                ? 
_reflns_shell.pdbx_R_split                ? 
# 
_refine.aniso_B[1][1]                            4.371 
_refine.aniso_B[1][2]                            0.000 
_refine.aniso_B[1][3]                            -3.490 
_refine.aniso_B[2][2]                            -1.512 
_refine.aniso_B[2][3]                            0.000 
_refine.aniso_B[3][3]                            -0.958 
_refine.B_iso_max                                ? 
_refine.B_iso_mean                               31.846 
_refine.B_iso_min                                ? 
_refine.correlation_coeff_Fo_to_Fc               0.961 
_refine.correlation_coeff_Fo_to_Fc_free          0.949 
_refine.details                                  'Hydrogens have been added in their riding positions' 
_refine.diff_density_max                         ? 
_refine.diff_density_max_esd                     ? 
_refine.diff_density_min                         ? 
_refine.diff_density_min_esd                     ? 
_refine.diff_density_rms                         ? 
_refine.diff_density_rms_esd                     ? 
_refine.entry_id                                 7NYL 
_refine.pdbx_refine_id                           'X-RAY DIFFRACTION' 
_refine.ls_abs_structure_details                 ? 
_refine.ls_abs_structure_Flack                   ? 
_refine.ls_abs_structure_Flack_esd               ? 
_refine.ls_abs_structure_Rogers                  ? 
_refine.ls_abs_structure_Rogers_esd              ? 
_refine.ls_d_res_high                            1.950 
_refine.ls_d_res_low                             44.586 
_refine.ls_extinction_coef                       ? 
_refine.ls_extinction_coef_esd                   ? 
_refine.ls_extinction_expression                 ? 
_refine.ls_extinction_method                     ? 
_refine.ls_goodness_of_fit_all                   ? 
_refine.ls_goodness_of_fit_all_esd               ? 
_refine.ls_goodness_of_fit_obs                   ? 
_refine.ls_goodness_of_fit_obs_esd               ? 
_refine.ls_hydrogen_treatment                    ? 
_refine.ls_matrix_type                           ? 
_refine.ls_number_constraints                    ? 
_refine.ls_number_parameters                     ? 
_refine.ls_number_reflns_all                     ? 
_refine.ls_number_reflns_obs                     8311 
_refine.ls_number_reflns_R_free                  403 
_refine.ls_number_reflns_R_work                  7908 
_refine.ls_number_restraints                     ? 
_refine.ls_percent_reflns_obs                    99.844 
_refine.ls_percent_reflns_R_free                 4.849 
_refine.ls_R_factor_all                          0.207 
_refine.ls_R_factor_obs                          ? 
_refine.ls_R_factor_R_free                       0.2545 
_refine.ls_R_factor_R_free_error                 ? 
_refine.ls_R_factor_R_free_error_details         ? 
_refine.ls_R_factor_R_work                       0.2049 
_refine.ls_R_Fsqd_factor_obs                     ? 
_refine.ls_R_I_factor_obs                        ? 
_refine.ls_redundancy_reflns_all                 ? 
_refine.ls_redundancy_reflns_obs                 ? 
_refine.ls_restrained_S_all                      ? 
_refine.ls_restrained_S_obs                      ? 
_refine.ls_shift_over_esd_max                    ? 
_refine.ls_shift_over_esd_mean                   ? 
_refine.ls_structure_factor_coef                 ? 
_refine.ls_weighting_details                     ? 
_refine.ls_weighting_scheme                      ? 
_refine.ls_wR_factor_all                         ? 
_refine.ls_wR_factor_obs                         ? 
_refine.ls_wR_factor_R_free                      ? 
_refine.ls_wR_factor_R_work                      ? 
_refine.occupancy_max                            ? 
_refine.occupancy_min                            ? 
_refine.solvent_model_details                    'MASK BULK SOLVENT' 
_refine.solvent_model_param_bsol                 ? 
_refine.solvent_model_param_ksol                 ? 
_refine.pdbx_R_complete                          ? 
_refine.ls_R_factor_gt                           ? 
_refine.ls_goodness_of_fit_gt                    ? 
_refine.ls_goodness_of_fit_ref                   ? 
_refine.ls_shift_over_su_max                     ? 
_refine.ls_shift_over_su_max_lt                  ? 
_refine.ls_shift_over_su_mean                    ? 
_refine.ls_shift_over_su_mean_lt                 ? 
_refine.pdbx_ls_sigma_I                          ? 
_refine.pdbx_ls_sigma_F                          ? 
_refine.pdbx_ls_sigma_Fsqd                       ? 
_refine.pdbx_data_cutoff_high_absF               ? 
_refine.pdbx_data_cutoff_high_rms_absF           ? 
_refine.pdbx_data_cutoff_low_absF                ? 
_refine.pdbx_isotropic_thermal_model             ? 
_refine.pdbx_ls_cross_valid_method               'FREE R-VALUE' 
_refine.pdbx_method_to_determine_struct          'MOLECULAR REPLACEMENT' 
_refine.pdbx_starting_model                      7NYK 
_refine.pdbx_stereochemistry_target_values       ? 
_refine.pdbx_R_Free_selection_details            ? 
_refine.pdbx_stereochem_target_val_spec_case     ? 
_refine.pdbx_overall_ESU_R                       0.225 
_refine.pdbx_overall_ESU_R_Free                  0.187 
_refine.pdbx_solvent_vdw_probe_radii             1.200 
_refine.pdbx_solvent_ion_probe_radii             0.800 
_refine.pdbx_solvent_shrinkage_radii             0.800 
_refine.pdbx_real_space_R                        ? 
_refine.pdbx_density_correlation                 ? 
_refine.pdbx_pd_number_of_powder_patterns        ? 
_refine.pdbx_pd_number_of_points                 ? 
_refine.pdbx_pd_meas_number_of_points            ? 
_refine.pdbx_pd_proc_ls_prof_R_factor            ? 
_refine.pdbx_pd_proc_ls_prof_wR_factor           ? 
_refine.pdbx_pd_Marquardt_correlation_coeff      ? 
_refine.pdbx_pd_Fsqrd_R_factor                   ? 
_refine.pdbx_pd_ls_matrix_band_width             ? 
_refine.pdbx_overall_phase_error                 ? 
_refine.pdbx_overall_SU_R_free_Cruickshank_DPI   ? 
_refine.pdbx_overall_SU_R_free_Blow_DPI          ? 
_refine.pdbx_overall_SU_R_Blow_DPI               ? 
_refine.pdbx_TLS_residual_ADP_flag               ? 
_refine.pdbx_diffrn_id                           1 
_refine.overall_SU_B                             10.216 
_refine.overall_SU_ML                            0.249 
_refine.overall_SU_R_Cruickshank_DPI             ? 
_refine.overall_SU_R_free                        ? 
_refine.overall_FOM_free_R_set                   ? 
_refine.overall_FOM_work_R_set                   ? 
_refine.pdbx_average_fsc_overall                 ? 
_refine.pdbx_average_fsc_work                    ? 
_refine.pdbx_average_fsc_free                    ? 
# 
_refine_hist.pdbx_refine_id                   'X-RAY DIFFRACTION' 
_refine_hist.cycle_id                         LAST 
_refine_hist.pdbx_number_atoms_protein        1003 
_refine_hist.pdbx_number_atoms_nucleic_acid   0 
_refine_hist.pdbx_number_atoms_ligand         36 
_refine_hist.number_atoms_solvent             48 
_refine_hist.number_atoms_total               1087 
_refine_hist.d_res_high                       1.950 
_refine_hist.d_res_low                        44.586 
# 
loop_
_refine_ls_restr.pdbx_refine_id 
_refine_ls_restr.criterion 
_refine_ls_restr.dev_ideal 
_refine_ls_restr.dev_ideal_target 
_refine_ls_restr.number 
_refine_ls_restr.rejects 
_refine_ls_restr.type 
_refine_ls_restr.weight 
_refine_ls_restr.pdbx_restraint_function 
'X-RAY DIFFRACTION' ? 0.010  0.013  1066 ? r_bond_refined_d               ? ? 
'X-RAY DIFFRACTION' ? 0.001  0.017  937  ? r_bond_other_d                 ? ? 
'X-RAY DIFFRACTION' ? 1.673  1.691  1448 ? r_angle_refined_deg            ? ? 
'X-RAY DIFFRACTION' ? 1.233  1.596  2164 ? r_angle_other_deg              ? ? 
'X-RAY DIFFRACTION' ? 10.264 5.000  118  ? r_dihedral_angle_1_deg         ? ? 
'X-RAY DIFFRACTION' ? 30.694 21.528 72   ? r_dihedral_angle_2_deg         ? ? 
'X-RAY DIFFRACTION' ? 19.221 15.000 156  ? r_dihedral_angle_3_deg         ? ? 
'X-RAY DIFFRACTION' ? 20.172 15.000 10   ? r_dihedral_angle_4_deg         ? ? 
'X-RAY DIFFRACTION' ? 0.064  0.200  135  ? r_chiral_restr                 ? ? 
'X-RAY DIFFRACTION' ? 0.007  0.020  1176 ? r_gen_planes_refined           ? ? 
'X-RAY DIFFRACTION' ? 0.001  0.020  250  ? r_gen_planes_other             ? ? 
'X-RAY DIFFRACTION' ? 0.184  0.200  171  ? r_nbd_refined                  ? ? 
'X-RAY DIFFRACTION' ? 0.199  0.200  936  ? r_symmetry_nbd_other           ? ? 
'X-RAY DIFFRACTION' ? 0.176  0.200  469  ? r_nbtor_refined                ? ? 
'X-RAY DIFFRACTION' ? 0.080  0.200  553  ? r_symmetry_nbtor_other         ? ? 
'X-RAY DIFFRACTION' ? 0.186  0.200  41   ? r_xyhbond_nbd_refined          ? ? 
'X-RAY DIFFRACTION' ? 0.204  0.200  9    ? r_symmetry_nbd_refined         ? ? 
'X-RAY DIFFRACTION' ? 0.179  0.200  52   ? r_nbd_other                    ? ? 
'X-RAY DIFFRACTION' ? 0.307  0.200  9    ? r_symmetry_xyhbond_nbd_refined ? ? 
'X-RAY DIFFRACTION' ? 2.481  3.005  478  ? r_mcbond_it                    ? ? 
'X-RAY DIFFRACTION' ? 2.483  3.001  477  ? r_mcbond_other                 ? ? 
'X-RAY DIFFRACTION' ? 3.785  4.468  594  ? r_mcangle_it                   ? ? 
'X-RAY DIFFRACTION' ? 3.782  4.473  595  ? r_mcangle_other                ? ? 
'X-RAY DIFFRACTION' ? 3.822  3.617  588  ? r_scbond_it                    ? ? 
'X-RAY DIFFRACTION' ? 3.818  3.622  589  ? r_scbond_other                 ? ? 
'X-RAY DIFFRACTION' ? 6.104  5.219  854  ? r_scangle_it                   ? ? 
'X-RAY DIFFRACTION' ? 6.100  5.224  855  ? r_scangle_other                ? ? 
'X-RAY DIFFRACTION' ? 8.133  33.567 1105 ? r_lrange_it                    ? ? 
'X-RAY DIFFRACTION' ? 8.130  33.608 1106 ? r_lrange_other                 ? ? 
'X-RAY DIFFRACTION' ? 0.140  0.050  1694 ? r_ncsr_local_group_1           ? ? 
# 
loop_
_refine_ls_shell.pdbx_refine_id 
_refine_ls_shell.d_res_high 
_refine_ls_shell.d_res_low 
_refine_ls_shell.number_reflns_all 
_refine_ls_shell.number_reflns_obs 
_refine_ls_shell.number_reflns_R_free 
_refine_ls_shell.number_reflns_R_work 
_refine_ls_shell.percent_reflns_obs 
_refine_ls_shell.percent_reflns_R_free 
_refine_ls_shell.R_factor_all 
_refine_ls_shell.R_factor_obs 
_refine_ls_shell.R_factor_R_free 
_refine_ls_shell.R_factor_R_free_error 
_refine_ls_shell.R_factor_R_work 
_refine_ls_shell.redundancy_reflns_all 
_refine_ls_shell.redundancy_reflns_obs 
_refine_ls_shell.wR_factor_all 
_refine_ls_shell.wR_factor_obs 
_refine_ls_shell.wR_factor_R_free 
_refine_ls_shell.wR_factor_R_work 
_refine_ls_shell.pdbx_R_complete 
_refine_ls_shell.pdbx_total_number_of_bins_used 
_refine_ls_shell.pdbx_phase_error 
_refine_ls_shell.pdbx_fsc_work 
_refine_ls_shell.pdbx_fsc_free 
'X-RAY DIFFRACTION' 1.950 2.001  630 . 26 603 99.8413  . 0.329 . 0.330 . 0.329 . . . . . 0.319 . 20 . 0.306 0.276 
'X-RAY DIFFRACTION' 2.001 2.055  597 . 22 575 100.0000 . 0.332 . 0.343 . 0.332 . . . . . 0.316 . 20 . 0.427 0.328 
'X-RAY DIFFRACTION' 2.055 2.115  565 . 24 541 100.0000 . 0.307 . 0.294 . 0.308 . . . . . 0.287 . 20 . 0.526 0.438 
'X-RAY DIFFRACTION' 2.115 2.180  574 . 31 542 99.8258  . 0.301 . 0.349 . 0.299 . . . . . 0.270 . 20 . 0.597 0.462 
'X-RAY DIFFRACTION' 2.180 2.251  526 . 30 496 100.0000 . 0.288 . 0.274 . 0.289 . . . . . 0.265 . 20 . 0.695 0.715 
'X-RAY DIFFRACTION' 2.251 2.330  541 . 24 516 99.8152  . 0.261 . 0.355 . 0.257 . . . . . 0.233 . 20 . 0.762 0.750 
'X-RAY DIFFRACTION' 2.330 2.418  500 . 24 475 99.8000  . 0.250 . 0.302 . 0.248 . . . . . 0.225 . 20 . 0.780 0.703 
'X-RAY DIFFRACTION' 2.418 2.516  494 . 27 467 100.0000 . 0.247 . 0.258 . 0.247 . . . . . 0.225 . 20 . 0.802 0.789 
'X-RAY DIFFRACTION' 2.516 2.627  457 . 17 440 100.0000 . 0.245 . 0.352 . 0.242 . . . . . 0.224 . 20 . 0.822 0.694 
'X-RAY DIFFRACTION' 2.627 2.755  451 . 22 429 100.0000 . 0.212 . 0.338 . 0.206 . . . . . 0.187 . 20 . 0.872 0.802 
'X-RAY DIFFRACTION' 2.755 2.904  431 . 22 409 100.0000 . 0.201 . 0.364 . 0.192 . . . . . 0.177 . 20 . 0.906 0.868 
'X-RAY DIFFRACTION' 2.904 3.079  411 . 26 385 100.0000 . 0.171 . 0.289 . 0.164 . . . . . 0.151 . 20 . 0.932 0.884 
'X-RAY DIFFRACTION' 3.079 3.290  389 . 25 362 99.4859  . 0.153 . 0.206 . 0.150 . . . . . 0.143 . 20 . 0.951 0.913 
'X-RAY DIFFRACTION' 3.290 3.552  359 . 19 340 100.0000 . 0.175 . 0.266 . 0.169 . . . . . 0.164 . 20 . 0.950 0.952 
'X-RAY DIFFRACTION' 3.552 3.889  319 . 19 299 99.6865  . 0.149 . 0.196 . 0.146 . . . . . 0.144 . 20 . 0.959 0.940 
'X-RAY DIFFRACTION' 3.889 4.344  296 . 18 278 100.0000 . 0.135 . 0.112 . 0.136 . . . . . 0.138 . 20 . 0.966 0.978 
'X-RAY DIFFRACTION' 4.344 5.008  273 . 14 255 98.5348  . 0.166 . 0.260 . 0.161 . . . . . 0.170 . 20 . 0.963 0.946 
'X-RAY DIFFRACTION' 5.008 6.114  220 . 8  211 99.5455  . 0.209 . 0.247 . 0.207 . . . . . 0.212 . 20 . 0.933 0.951 
'X-RAY DIFFRACTION' 6.114 8.567  181 . 2  179 100.0000 . 0.199 . 0.532 . 0.196 . . . . . 0.203 . 20 . 0.926 .     
'X-RAY DIFFRACTION' 8.567 44.586 109 . 3  105 99.0826  . 0.234 . 0.247 . 0.234 . . . . . 0.251 . 20 . 0.924 0.853 
# 
_struct_ncs_dom.id            1 
_struct_ncs_dom.details       'Chains AAA BBB' 
_struct_ncs_dom.pdbx_ens_id   1 
# 
loop_
_struct_ncs_dom_lim.pdbx_ens_id 
_struct_ncs_dom_lim.dom_id 
_struct_ncs_dom_lim.pdbx_component_id 
_struct_ncs_dom_lim.beg_label_asym_id 
_struct_ncs_dom_lim.beg_label_comp_id 
_struct_ncs_dom_lim.beg_label_seq_id 
_struct_ncs_dom_lim.beg_label_alt_id 
_struct_ncs_dom_lim.end_label_asym_id 
_struct_ncs_dom_lim.end_label_comp_id 
_struct_ncs_dom_lim.end_label_seq_id 
_struct_ncs_dom_lim.end_label_alt_id 
_struct_ncs_dom_lim.beg_auth_asym_id 
_struct_ncs_dom_lim.beg_auth_comp_id 
_struct_ncs_dom_lim.beg_auth_seq_id 
_struct_ncs_dom_lim.end_auth_asym_id 
_struct_ncs_dom_lim.end_auth_comp_id 
_struct_ncs_dom_lim.end_auth_seq_id 
_struct_ncs_dom_lim.pdbx_refine_code 
_struct_ncs_dom_lim.selection_details 
1 1 1 A GLN 5 . A THR 62 . AAA GLN 491 AAA THR 548 ? ? 
1 1 2 B GLY 1 . B THR 62 . BBB GLY 487 BBB THR 548 ? ? 
# 
_struct_ncs_ens.id        1 
_struct_ncs_ens.details   r_ncsr_local_group_1s 
# 
_struct.entry_id                     7NYL 
_struct.title                        'Mutant H493A of SH3 domain of JNK-interacting Protein 1 (JIP1)' 
_struct.pdbx_model_details           ? 
_struct.pdbx_formula_weight          ? 
_struct.pdbx_formula_weight_method   ? 
_struct.pdbx_model_type_details      ? 
_struct.pdbx_CASP_flag               N 
# 
_struct_keywords.entry_id        7NYL 
_struct_keywords.text            'SH3 domain of JNK-interacting protein 1 (JIP1), SIGNALING PROTEIN' 
_struct_keywords.pdbx_keywords   'SIGNALING PROTEIN' 
# 
loop_
_struct_asym.id 
_struct_asym.pdbx_blank_PDB_chainid_flag 
_struct_asym.pdbx_modified 
_struct_asym.entity_id 
_struct_asym.details 
A N N 1 ? 
B N N 1 ? 
C N N 2 ? 
D N N 3 ? 
E N N 4 ? 
F N N 4 ? 
# 
_struct_ref.id                         1 
_struct_ref.db_name                    UNP 
_struct_ref.db_code                    JIP1_HUMAN 
_struct_ref.pdbx_db_accession          Q9UQF2 
_struct_ref.pdbx_db_isoform            ? 
_struct_ref.entity_id                  1 
_struct_ref.pdbx_seq_one_letter_code   EQTHRAIFRFVPRHEDELELEVDDPLLVELQAEDYWYEAYNMRTGARGVFPAYYAIEVTK 
_struct_ref.pdbx_align_begin           490 
# 
loop_
_struct_ref_seq.align_id 
_struct_ref_seq.ref_id 
_struct_ref_seq.pdbx_PDB_id_code 
_struct_ref_seq.pdbx_strand_id 
_struct_ref_seq.seq_align_beg 
_struct_ref_seq.pdbx_seq_align_beg_ins_code 
_struct_ref_seq.seq_align_end 
_struct_ref_seq.pdbx_seq_align_end_ins_code 
_struct_ref_seq.pdbx_db_accession 
_struct_ref_seq.db_align_beg 
_struct_ref_seq.pdbx_db_align_beg_ins_code 
_struct_ref_seq.db_align_end 
_struct_ref_seq.pdbx_db_align_end_ins_code 
_struct_ref_seq.pdbx_auth_seq_align_beg 
_struct_ref_seq.pdbx_auth_seq_align_end 
1 1 7NYL AAA 4 ? 63 ? Q9UQF2 490 ? 549 ? 490 549 
2 1 7NYL BBB 4 ? 63 ? Q9UQF2 490 ? 549 ? 490 549 
# 
loop_
_struct_ref_seq_dif.align_id 
_struct_ref_seq_dif.pdbx_pdb_id_code 
_struct_ref_seq_dif.mon_id 
_struct_ref_seq_dif.pdbx_pdb_strand_id 
_struct_ref_seq_dif.seq_num 
_struct_ref_seq_dif.pdbx_pdb_ins_code 
_struct_ref_seq_dif.pdbx_seq_db_name 
_struct_ref_seq_dif.pdbx_seq_db_accession_code 
_struct_ref_seq_dif.db_mon_id 
_struct_ref_seq_dif.pdbx_seq_db_seq_num 
_struct_ref_seq_dif.details 
_struct_ref_seq_dif.pdbx_auth_seq_num 
_struct_ref_seq_dif.pdbx_ordinal 
1 7NYL GLY AAA 1 ? UNP Q9UQF2 ?   ?   'expression tag'      487 1 
1 7NYL HIS AAA 2 ? UNP Q9UQF2 ?   ?   'expression tag'      488 2 
1 7NYL MET AAA 3 ? UNP Q9UQF2 ?   ?   'expression tag'      489 3 
1 7NYL ALA AAA 7 ? UNP Q9UQF2 HIS 493 'engineered mutation' 493 4 
2 7NYL GLY BBB 1 ? UNP Q9UQF2 ?   ?   'expression tag'      487 5 
2 7NYL HIS BBB 2 ? UNP Q9UQF2 ?   ?   'expression tag'      488 6 
2 7NYL MET BBB 3 ? UNP Q9UQF2 ?   ?   'expression tag'      489 7 
2 7NYL ALA BBB 7 ? UNP Q9UQF2 HIS 493 'engineered mutation' 493 8 
# 
_pdbx_struct_assembly.id                   1 
_pdbx_struct_assembly.details              author_and_software_defined_assembly 
_pdbx_struct_assembly.method_details       PISA 
_pdbx_struct_assembly.oligomeric_details   dimeric 
_pdbx_struct_assembly.oligomeric_count     2 
# 
loop_
_pdbx_struct_assembly_prop.biol_id 
_pdbx_struct_assembly_prop.type 
_pdbx_struct_assembly_prop.value 
_pdbx_struct_assembly_prop.details 
1 'ABSA (A^2)' 2290 ? 
1 MORE         -1   ? 
1 'SSA (A^2)'  6920 ? 
# 
loop_
_pdbx_struct_assembly_gen.assembly_id 
_pdbx_struct_assembly_gen.oper_expression 
_pdbx_struct_assembly_gen.asym_id_list 
1 1 A,B,D,E,F 
1 2 C         
# 
_pdbx_struct_assembly_auth_evidence.id                     1 
_pdbx_struct_assembly_auth_evidence.assembly_id            1 
_pdbx_struct_assembly_auth_evidence.experimental_support   'gel filtration' 
_pdbx_struct_assembly_auth_evidence.details                'chain A forms a dimer with chain B' 
# 
loop_
_pdbx_struct_oper_list.id 
_pdbx_struct_oper_list.type 
_pdbx_struct_oper_list.name 
_pdbx_struct_oper_list.symmetry_operation 
_pdbx_struct_oper_list.matrix[1][1] 
_pdbx_struct_oper_list.matrix[1][2] 
_pdbx_struct_oper_list.matrix[1][3] 
_pdbx_struct_oper_list.vector[1] 
_pdbx_struct_oper_list.matrix[2][1] 
_pdbx_struct_oper_list.matrix[2][2] 
_pdbx_struct_oper_list.matrix[2][3] 
_pdbx_struct_oper_list.vector[2] 
_pdbx_struct_oper_list.matrix[3][1] 
_pdbx_struct_oper_list.matrix[3][2] 
_pdbx_struct_oper_list.matrix[3][3] 
_pdbx_struct_oper_list.vector[3] 
1 'identity operation'         1_555 x,y,z         1.0000000000  0.0000000000  0.0000000000  0.0000000000   0.0000000000  1.0000000000 0.0000000000 0.0000000000   0.0000000000  0.0000000000 1.0000000000  0.0000000000 
2 'crystal symmetry operation' 2_445 -x-1,y-1/2,-z -0.9533674884 -0.2626689643 -0.1486453740 -11.9967336367 -0.2626689643 0.4795468327 0.8372812254 -33.0581442566 -0.1486453740 0.8372812254 -0.5261793443 7.8605019322 
# 
_struct_conn.id                            covale1 
_struct_conn.conn_type_id                  covale 
_struct_conn.pdbx_leaving_atom_flag        both 
_struct_conn.pdbx_PDB_id                   ? 
_struct_conn.ptnr1_label_asym_id           C 
_struct_conn.ptnr1_label_comp_id           GLC 
_struct_conn.ptnr1_label_seq_id            . 
_struct_conn.ptnr1_label_atom_id           C1 
_struct_conn.pdbx_ptnr1_label_alt_id       ? 
_struct_conn.pdbx_ptnr1_PDB_ins_code       ? 
_struct_conn.pdbx_ptnr1_standard_comp_id   ? 
_struct_conn.ptnr1_symmetry                1_555 
_struct_conn.ptnr2_label_asym_id           C 
_struct_conn.ptnr2_label_comp_id           GLC 
_struct_conn.ptnr2_label_seq_id            . 
_struct_conn.ptnr2_label_atom_id           O1 
_struct_conn.pdbx_ptnr2_label_alt_id       ? 
_struct_conn.pdbx_ptnr2_PDB_ins_code       ? 
_struct_conn.ptnr1_auth_asym_id            C 
_struct_conn.ptnr1_auth_comp_id            GLC 
_struct_conn.ptnr1_auth_seq_id             1 
_struct_conn.ptnr2_auth_asym_id            C 
_struct_conn.ptnr2_auth_comp_id            GLC 
_struct_conn.ptnr2_auth_seq_id             2 
_struct_conn.ptnr2_symmetry                1_555 
_struct_conn.pdbx_ptnr3_label_atom_id      ? 
_struct_conn.pdbx_ptnr3_label_seq_id       ? 
_struct_conn.pdbx_ptnr3_label_comp_id      ? 
_struct_conn.pdbx_ptnr3_label_asym_id      ? 
_struct_conn.pdbx_ptnr3_label_alt_id       ? 
_struct_conn.pdbx_ptnr3_PDB_ins_code       ? 
_struct_conn.details                       ? 
_struct_conn.pdbx_dist_value               1.431 
_struct_conn.pdbx_value_order              ? 
_struct_conn.pdbx_role                     ? 
# 
_struct_conn_type.id          covale 
_struct_conn_type.criteria    ? 
_struct_conn_type.reference   ? 
# 
loop_
_struct_sheet.id 
_struct_sheet.type 
_struct_sheet.number_strands 
_struct_sheet.details 
AA1 ? 5 ? 
AA2 ? 5 ? 
# 
loop_
_struct_sheet_order.sheet_id 
_struct_sheet_order.range_id_1 
_struct_sheet_order.range_id_2 
_struct_sheet_order.offset 
_struct_sheet_order.sense 
AA1 1 2 ? anti-parallel 
AA1 2 3 ? anti-parallel 
AA1 3 4 ? anti-parallel 
AA1 4 5 ? anti-parallel 
AA2 1 2 ? anti-parallel 
AA2 2 3 ? anti-parallel 
AA2 3 4 ? anti-parallel 
AA2 4 5 ? anti-parallel 
# 
loop_
_struct_sheet_range.sheet_id 
_struct_sheet_range.id 
_struct_sheet_range.beg_label_comp_id 
_struct_sheet_range.beg_label_asym_id 
_struct_sheet_range.beg_label_seq_id 
_struct_sheet_range.pdbx_beg_PDB_ins_code 
_struct_sheet_range.end_label_comp_id 
_struct_sheet_range.end_label_asym_id 
_struct_sheet_range.end_label_seq_id 
_struct_sheet_range.pdbx_end_PDB_ins_code 
_struct_sheet_range.beg_auth_comp_id 
_struct_sheet_range.beg_auth_asym_id 
_struct_sheet_range.beg_auth_seq_id 
_struct_sheet_range.end_auth_comp_id 
_struct_sheet_range.end_auth_asym_id 
_struct_sheet_range.end_auth_seq_id 
AA1 1 ARG A 50 ? PRO A 54 ? ARG AAA 536 PRO AAA 540 
AA1 2 TRP A 39 ? ASN A 44 ? TRP AAA 525 ASN AAA 530 
AA1 3 PRO A 28 ? LEU A 33 ? PRO AAA 514 LEU AAA 519 
AA1 4 THR A 6  ? ALA A 9  ? THR AAA 492 ALA AAA 495 
AA1 5 ALA A 58 ? VAL A 61 ? ALA AAA 544 VAL AAA 547 
AA2 1 ARG B 50 ? PRO B 54 ? ARG BBB 536 PRO BBB 540 
AA2 2 TRP B 39 ? ASN B 44 ? TRP BBB 525 ASN BBB 530 
AA2 3 PRO B 28 ? LEU B 33 ? PRO BBB 514 LEU BBB 519 
AA2 4 GLN B 5  ? ALA B 9  ? GLN BBB 491 ALA BBB 495 
AA2 5 ALA B 58 ? GLU B 60 ? ALA BBB 544 GLU BBB 546 
# 
loop_
_pdbx_struct_sheet_hbond.sheet_id 
_pdbx_struct_sheet_hbond.range_id_1 
_pdbx_struct_sheet_hbond.range_id_2 
_pdbx_struct_sheet_hbond.range_1_label_atom_id 
_pdbx_struct_sheet_hbond.range_1_label_comp_id 
_pdbx_struct_sheet_hbond.range_1_label_asym_id 
_pdbx_struct_sheet_hbond.range_1_label_seq_id 
_pdbx_struct_sheet_hbond.range_1_PDB_ins_code 
_pdbx_struct_sheet_hbond.range_1_auth_atom_id 
_pdbx_struct_sheet_hbond.range_1_auth_comp_id 
_pdbx_struct_sheet_hbond.range_1_auth_asym_id 
_pdbx_struct_sheet_hbond.range_1_auth_seq_id 
_pdbx_struct_sheet_hbond.range_2_label_atom_id 
_pdbx_struct_sheet_hbond.range_2_label_comp_id 
_pdbx_struct_sheet_hbond.range_2_label_asym_id 
_pdbx_struct_sheet_hbond.range_2_label_seq_id 
_pdbx_struct_sheet_hbond.range_2_PDB_ins_code 
_pdbx_struct_sheet_hbond.range_2_auth_atom_id 
_pdbx_struct_sheet_hbond.range_2_auth_comp_id 
_pdbx_struct_sheet_hbond.range_2_auth_asym_id 
_pdbx_struct_sheet_hbond.range_2_auth_seq_id 
AA1 1 2 O PHE A 53 ? O PHE AAA 539 N TYR A 40 ? N TYR AAA 526 
AA1 2 3 O GLU A 41 ? O GLU AAA 527 N GLU A 32 ? N GLU AAA 518 
AA1 3 4 O LEU A 29 ? O LEU AAA 515 N ALA A 7  ? N ALA AAA 493 
AA1 4 5 N THR A 6  ? N THR AAA 492 O VAL A 61 ? O VAL AAA 547 
AA2 1 2 O PHE B 53 ? O PHE BBB 539 N TYR B 40 ? N TYR BBB 526 
AA2 2 3 O TYR B 43 ? O TYR BBB 529 N LEU B 30 ? N LEU BBB 516 
AA2 3 4 O VAL B 31 ? O VAL BBB 517 N GLN B 5  ? N GLN BBB 491 
AA2 4 5 N ARG B 8  ? N ARG BBB 494 O ILE B 59 ? O ILE BBB 545 
# 
_pdbx_validate_close_contact.id               1 
_pdbx_validate_close_contact.PDB_model_num    1 
_pdbx_validate_close_contact.auth_atom_id_1   OE1 
_pdbx_validate_close_contact.auth_asym_id_1   BBB 
_pdbx_validate_close_contact.auth_comp_id_1   GLU 
_pdbx_validate_close_contact.auth_seq_id_1    508 
_pdbx_validate_close_contact.PDB_ins_code_1   ? 
_pdbx_validate_close_contact.label_alt_id_1   ? 
_pdbx_validate_close_contact.auth_atom_id_2   O 
_pdbx_validate_close_contact.auth_asym_id_2   BBB 
_pdbx_validate_close_contact.auth_comp_id_2   HOH 
_pdbx_validate_close_contact.auth_seq_id_2    601 
_pdbx_validate_close_contact.PDB_ins_code_2   ? 
_pdbx_validate_close_contact.label_alt_id_2   ? 
_pdbx_validate_close_contact.dist             2.12 
# 
loop_
_pdbx_validate_torsion.id 
_pdbx_validate_torsion.PDB_model_num 
_pdbx_validate_torsion.auth_comp_id 
_pdbx_validate_torsion.auth_asym_id 
_pdbx_validate_torsion.auth_seq_id 
_pdbx_validate_torsion.PDB_ins_code 
_pdbx_validate_torsion.label_alt_id 
_pdbx_validate_torsion.phi 
_pdbx_validate_torsion.psi 
1 1 ASP AAA 512 ? ? 89.94  9.05   
2 1 GLU BBB 490 ? ? -48.58 151.09 
3 1 ASP BBB 512 ? ? 89.15  13.95  
# 
_pdbx_molecule_features.prd_id    PRD_900006 
_pdbx_molecule_features.name      trehalose 
_pdbx_molecule_features.type      Oligosaccharide 
_pdbx_molecule_features.class     Nutrient 
_pdbx_molecule_features.details   'oligosaccharide with reducing-end-to-reducing-end glycosidic bond' 
# 
_pdbx_molecule.instance_id   1 
_pdbx_molecule.prd_id        PRD_900006 
_pdbx_molecule.asym_id       C 
# 
_pdbx_entry_details.entry_id                 7NYL 
_pdbx_entry_details.has_ligand_of_interest   N 
_pdbx_entry_details.compound_details         ? 
_pdbx_entry_details.source_details           ? 
_pdbx_entry_details.nonpolymer_details       ? 
_pdbx_entry_details.sequence_details         ? 
# 
loop_
_pdbx_unobs_or_zero_occ_residues.id 
_pdbx_unobs_or_zero_occ_residues.PDB_model_num 
_pdbx_unobs_or_zero_occ_residues.polymer_flag 
_pdbx_unobs_or_zero_occ_residues.occupancy_flag 
_pdbx_unobs_or_zero_occ_residues.auth_asym_id 
_pdbx_unobs_or_zero_occ_residues.auth_comp_id 
_pdbx_unobs_or_zero_occ_residues.auth_seq_id 
_pdbx_unobs_or_zero_occ_residues.PDB_ins_code 
_pdbx_unobs_or_zero_occ_residues.label_asym_id 
_pdbx_unobs_or_zero_occ_residues.label_comp_id 
_pdbx_unobs_or_zero_occ_residues.label_seq_id 
1 1 Y 1 AAA GLY 487 ? A GLY 1  
2 1 Y 1 AAA HIS 488 ? A HIS 2  
3 1 Y 1 AAA MET 489 ? A MET 3  
4 1 Y 1 AAA GLU 490 ? A GLU 4  
5 1 Y 1 AAA LYS 549 ? A LYS 63 
6 1 Y 1 BBB LYS 549 ? B LYS 63 
# 
loop_
_chem_comp_atom.comp_id 
_chem_comp_atom.atom_id 
_chem_comp_atom.type_symbol 
_chem_comp_atom.pdbx_aromatic_flag 
_chem_comp_atom.pdbx_stereo_config 
_chem_comp_atom.pdbx_ordinal 
ALA N    N N N 1   
ALA CA   C N S 2   
ALA C    C N N 3   
ALA O    O N N 4   
ALA CB   C N N 5   
ALA OXT  O N N 6   
ALA H    H N N 7   
ALA H2   H N N 8   
ALA HA   H N N 9   
ALA HB1  H N N 10  
ALA HB2  H N N 11  
ALA HB3  H N N 12  
ALA HXT  H N N 13  
ARG N    N N N 14  
ARG CA   C N S 15  
ARG C    C N N 16  
ARG O    O N N 17  
ARG CB   C N N 18  
ARG CG   C N N 19  
ARG CD   C N N 20  
ARG NE   N N N 21  
ARG CZ   C N N 22  
ARG NH1  N N N 23  
ARG NH2  N N N 24  
ARG OXT  O N N 25  
ARG H    H N N 26  
ARG H2   H N N 27  
ARG HA   H N N 28  
ARG HB2  H N N 29  
ARG HB3  H N N 30  
ARG HG2  H N N 31  
ARG HG3  H N N 32  
ARG HD2  H N N 33  
ARG HD3  H N N 34  
ARG HE   H N N 35  
ARG HH11 H N N 36  
ARG HH12 H N N 37  
ARG HH21 H N N 38  
ARG HH22 H N N 39  
ARG HXT  H N N 40  
ASN N    N N N 41  
ASN CA   C N S 42  
ASN C    C N N 43  
ASN O    O N N 44  
ASN CB   C N N 45  
ASN CG   C N N 46  
ASN OD1  O N N 47  
ASN ND2  N N N 48  
ASN OXT  O N N 49  
ASN H    H N N 50  
ASN H2   H N N 51  
ASN HA   H N N 52  
ASN HB2  H N N 53  
ASN HB3  H N N 54  
ASN HD21 H N N 55  
ASN HD22 H N N 56  
ASN HXT  H N N 57  
ASP N    N N N 58  
ASP CA   C N S 59  
ASP C    C N N 60  
ASP O    O N N 61  
ASP CB   C N N 62  
ASP CG   C N N 63  
ASP OD1  O N N 64  
ASP OD2  O N N 65  
ASP OXT  O N N 66  
ASP H    H N N 67  
ASP H2   H N N 68  
ASP HA   H N N 69  
ASP HB2  H N N 70  
ASP HB3  H N N 71  
ASP HD2  H N N 72  
ASP HXT  H N N 73  
GLC C1   C N S 74  
GLC C2   C N R 75  
GLC C3   C N S 76  
GLC C4   C N S 77  
GLC C5   C N R 78  
GLC C6   C N N 79  
GLC O1   O N N 80  
GLC O2   O N N 81  
GLC O3   O N N 82  
GLC O4   O N N 83  
GLC O5   O N N 84  
GLC O6   O N N 85  
GLC H1   H N N 86  
GLC H2   H N N 87  
GLC H3   H N N 88  
GLC H4   H N N 89  
GLC H5   H N N 90  
GLC H61  H N N 91  
GLC H62  H N N 92  
GLC HO1  H N N 93  
GLC HO2  H N N 94  
GLC HO3  H N N 95  
GLC HO4  H N N 96  
GLC HO6  H N N 97  
GLN N    N N N 98  
GLN CA   C N S 99  
GLN C    C N N 100 
GLN O    O N N 101 
GLN CB   C N N 102 
GLN CG   C N N 103 
GLN CD   C N N 104 
GLN OE1  O N N 105 
GLN NE2  N N N 106 
GLN OXT  O N N 107 
GLN H    H N N 108 
GLN H2   H N N 109 
GLN HA   H N N 110 
GLN HB2  H N N 111 
GLN HB3  H N N 112 
GLN HG2  H N N 113 
GLN HG3  H N N 114 
GLN HE21 H N N 115 
GLN HE22 H N N 116 
GLN HXT  H N N 117 
GLU N    N N N 118 
GLU CA   C N S 119 
GLU C    C N N 120 
GLU O    O N N 121 
GLU CB   C N N 122 
GLU CG   C N N 123 
GLU CD   C N N 124 
GLU OE1  O N N 125 
GLU OE2  O N N 126 
GLU OXT  O N N 127 
GLU H    H N N 128 
GLU H2   H N N 129 
GLU HA   H N N 130 
GLU HB2  H N N 131 
GLU HB3  H N N 132 
GLU HG2  H N N 133 
GLU HG3  H N N 134 
GLU HE2  H N N 135 
GLU HXT  H N N 136 
GLY N    N N N 137 
GLY CA   C N N 138 
GLY C    C N N 139 
GLY O    O N N 140 
GLY OXT  O N N 141 
GLY H    H N N 142 
GLY H2   H N N 143 
GLY HA2  H N N 144 
GLY HA3  H N N 145 
GLY HXT  H N N 146 
HIS N    N N N 147 
HIS CA   C N S 148 
HIS C    C N N 149 
HIS O    O N N 150 
HIS CB   C N N 151 
HIS CG   C Y N 152 
HIS ND1  N Y N 153 
HIS CD2  C Y N 154 
HIS CE1  C Y N 155 
HIS NE2  N Y N 156 
HIS OXT  O N N 157 
HIS H    H N N 158 
HIS H2   H N N 159 
HIS HA   H N N 160 
HIS HB2  H N N 161 
HIS HB3  H N N 162 
HIS HD1  H N N 163 
HIS HD2  H N N 164 
HIS HE1  H N N 165 
HIS HE2  H N N 166 
HIS HXT  H N N 167 
HOH O    O N N 168 
HOH H1   H N N 169 
HOH H2   H N N 170 
ILE N    N N N 171 
ILE CA   C N S 172 
ILE C    C N N 173 
ILE O    O N N 174 
ILE CB   C N S 175 
ILE CG1  C N N 176 
ILE CG2  C N N 177 
ILE CD1  C N N 178 
ILE OXT  O N N 179 
ILE H    H N N 180 
ILE H2   H N N 181 
ILE HA   H N N 182 
ILE HB   H N N 183 
ILE HG12 H N N 184 
ILE HG13 H N N 185 
ILE HG21 H N N 186 
ILE HG22 H N N 187 
ILE HG23 H N N 188 
ILE HD11 H N N 189 
ILE HD12 H N N 190 
ILE HD13 H N N 191 
ILE HXT  H N N 192 
LEU N    N N N 193 
LEU CA   C N S 194 
LEU C    C N N 195 
LEU O    O N N 196 
LEU CB   C N N 197 
LEU CG   C N N 198 
LEU CD1  C N N 199 
LEU CD2  C N N 200 
LEU OXT  O N N 201 
LEU H    H N N 202 
LEU H2   H N N 203 
LEU HA   H N N 204 
LEU HB2  H N N 205 
LEU HB3  H N N 206 
LEU HG   H N N 207 
LEU HD11 H N N 208 
LEU HD12 H N N 209 
LEU HD13 H N N 210 
LEU HD21 H N N 211 
LEU HD22 H N N 212 
LEU HD23 H N N 213 
LEU HXT  H N N 214 
LYS N    N N N 215 
LYS CA   C N S 216 
LYS C    C N N 217 
LYS O    O N N 218 
LYS CB   C N N 219 
LYS CG   C N N 220 
LYS CD   C N N 221 
LYS CE   C N N 222 
LYS NZ   N N N 223 
LYS OXT  O N N 224 
LYS H    H N N 225 
LYS H2   H N N 226 
LYS HA   H N N 227 
LYS HB2  H N N 228 
LYS HB3  H N N 229 
LYS HG2  H N N 230 
LYS HG3  H N N 231 
LYS HD2  H N N 232 
LYS HD3  H N N 233 
LYS HE2  H N N 234 
LYS HE3  H N N 235 
LYS HZ1  H N N 236 
LYS HZ2  H N N 237 
LYS HZ3  H N N 238 
LYS HXT  H N N 239 
MET N    N N N 240 
MET CA   C N S 241 
MET C    C N N 242 
MET O    O N N 243 
MET CB   C N N 244 
MET CG   C N N 245 
MET SD   S N N 246 
MET CE   C N N 247 
MET OXT  O N N 248 
MET H    H N N 249 
MET H2   H N N 250 
MET HA   H N N 251 
MET HB2  H N N 252 
MET HB3  H N N 253 
MET HG2  H N N 254 
MET HG3  H N N 255 
MET HE1  H N N 256 
MET HE2  H N N 257 
MET HE3  H N N 258 
MET HXT  H N N 259 
PG4 O1   O N N 260 
PG4 C1   C N N 261 
PG4 C2   C N N 262 
PG4 O2   O N N 263 
PG4 C3   C N N 264 
PG4 C4   C N N 265 
PG4 O3   O N N 266 
PG4 C5   C N N 267 
PG4 C6   C N N 268 
PG4 O4   O N N 269 
PG4 C7   C N N 270 
PG4 C8   C N N 271 
PG4 O5   O N N 272 
PG4 HO1  H N N 273 
PG4 H11  H N N 274 
PG4 H12  H N N 275 
PG4 H21  H N N 276 
PG4 H22  H N N 277 
PG4 H31  H N N 278 
PG4 H32  H N N 279 
PG4 H41  H N N 280 
PG4 H42  H N N 281 
PG4 H51  H N N 282 
PG4 H52  H N N 283 
PG4 H61  H N N 284 
PG4 H62  H N N 285 
PG4 H71  H N N 286 
PG4 H72  H N N 287 
PG4 H81  H N N 288 
PG4 H82  H N N 289 
PG4 HO5  H N N 290 
PHE N    N N N 291 
PHE CA   C N S 292 
PHE C    C N N 293 
PHE O    O N N 294 
PHE CB   C N N 295 
PHE CG   C Y N 296 
PHE CD1  C Y N 297 
PHE CD2  C Y N 298 
PHE CE1  C Y N 299 
PHE CE2  C Y N 300 
PHE CZ   C Y N 301 
PHE OXT  O N N 302 
PHE H    H N N 303 
PHE H2   H N N 304 
PHE HA   H N N 305 
PHE HB2  H N N 306 
PHE HB3  H N N 307 
PHE HD1  H N N 308 
PHE HD2  H N N 309 
PHE HE1  H N N 310 
PHE HE2  H N N 311 
PHE HZ   H N N 312 
PHE HXT  H N N 313 
PRO N    N N N 314 
PRO CA   C N S 315 
PRO C    C N N 316 
PRO O    O N N 317 
PRO CB   C N N 318 
PRO CG   C N N 319 
PRO CD   C N N 320 
PRO OXT  O N N 321 
PRO H    H N N 322 
PRO HA   H N N 323 
PRO HB2  H N N 324 
PRO HB3  H N N 325 
PRO HG2  H N N 326 
PRO HG3  H N N 327 
PRO HD2  H N N 328 
PRO HD3  H N N 329 
PRO HXT  H N N 330 
THR N    N N N 331 
THR CA   C N S 332 
THR C    C N N 333 
THR O    O N N 334 
THR CB   C N R 335 
THR OG1  O N N 336 
THR CG2  C N N 337 
THR OXT  O N N 338 
THR H    H N N 339 
THR H2   H N N 340 
THR HA   H N N 341 
THR HB   H N N 342 
THR HG1  H N N 343 
THR HG21 H N N 344 
THR HG22 H N N 345 
THR HG23 H N N 346 
THR HXT  H N N 347 
TRP N    N N N 348 
TRP CA   C N S 349 
TRP C    C N N 350 
TRP O    O N N 351 
TRP CB   C N N 352 
TRP CG   C Y N 353 
TRP CD1  C Y N 354 
TRP CD2  C Y N 355 
TRP NE1  N Y N 356 
TRP CE2  C Y N 357 
TRP CE3  C Y N 358 
TRP CZ2  C Y N 359 
TRP CZ3  C Y N 360 
TRP CH2  C Y N 361 
TRP OXT  O N N 362 
TRP H    H N N 363 
TRP H2   H N N 364 
TRP HA   H N N 365 
TRP HB2  H N N 366 
TRP HB3  H N N 367 
TRP HD1  H N N 368 
TRP HE1  H N N 369 
TRP HE3  H N N 370 
TRP HZ2  H N N 371 
TRP HZ3  H N N 372 
TRP HH2  H N N 373 
TRP HXT  H N N 374 
TYR N    N N N 375 
TYR CA   C N S 376 
TYR C    C N N 377 
TYR O    O N N 378 
TYR CB   C N N 379 
TYR CG   C Y N 380 
TYR CD1  C Y N 381 
TYR CD2  C Y N 382 
TYR CE1  C Y N 383 
TYR CE2  C Y N 384 
TYR CZ   C Y N 385 
TYR OH   O N N 386 
TYR OXT  O N N 387 
TYR H    H N N 388 
TYR H2   H N N 389 
TYR HA   H N N 390 
TYR HB2  H N N 391 
TYR HB3  H N N 392 
TYR HD1  H N N 393 
TYR HD2  H N N 394 
TYR HE1  H N N 395 
TYR HE2  H N N 396 
TYR HH   H N N 397 
TYR HXT  H N N 398 
VAL N    N N N 399 
VAL CA   C N S 400 
VAL C    C N N 401 
VAL O    O N N 402 
VAL CB   C N N 403 
VAL CG1  C N N 404 
VAL CG2  C N N 405 
VAL OXT  O N N 406 
VAL H    H N N 407 
VAL H2   H N N 408 
VAL HA   H N N 409 
VAL HB   H N N 410 
VAL HG11 H N N 411 
VAL HG12 H N N 412 
VAL HG13 H N N 413 
VAL HG21 H N N 414 
VAL HG22 H N N 415 
VAL HG23 H N N 416 
VAL HXT  H N N 417 
# 
loop_
_chem_comp_bond.comp_id 
_chem_comp_bond.atom_id_1 
_chem_comp_bond.atom_id_2 
_chem_comp_bond.value_order 
_chem_comp_bond.pdbx_aromatic_flag 
_chem_comp_bond.pdbx_stereo_config 
_chem_comp_bond.pdbx_ordinal 
ALA N   CA   sing N N 1   
ALA N   H    sing N N 2   
ALA N   H2   sing N N 3   
ALA CA  C    sing N N 4   
ALA CA  CB   sing N N 5   
ALA CA  HA   sing N N 6   
ALA C   O    doub N N 7   
ALA C   OXT  sing N N 8   
ALA CB  HB1  sing N N 9   
ALA CB  HB2  sing N N 10  
ALA CB  HB3  sing N N 11  
ALA OXT HXT  sing N N 12  
ARG N   CA   sing N N 13  
ARG N   H    sing N N 14  
ARG N   H2   sing N N 15  
ARG CA  C    sing N N 16  
ARG CA  CB   sing N N 17  
ARG CA  HA   sing N N 18  
ARG C   O    doub N N 19  
ARG C   OXT  sing N N 20  
ARG CB  CG   sing N N 21  
ARG CB  HB2  sing N N 22  
ARG CB  HB3  sing N N 23  
ARG CG  CD   sing N N 24  
ARG CG  HG2  sing N N 25  
ARG CG  HG3  sing N N 26  
ARG CD  NE   sing N N 27  
ARG CD  HD2  sing N N 28  
ARG CD  HD3  sing N N 29  
ARG NE  CZ   sing N N 30  
ARG NE  HE   sing N N 31  
ARG CZ  NH1  sing N N 32  
ARG CZ  NH2  doub N N 33  
ARG NH1 HH11 sing N N 34  
ARG NH1 HH12 sing N N 35  
ARG NH2 HH21 sing N N 36  
ARG NH2 HH22 sing N N 37  
ARG OXT HXT  sing N N 38  
ASN N   CA   sing N N 39  
ASN N   H    sing N N 40  
ASN N   H2   sing N N 41  
ASN CA  C    sing N N 42  
ASN CA  CB   sing N N 43  
ASN CA  HA   sing N N 44  
ASN C   O    doub N N 45  
ASN C   OXT  sing N N 46  
ASN CB  CG   sing N N 47  
ASN CB  HB2  sing N N 48  
ASN CB  HB3  sing N N 49  
ASN CG  OD1  doub N N 50  
ASN CG  ND2  sing N N 51  
ASN ND2 HD21 sing N N 52  
ASN ND2 HD22 sing N N 53  
ASN OXT HXT  sing N N 54  
ASP N   CA   sing N N 55  
ASP N   H    sing N N 56  
ASP N   H2   sing N N 57  
ASP CA  C    sing N N 58  
ASP CA  CB   sing N N 59  
ASP CA  HA   sing N N 60  
ASP C   O    doub N N 61  
ASP C   OXT  sing N N 62  
ASP CB  CG   sing N N 63  
ASP CB  HB2  sing N N 64  
ASP CB  HB3  sing N N 65  
ASP CG  OD1  doub N N 66  
ASP CG  OD2  sing N N 67  
ASP OD2 HD2  sing N N 68  
ASP OXT HXT  sing N N 69  
GLC C1  C2   sing N N 70  
GLC C1  O1   sing N N 71  
GLC C1  O5   sing N N 72  
GLC C1  H1   sing N N 73  
GLC C2  C3   sing N N 74  
GLC C2  O2   sing N N 75  
GLC C2  H2   sing N N 76  
GLC C3  C4   sing N N 77  
GLC C3  O3   sing N N 78  
GLC C3  H3   sing N N 79  
GLC C4  C5   sing N N 80  
GLC C4  O4   sing N N 81  
GLC C4  H4   sing N N 82  
GLC C5  C6   sing N N 83  
GLC C5  O5   sing N N 84  
GLC C5  H5   sing N N 85  
GLC C6  O6   sing N N 86  
GLC C6  H61  sing N N 87  
GLC C6  H62  sing N N 88  
GLC O1  HO1  sing N N 89  
GLC O2  HO2  sing N N 90  
GLC O3  HO3  sing N N 91  
GLC O4  HO4  sing N N 92  
GLC O6  HO6  sing N N 93  
GLN N   CA   sing N N 94  
GLN N   H    sing N N 95  
GLN N   H2   sing N N 96  
GLN CA  C    sing N N 97  
GLN CA  CB   sing N N 98  
GLN CA  HA   sing N N 99  
GLN C   O    doub N N 100 
GLN C   OXT  sing N N 101 
GLN CB  CG   sing N N 102 
GLN CB  HB2  sing N N 103 
GLN CB  HB3  sing N N 104 
GLN CG  CD   sing N N 105 
GLN CG  HG2  sing N N 106 
GLN CG  HG3  sing N N 107 
GLN CD  OE1  doub N N 108 
GLN CD  NE2  sing N N 109 
GLN NE2 HE21 sing N N 110 
GLN NE2 HE22 sing N N 111 
GLN OXT HXT  sing N N 112 
GLU N   CA   sing N N 113 
GLU N   H    sing N N 114 
GLU N   H2   sing N N 115 
GLU CA  C    sing N N 116 
GLU CA  CB   sing N N 117 
GLU CA  HA   sing N N 118 
GLU C   O    doub N N 119 
GLU C   OXT  sing N N 120 
GLU CB  CG   sing N N 121 
GLU CB  HB2  sing N N 122 
GLU CB  HB3  sing N N 123 
GLU CG  CD   sing N N 124 
GLU CG  HG2  sing N N 125 
GLU CG  HG3  sing N N 126 
GLU CD  OE1  doub N N 127 
GLU CD  OE2  sing N N 128 
GLU OE2 HE2  sing N N 129 
GLU OXT HXT  sing N N 130 
GLY N   CA   sing N N 131 
GLY N   H    sing N N 132 
GLY N   H2   sing N N 133 
GLY CA  C    sing N N 134 
GLY CA  HA2  sing N N 135 
GLY CA  HA3  sing N N 136 
GLY C   O    doub N N 137 
GLY C   OXT  sing N N 138 
GLY OXT HXT  sing N N 139 
HIS N   CA   sing N N 140 
HIS N   H    sing N N 141 
HIS N   H2   sing N N 142 
HIS CA  C    sing N N 143 
HIS CA  CB   sing N N 144 
HIS CA  HA   sing N N 145 
HIS C   O    doub N N 146 
HIS C   OXT  sing N N 147 
HIS CB  CG   sing N N 148 
HIS CB  HB2  sing N N 149 
HIS CB  HB3  sing N N 150 
HIS CG  ND1  sing Y N 151 
HIS CG  CD2  doub Y N 152 
HIS ND1 CE1  doub Y N 153 
HIS ND1 HD1  sing N N 154 
HIS CD2 NE2  sing Y N 155 
HIS CD2 HD2  sing N N 156 
HIS CE1 NE2  sing Y N 157 
HIS CE1 HE1  sing N N 158 
HIS NE2 HE2  sing N N 159 
HIS OXT HXT  sing N N 160 
HOH O   H1   sing N N 161 
HOH O   H2   sing N N 162 
ILE N   CA   sing N N 163 
ILE N   H    sing N N 164 
ILE N   H2   sing N N 165 
ILE CA  C    sing N N 166 
ILE CA  CB   sing N N 167 
ILE CA  HA   sing N N 168 
ILE C   O    doub N N 169 
ILE C   OXT  sing N N 170 
ILE CB  CG1  sing N N 171 
ILE CB  CG2  sing N N 172 
ILE CB  HB   sing N N 173 
ILE CG1 CD1  sing N N 174 
ILE CG1 HG12 sing N N 175 
ILE CG1 HG13 sing N N 176 
ILE CG2 HG21 sing N N 177 
ILE CG2 HG22 sing N N 178 
ILE CG2 HG23 sing N N 179 
ILE CD1 HD11 sing N N 180 
ILE CD1 HD12 sing N N 181 
ILE CD1 HD13 sing N N 182 
ILE OXT HXT  sing N N 183 
LEU N   CA   sing N N 184 
LEU N   H    sing N N 185 
LEU N   H2   sing N N 186 
LEU CA  C    sing N N 187 
LEU CA  CB   sing N N 188 
LEU CA  HA   sing N N 189 
LEU C   O    doub N N 190 
LEU C   OXT  sing N N 191 
LEU CB  CG   sing N N 192 
LEU CB  HB2  sing N N 193 
LEU CB  HB3  sing N N 194 
LEU CG  CD1  sing N N 195 
LEU CG  CD2  sing N N 196 
LEU CG  HG   sing N N 197 
LEU CD1 HD11 sing N N 198 
LEU CD1 HD12 sing N N 199 
LEU CD1 HD13 sing N N 200 
LEU CD2 HD21 sing N N 201 
LEU CD2 HD22 sing N N 202 
LEU CD2 HD23 sing N N 203 
LEU OXT HXT  sing N N 204 
LYS N   CA   sing N N 205 
LYS N   H    sing N N 206 
LYS N   H2   sing N N 207 
LYS CA  C    sing N N 208 
LYS CA  CB   sing N N 209 
LYS CA  HA   sing N N 210 
LYS C   O    doub N N 211 
LYS C   OXT  sing N N 212 
LYS CB  CG   sing N N 213 
LYS CB  HB2  sing N N 214 
LYS CB  HB3  sing N N 215 
LYS CG  CD   sing N N 216 
LYS CG  HG2  sing N N 217 
LYS CG  HG3  sing N N 218 
LYS CD  CE   sing N N 219 
LYS CD  HD2  sing N N 220 
LYS CD  HD3  sing N N 221 
LYS CE  NZ   sing N N 222 
LYS CE  HE2  sing N N 223 
LYS CE  HE3  sing N N 224 
LYS NZ  HZ1  sing N N 225 
LYS NZ  HZ2  sing N N 226 
LYS NZ  HZ3  sing N N 227 
LYS OXT HXT  sing N N 228 
MET N   CA   sing N N 229 
MET N   H    sing N N 230 
MET N   H2   sing N N 231 
MET CA  C    sing N N 232 
MET CA  CB   sing N N 233 
MET CA  HA   sing N N 234 
MET C   O    doub N N 235 
MET C   OXT  sing N N 236 
MET CB  CG   sing N N 237 
MET CB  HB2  sing N N 238 
MET CB  HB3  sing N N 239 
MET CG  SD   sing N N 240 
MET CG  HG2  sing N N 241 
MET CG  HG3  sing N N 242 
MET SD  CE   sing N N 243 
MET CE  HE1  sing N N 244 
MET CE  HE2  sing N N 245 
MET CE  HE3  sing N N 246 
MET OXT HXT  sing N N 247 
PG4 O1  C1   sing N N 248 
PG4 O1  HO1  sing N N 249 
PG4 C1  C2   sing N N 250 
PG4 C1  H11  sing N N 251 
PG4 C1  H12  sing N N 252 
PG4 C2  O2   sing N N 253 
PG4 C2  H21  sing N N 254 
PG4 C2  H22  sing N N 255 
PG4 O2  C3   sing N N 256 
PG4 C3  C4   sing N N 257 
PG4 C3  H31  sing N N 258 
PG4 C3  H32  sing N N 259 
PG4 C4  O3   sing N N 260 
PG4 C4  H41  sing N N 261 
PG4 C4  H42  sing N N 262 
PG4 O3  C5   sing N N 263 
PG4 C5  C6   sing N N 264 
PG4 C5  H51  sing N N 265 
PG4 C5  H52  sing N N 266 
PG4 C6  O4   sing N N 267 
PG4 C6  H61  sing N N 268 
PG4 C6  H62  sing N N 269 
PG4 O4  C7   sing N N 270 
PG4 C7  C8   sing N N 271 
PG4 C7  H71  sing N N 272 
PG4 C7  H72  sing N N 273 
PG4 C8  O5   sing N N 274 
PG4 C8  H81  sing N N 275 
PG4 C8  H82  sing N N 276 
PG4 O5  HO5  sing N N 277 
PHE N   CA   sing N N 278 
PHE N   H    sing N N 279 
PHE N   H2   sing N N 280 
PHE CA  C    sing N N 281 
PHE CA  CB   sing N N 282 
PHE CA  HA   sing N N 283 
PHE C   O    doub N N 284 
PHE C   OXT  sing N N 285 
PHE CB  CG   sing N N 286 
PHE CB  HB2  sing N N 287 
PHE CB  HB3  sing N N 288 
PHE CG  CD1  doub Y N 289 
PHE CG  CD2  sing Y N 290 
PHE CD1 CE1  sing Y N 291 
PHE CD1 HD1  sing N N 292 
PHE CD2 CE2  doub Y N 293 
PHE CD2 HD2  sing N N 294 
PHE CE1 CZ   doub Y N 295 
PHE CE1 HE1  sing N N 296 
PHE CE2 CZ   sing Y N 297 
PHE CE2 HE2  sing N N 298 
PHE CZ  HZ   sing N N 299 
PHE OXT HXT  sing N N 300 
PRO N   CA   sing N N 301 
PRO N   CD   sing N N 302 
PRO N   H    sing N N 303 
PRO CA  C    sing N N 304 
PRO CA  CB   sing N N 305 
PRO CA  HA   sing N N 306 
PRO C   O    doub N N 307 
PRO C   OXT  sing N N 308 
PRO CB  CG   sing N N 309 
PRO CB  HB2  sing N N 310 
PRO CB  HB3  sing N N 311 
PRO CG  CD   sing N N 312 
PRO CG  HG2  sing N N 313 
PRO CG  HG3  sing N N 314 
PRO CD  HD2  sing N N 315 
PRO CD  HD3  sing N N 316 
PRO OXT HXT  sing N N 317 
THR N   CA   sing N N 318 
THR N   H    sing N N 319 
THR N   H2   sing N N 320 
THR CA  C    sing N N 321 
THR CA  CB   sing N N 322 
THR CA  HA   sing N N 323 
THR C   O    doub N N 324 
THR C   OXT  sing N N 325 
THR CB  OG1  sing N N 326 
THR CB  CG2  sing N N 327 
THR CB  HB   sing N N 328 
THR OG1 HG1  sing N N 329 
THR CG2 HG21 sing N N 330 
THR CG2 HG22 sing N N 331 
THR CG2 HG23 sing N N 332 
THR OXT HXT  sing N N 333 
TRP N   CA   sing N N 334 
TRP N   H    sing N N 335 
TRP N   H2   sing N N 336 
TRP CA  C    sing N N 337 
TRP CA  CB   sing N N 338 
TRP CA  HA   sing N N 339 
TRP C   O    doub N N 340 
TRP C   OXT  sing N N 341 
TRP CB  CG   sing N N 342 
TRP CB  HB2  sing N N 343 
TRP CB  HB3  sing N N 344 
TRP CG  CD1  doub Y N 345 
TRP CG  CD2  sing Y N 346 
TRP CD1 NE1  sing Y N 347 
TRP CD1 HD1  sing N N 348 
TRP CD2 CE2  doub Y N 349 
TRP CD2 CE3  sing Y N 350 
TRP NE1 CE2  sing Y N 351 
TRP NE1 HE1  sing N N 352 
TRP CE2 CZ2  sing Y N 353 
TRP CE3 CZ3  doub Y N 354 
TRP CE3 HE3  sing N N 355 
TRP CZ2 CH2  doub Y N 356 
TRP CZ2 HZ2  sing N N 357 
TRP CZ3 CH2  sing Y N 358 
TRP CZ3 HZ3  sing N N 359 
TRP CH2 HH2  sing N N 360 
TRP OXT HXT  sing N N 361 
TYR N   CA   sing N N 362 
TYR N   H    sing N N 363 
TYR N   H2   sing N N 364 
TYR CA  C    sing N N 365 
TYR CA  CB   sing N N 366 
TYR CA  HA   sing N N 367 
TYR C   O    doub N N 368 
TYR C   OXT  sing N N 369 
TYR CB  CG   sing N N 370 
TYR CB  HB2  sing N N 371 
TYR CB  HB3  sing N N 372 
TYR CG  CD1  doub Y N 373 
TYR CG  CD2  sing Y N 374 
TYR CD1 CE1  sing Y N 375 
TYR CD1 HD1  sing N N 376 
TYR CD2 CE2  doub Y N 377 
TYR CD2 HD2  sing N N 378 
TYR CE1 CZ   doub Y N 379 
TYR CE1 HE1  sing N N 380 
TYR CE2 CZ   sing Y N 381 
TYR CE2 HE2  sing N N 382 
TYR CZ  OH   sing N N 383 
TYR OH  HH   sing N N 384 
TYR OXT HXT  sing N N 385 
VAL N   CA   sing N N 386 
VAL N   H    sing N N 387 
VAL N   H2   sing N N 388 
VAL CA  C    sing N N 389 
VAL CA  CB   sing N N 390 
VAL CA  HA   sing N N 391 
VAL C   O    doub N N 392 
VAL C   OXT  sing N N 393 
VAL CB  CG1  sing N N 394 
VAL CB  CG2  sing N N 395 
VAL CB  HB   sing N N 396 
VAL CG1 HG11 sing N N 397 
VAL CG1 HG12 sing N N 398 
VAL CG1 HG13 sing N N 399 
VAL CG2 HG21 sing N N 400 
VAL CG2 HG22 sing N N 401 
VAL CG2 HG23 sing N N 402 
VAL OXT HXT  sing N N 403 
# 
loop_
_pdbx_audit_support.funding_organization 
_pdbx_audit_support.country 
_pdbx_audit_support.grant_number 
_pdbx_audit_support.ordinal 
'Agence Nationale de la Recherche (ANR)' France RC18114CC-NovoTarget 1 
'Agence Nationale de la Recherche (ANR)' France MAPKAssembly         2 
# 
loop_
_pdbx_entity_branch_list.entity_id 
_pdbx_entity_branch_list.comp_id 
_pdbx_entity_branch_list.num 
_pdbx_entity_branch_list.hetero 
2 GLC 1 n 
2 GLC 2 n 
# 
_pdbx_initial_refinement_model.id               1 
_pdbx_initial_refinement_model.entity_id_list   ? 
_pdbx_initial_refinement_model.type             'experimental model' 
_pdbx_initial_refinement_model.source_name      PDB 
_pdbx_initial_refinement_model.accession_code   7NYK 
_pdbx_initial_refinement_model.details          ? 
# 
_atom_sites.entry_id                    7NYL 
_atom_sites.Cartn_transf_matrix[1][1]   ? 
_atom_sites.Cartn_transf_matrix[1][2]   ? 
_atom_sites.Cartn_transf_matrix[1][3]   ? 
_atom_sites.Cartn_transf_matrix[2][1]   ? 
_atom_sites.Cartn_transf_matrix[2][2]   ? 
_atom_sites.Cartn_transf_matrix[2][3]   ? 
_atom_sites.Cartn_transf_matrix[3][1]   ? 
_atom_sites.Cartn_transf_matrix[3][2]   ? 
_atom_sites.Cartn_transf_matrix[3][3]   ? 
_atom_sites.Cartn_transf_vector[1]      ? 
_atom_sites.Cartn_transf_vector[2]      ? 
_atom_sites.Cartn_transf_vector[3]      ? 
_atom_sites.fract_transf_matrix[1][1]   0.03551987 
_atom_sites.fract_transf_matrix[1][2]   0.00093153 
_atom_sites.fract_transf_matrix[1][3]   0.00949707 
_atom_sites.fract_transf_matrix[2][1]   -0.00335215 
_atom_sites.fract_transf_matrix[2][2]   0.01888179 
_atom_sites.fract_transf_matrix[2][3]   0.01068528 
_atom_sites.fract_transf_matrix[3][1]   0.00078094 
_atom_sites.fract_transf_matrix[3][2]   -0.01093463 
_atom_sites.fract_transf_matrix[3][3]   0.01956742 
_atom_sites.fract_transf_vector[1]      -0.308863 
_atom_sites.fract_transf_vector[2]      0.132803 
_atom_sites.fract_transf_vector[3]      -0.252960 
_atom_sites.solution_primary            ? 
_atom_sites.solution_secondary          ? 
_atom_sites.solution_hydrogens          ? 
_atom_sites.special_details             ? 
# 
loop_
_atom_type.symbol 
_atom_type.pdbx_scat_Z 
_atom_type.pdbx_N_electrons 
_atom_type.scat_Cromer_Mann_a1 
_atom_type.scat_Cromer_Mann_b1 
_atom_type.scat_Cromer_Mann_a2 
_atom_type.scat_Cromer_Mann_b2 
_atom_type.scat_Cromer_Mann_a3 
_atom_type.scat_Cromer_Mann_b3 
_atom_type.scat_Cromer_Mann_a4 
_atom_type.scat_Cromer_Mann_b4 
_atom_type.scat_Cromer_Mann_c 
C 6  6  2.310  20.844 1.020 10.208 1.589 0.569  0.865 51.651 0.216   
H 1  1  0.493  10.511 0.323 26.126 0.140 3.142  0.041 57.800 0.003   
N 7  7  12.222 0.006  3.135 9.893  2.014 28.997 1.167 0.583  -11.538 
O 8  8  3.049  13.277 2.287 5.701  1.546 0.324  0.867 32.909 0.251   
S 16 16 6.905  1.468  5.203 22.215 1.438 0.254  1.586 56.172 1.049   
# 
loop_
_atom_site.group_PDB 
_atom_site.id 
_atom_site.type_symbol 
_atom_site.label_atom_id 
_atom_site.label_alt_id 
_atom_site.label_comp_id 
_atom_site.label_asym_id 
_atom_site.label_entity_id 
_atom_site.label_seq_id 
_atom_site.pdbx_PDB_ins_code 
_atom_site.Cartn_x 
_atom_site.Cartn_y 
_atom_site.Cartn_z 
_atom_site.occupancy 
_atom_site.B_iso_or_equiv 
_atom_site.pdbx_formal_charge 
_atom_site.auth_seq_id 
_atom_site.auth_comp_id 
_atom_site.auth_asym_id 
_atom_site.auth_atom_id 
_atom_site.pdbx_PDB_model_num 
_atom_site.calc_flag 
ATOM   1    N N   . GLN A 1 5  ? 7.394   16.229  -9.549  1.000 47.197 ? 491 GLN AAA N   1 ? 
ATOM   2    C CA  . GLN A 1 5  ? 6.570   15.347  -10.386 1.000 49.070 ? 491 GLN AAA CA  1 ? 
ATOM   3    C C   . GLN A 1 5  ? 5.112   15.370  -9.891  1.000 43.186 ? 491 GLN AAA C   1 ? 
ATOM   4    O O   . GLN A 1 5  ? 4.888   15.425  -8.674  1.000 42.248 ? 491 GLN AAA O   1 ? 
ATOM   5    C CB  . GLN A 1 5  ? 7.191   13.949  -10.369 1.000 54.647 ? 491 GLN AAA CB  1 ? 
ATOM   6    C CG  . GLN A 1 5  ? 6.563   12.985  -11.361 1.000 58.101 ? 491 GLN AAA CG  1 ? 
ATOM   7    C CD  . GLN A 1 5  ? 6.685   13.488  -12.778 1.000 59.225 ? 491 GLN AAA CD  1 ? 
ATOM   8    O OE1 . GLN A 1 5  ? 7.794   13.664  -13.277 1.000 54.452 ? 491 GLN AAA OE1 1 ? 
ATOM   9    N NE2 . GLN A 1 5  ? 5.548   13.753  -13.417 1.000 56.305 ? 491 GLN AAA NE2 1 ? 
ATOM   10   N N   . THR A 1 6  ? 4.156   15.360  -10.808 1.000 39.548 ? 492 THR AAA N   1 ? 
ATOM   11   C CA  . THR A 1 6  ? 2.711   15.435  -10.496 1.000 38.117 ? 492 THR AAA CA  1 ? 
ATOM   12   C C   . THR A 1 6  ? 2.110   14.058  -10.742 1.000 34.847 ? 492 THR AAA C   1 ? 
ATOM   13   O O   . THR A 1 6  ? 2.555   13.347  -11.673 1.000 30.147 ? 492 THR AAA O   1 ? 
ATOM   14   C CB  . THR A 1 6  ? 2.003   16.529  -11.304 1.000 39.204 ? 492 THR AAA CB  1 ? 
ATOM   15   O OG1 . THR A 1 6  ? 2.443   16.409  -12.651 1.000 37.835 ? 492 THR AAA OG1 1 ? 
ATOM   16   C CG2 . THR A 1 6  ? 2.315   17.911  -10.774 1.000 42.745 ? 492 THR AAA CG2 1 ? 
ATOM   17   N N   . ALA A 1 7  ? 1.111   13.708  -9.951  1.000 31.050 ? 493 ALA AAA N   1 ? 
ATOM   18   C CA  . ALA A 1 7  ? 0.518   12.370  -10.020 1.000 31.433 ? 493 ALA AAA CA  1 ? 
ATOM   19   C C   . ALA A 1 7  ? -0.946  12.426  -9.600  1.000 29.564 ? 493 ALA AAA C   1 ? 
ATOM   20   O O   . ALA A 1 7  ? -1.417  13.477  -9.144  1.000 29.545 ? 493 ALA AAA O   1 ? 
ATOM   21   C CB  . ALA A 1 7  ? 1.343   11.450  -9.148  1.000 34.324 ? 493 ALA AAA CB  1 ? 
ATOM   22   N N   . ARG A 1 8  ? -1.619  11.298  -9.744  1.000 28.972 ? 494 ARG AAA N   1 ? 
ATOM   23   C CA  . ARG A 1 8  ? -3.070  11.158  -9.502  1.000 34.407 ? 494 ARG AAA CA  1 ? 
ATOM   24   C C   . ARG A 1 8  ? -3.278  9.826   -8.791  1.000 31.165 ? 494 ARG AAA C   1 ? 
ATOM   25   O O   . ARG A 1 8  ? -2.749  8.820   -9.277  1.000 30.265 ? 494 ARG AAA O   1 ? 
ATOM   26   C CB  . ARG A 1 8  ? -3.831  11.200  -10.829 1.000 41.517 ? 494 ARG AAA CB  1 ? 
ATOM   27   C CG  . ARG A 1 8  ? -5.345  11.213  -10.681 1.000 50.557 ? 494 ARG AAA CG  1 ? 
ATOM   28   C CD  . ARG A 1 8  ? -6.064  11.354  -12.009 1.000 57.802 ? 494 ARG AAA CD  1 ? 
ATOM   29   N NE  . ARG A 1 8  ? -6.211  10.063  -12.680 1.000 60.476 ? 494 ARG AAA NE  1 ? 
ATOM   30   C CZ  . ARG A 1 8  ? -5.465  9.622   -13.696 1.000 65.246 ? 494 ARG AAA CZ  1 ? 
ATOM   31   N NH1 . ARG A 1 8  ? -4.488  10.362  -14.204 1.000 62.085 ? 494 ARG AAA NH1 1 ? 
ATOM   32   N NH2 . ARG A 1 8  ? -5.707  8.424   -14.203 1.000 67.089 ? 494 ARG AAA NH2 1 ? 
ATOM   33   N N   . ALA A 1 9  ? -3.963  9.841   -7.653  1.000 31.240 ? 495 ALA AAA N   1 ? 
ATOM   34   C CA  . ALA A 1 9  ? -4.237  8.608   -6.886  1.000 29.763 ? 495 ALA AAA CA  1 ? 
ATOM   35   C C   . ALA A 1 9  ? -5.151  7.754   -7.764  1.000 29.137 ? 495 ALA AAA C   1 ? 
ATOM   36   O O   . ALA A 1 9  ? -6.141  8.292   -8.239  1.000 28.975 ? 495 ALA AAA O   1 ? 
ATOM   37   C CB  . ALA A 1 9  ? -4.842  8.933   -5.541  1.000 29.800 ? 495 ALA AAA CB  1 ? 
ATOM   38   N N   . ILE A 1 10 ? -4.793  6.490   -8.002  1.000 31.079 ? 496 ILE AAA N   1 ? 
ATOM   39   C CA  . ILE A 1 10 ? -5.592  5.558   -8.847  1.000 33.094 ? 496 ILE AAA CA  1 ? 
ATOM   40   C C   . ILE A 1 10 ? -6.368  4.618   -7.922  1.000 32.233 ? 496 ILE AAA C   1 ? 
ATOM   41   O O   . ILE A 1 10 ? -7.173  3.867   -8.418  1.000 30.585 ? 496 ILE AAA O   1 ? 
ATOM   42   C CB  . ILE A 1 10 ? -4.691  4.819   -9.863  1.000 33.866 ? 496 ILE AAA CB  1 ? 
ATOM   43   C CG1 . ILE A 1 10 ? -3.686  3.868   -9.205  1.000 36.017 ? 496 ILE AAA CG1 1 ? 
ATOM   44   C CG2 . ILE A 1 10 ? -3.977  5.809   -10.781 1.000 34.987 ? 496 ILE AAA CG2 1 ? 
ATOM   45   C CD1 . ILE A 1 10 ? -2.977  2.974   -10.189 1.000 34.285 ? 496 ILE AAA CD1 1 ? 
ATOM   46   N N   . PHE A 1 11 ? -6.076  4.619   -6.622  1.000 33.173 ? 497 PHE AAA N   1 ? 
ATOM   47   C CA  . PHE A 1 11 ? -6.822  3.832   -5.604  1.000 34.010 ? 497 PHE AAA CA  1 ? 
ATOM   48   C C   . PHE A 1 11 ? -6.858  4.635   -4.302  1.000 29.222 ? 497 PHE AAA C   1 ? 
ATOM   49   O O   . PHE A 1 11 ? -5.947  5.436   -4.045  1.000 25.495 ? 497 PHE AAA O   1 ? 
ATOM   50   C CB  . PHE A 1 11 ? -6.203  2.439   -5.384  1.000 34.129 ? 497 PHE AAA CB  1 ? 
ATOM   51   C CG  . PHE A 1 11 ? -7.196  1.358   -5.017  1.000 36.161 ? 497 PHE AAA CG  1 ? 
ATOM   52   C CD1 . PHE A 1 11 ? -8.146  0.927   -5.931  1.000 39.462 ? 497 PHE AAA CD1 1 ? 
ATOM   53   C CD2 . PHE A 1 11 ? -7.175  0.751   -3.770  1.000 38.053 ? 497 PHE AAA CD2 1 ? 
ATOM   54   C CE1 . PHE A 1 11 ? -9.059  -0.067  -5.601  1.000 40.569 ? 497 PHE AAA CE1 1 ? 
ATOM   55   C CE2 . PHE A 1 11 ? -8.075  -0.253  -3.443  1.000 41.517 ? 497 PHE AAA CE2 1 ? 
ATOM   56   C CZ  . PHE A 1 11 ? -9.024  -0.656  -4.357  1.000 42.058 ? 497 PHE AAA CZ  1 ? 
ATOM   57   N N   . ARG A 1 12 ? -7.909  4.413   -3.526  1.000 30.014 ? 498 ARG AAA N   1 ? 
ATOM   58   C CA  . ARG A 1 12 ? -8.081  4.979   -2.172  1.000 30.890 ? 498 ARG AAA CA  1 ? 
ATOM   59   C C   . ARG A 1 12 ? -7.007  4.378   -1.252  1.000 29.104 ? 498 ARG AAA C   1 ? 
ATOM   60   O O   . ARG A 1 12 ? -6.797  3.145   -1.285  1.000 25.316 ? 498 ARG AAA O   1 ? 
ATOM   61   C CB  . ARG A 1 12 ? -9.485  4.685   -1.648  1.000 33.524 ? 498 ARG AAA CB  1 ? 
ATOM   62   C CG  . ARG A 1 12 ? -9.749  5.292   -0.278  1.000 35.337 ? 498 ARG AAA CG  1 ? 
ATOM   63   C CD  . ARG A 1 12 ? -11.235 5.570   -0.095  1.000 43.041 ? 498 ARG AAA CD  1 ? 
ATOM   64   N NE  . ARG A 1 12 ? -11.765 5.173   1.201   1.000 49.364 ? 498 ARG AAA NE  1 ? 
ATOM   65   C CZ  . ARG A 1 12 ? -11.901 5.964   2.266   1.000 58.489 ? 498 ARG AAA CZ  1 ? 
ATOM   66   N NH1 . ARG A 1 12 ? -11.564 7.245   2.215   1.000 60.737 ? 498 ARG AAA NH1 1 ? 
ATOM   67   N NH2 . ARG A 1 12 ? -12.409 5.464   3.384   1.000 59.923 ? 498 ARG AAA NH2 1 ? 
ATOM   68   N N   . PHE A 1 13 ? -6.334  5.237   -0.480  1.000 26.806 ? 499 PHE AAA N   1 ? 
ATOM   69   C CA  . PHE A 1 13 ? -5.311  4.852   0.519   1.000 24.458 ? 499 PHE AAA CA  1 ? 
ATOM   70   C C   . PHE A 1 13 ? -5.685  5.452   1.873   1.000 22.482 ? 499 PHE AAA C   1 ? 
ATOM   71   O O   . PHE A 1 13 ? -5.835  6.669   1.978   1.000 21.861 ? 499 PHE AAA O   1 ? 
ATOM   72   C CB  . PHE A 1 13 ? -3.911  5.266   0.052   1.000 24.343 ? 499 PHE AAA CB  1 ? 
ATOM   73   C CG  . PHE A 1 13 ? -2.845  4.835   1.015   1.000 23.359 ? 499 PHE AAA CG  1 ? 
ATOM   74   C CD1 . PHE A 1 13 ? -2.600  3.483   1.222   1.000 24.594 ? 499 PHE AAA CD1 1 ? 
ATOM   75   C CD2 . PHE A 1 13 ? -2.164  5.760   1.791   1.000 23.008 ? 499 PHE AAA CD2 1 ? 
ATOM   76   C CE1 . PHE A 1 13 ? -1.648  3.078   2.147   1.000 25.099 ? 499 PHE AAA CE1 1 ? 
ATOM   77   C CE2 . PHE A 1 13 ? -1.229  5.351   2.728   1.000 23.219 ? 499 PHE AAA CE2 1 ? 
ATOM   78   C CZ  . PHE A 1 13 ? -0.977  4.013   2.910   1.000 24.082 ? 499 PHE AAA CZ  1 ? 
ATOM   79   N N   . VAL A 1 14 ? -5.887  4.596   2.865   1.000 21.196 ? 500 VAL AAA N   1 ? 
ATOM   80   C CA  . VAL A 1 14 ? -6.179  4.976   4.270   1.000 24.047 ? 500 VAL AAA CA  1 ? 
ATOM   81   C C   . VAL A 1 14 ? -4.907  4.687   5.037   1.000 25.484 ? 500 VAL AAA C   1 ? 
ATOM   82   O O   . VAL A 1 14 ? -4.476  3.538   5.048   1.000 26.219 ? 500 VAL AAA O   1 ? 
ATOM   83   C CB  . VAL A 1 14 ? -7.371  4.198   4.866   1.000 24.882 ? 500 VAL AAA CB  1 ? 
ATOM   84   C CG1 . VAL A 1 14 ? -7.610  4.594   6.310   1.000 23.683 ? 500 VAL AAA CG1 1 ? 
ATOM   85   C CG2 . VAL A 1 14 ? -8.633  4.379   4.046   1.000 26.202 ? 500 VAL AAA CG2 1 ? 
ATOM   86   N N   . PRO A 1 15 ? -4.260  5.701   5.659   1.000 27.460 ? 501 PRO AAA N   1 ? 
ATOM   87   C CA  . PRO A 1 15 ? -3.065  5.459   6.460   1.000 28.848 ? 501 PRO AAA CA  1 ? 
ATOM   88   C C   . PRO A 1 15 ? -3.313  4.444   7.587   1.000 28.474 ? 501 PRO AAA C   1 ? 
ATOM   89   O O   . PRO A 1 15 ? -4.437  4.374   8.105   1.000 28.589 ? 501 PRO AAA O   1 ? 
ATOM   90   C CB  . PRO A 1 15 ? -2.748  6.832   7.044   1.000 30.325 ? 501 PRO AAA CB  1 ? 
ATOM   91   C CG  . PRO A 1 15 ? -3.301  7.781   6.017   1.000 31.191 ? 501 PRO AAA CG  1 ? 
ATOM   92   C CD  . PRO A 1 15 ? -4.594  7.134   5.577   1.000 29.326 ? 501 PRO AAA CD  1 ? 
ATOM   93   N N   . ARG A 1 16 ? -2.280  3.660   7.887   1.000 26.421 ? 502 ARG AAA N   1 ? 
ATOM   94   C CA  . ARG A 1 16 ? -2.185  2.866   9.138   1.000 29.689 ? 502 ARG AAA CA  1 ? 
ATOM   95   C C   . ARG A 1 16 ? -1.130  3.515   10.042  1.000 27.934 ? 502 ARG AAA C   1 ? 
ATOM   96   O O   . ARG A 1 16 ? -1.121  3.235   11.216  1.000 29.004 ? 502 ARG AAA O   1 ? 
ATOM   97   C CB  . ARG A 1 16 ? -1.855  1.398   8.829   1.000 33.570 ? 502 ARG AAA CB  1 ? 
ATOM   98   C CG  . ARG A 1 16 ? -2.284  0.438   9.930   1.000 34.998 ? 502 ARG AAA CG  1 ? 
ATOM   99   C CD  . ARG A 1 16 ? -2.487  -0.987  9.454   1.000 36.106 ? 502 ARG AAA CD  1 ? 
ATOM   100  N NE  . ARG A 1 16 ? -2.811  -1.896  10.557  1.000 38.929 ? 502 ARG AAA NE  1 ? 
ATOM   101  C CZ  . ARG A 1 16 ? -4.019  -2.417  10.810  1.000 38.180 ? 502 ARG AAA CZ  1 ? 
ATOM   102  N NH1 . ARG A 1 16 ? -5.063  -2.154  10.043  1.000 37.402 ? 502 ARG AAA NH1 1 ? 
ATOM   103  N NH2 . ARG A 1 16 ? -4.173  -3.218  11.844  1.000 41.050 ? 502 ARG AAA NH2 1 ? 
ATOM   104  N N   . HIS A 1 17 ? -0.259  4.347   9.481   1.000 26.666 ? 503 HIS AAA N   1 ? 
ATOM   105  C CA  . HIS A 1 17 ? 0.908   4.973   10.150  1.000 24.973 ? 503 HIS AAA CA  1 ? 
ATOM   106  C C   . HIS A 1 17 ? 0.725   6.494   10.098  1.000 26.751 ? 503 HIS AAA C   1 ? 
ATOM   107  O O   . HIS A 1 17 ? 0.065   6.993   9.148   1.000 25.804 ? 503 HIS AAA O   1 ? 
ATOM   108  C CB  . HIS A 1 17 ? 2.217   4.475   9.505   1.000 25.451 ? 503 HIS AAA CB  1 ? 
ATOM   109  C CG  . HIS A 1 17 ? 2.285   2.980   9.380   1.000 24.597 ? 503 HIS AAA CG  1 ? 
ATOM   110  N ND1 . HIS A 1 17 ? 1.953   2.306   8.218   1.000 24.390 ? 503 HIS AAA ND1 1 ? 
ATOM   111  C CD2 . HIS A 1 17 ? 2.564   2.021   10.284  1.000 24.978 ? 503 HIS AAA CD2 1 ? 
ATOM   112  C CE1 . HIS A 1 17 ? 2.036   1.013   8.420   1.000 24.922 ? 503 HIS AAA CE1 1 ? 
ATOM   113  N NE2 . HIS A 1 17 ? 2.417   0.809   9.669   1.000 25.138 ? 503 HIS AAA NE2 1 ? 
ATOM   114  N N   . GLU A 1 18 ? 1.245   7.202   11.101  1.000 26.445 ? 504 GLU AAA N   1 ? 
ATOM   115  C CA  . GLU A 1 18 ? 1.016   8.659   11.291  1.000 27.926 ? 504 GLU AAA CA  1 ? 
ATOM   116  C C   . GLU A 1 18 ? 1.737   9.441   10.184  1.000 26.465 ? 504 GLU AAA C   1 ? 
ATOM   117  O O   . GLU A 1 18 ? 1.211   10.496  9.799   1.000 26.887 ? 504 GLU AAA O   1 ? 
ATOM   118  C CB  . GLU A 1 18 ? 1.445   9.108   12.690  1.000 28.882 ? 504 GLU AAA CB  1 ? 
ATOM   119  C CG  . GLU A 1 18 ? 1.250   10.602  12.916  1.000 35.068 ? 504 GLU AAA CG  1 ? 
ATOM   120  C CD  . GLU A 1 18 ? 1.810   11.183  14.210  1.000 40.784 ? 504 GLU AAA CD  1 ? 
ATOM   121  O OE1 . GLU A 1 18 ? 1.066   11.060  15.237  1.000 38.798 ? 504 GLU AAA OE1 1 ? 
ATOM   122  O OE2 . GLU A 1 18 ? 2.988   11.749  14.199  1.000 33.887 ? 504 GLU AAA OE2 1 ? 
ATOM   123  N N   . ASP A 1 19 ? 2.879   8.951   9.678   1.000 24.895 ? 505 ASP AAA N   1 ? 
ATOM   124  C CA  . ASP A 1 19 ? 3.684   9.636   8.623   1.000 25.642 ? 505 ASP AAA CA  1 ? 
ATOM   125  C C   . ASP A 1 19 ? 3.022   9.477   7.239   1.000 25.235 ? 505 ASP AAA C   1 ? 
ATOM   126  O O   . ASP A 1 19 ? 3.556   10.007  6.249   1.000 21.891 ? 505 ASP AAA O   1 ? 
ATOM   127  C CB  . ASP A 1 19 ? 5.116   9.111   8.585   1.000 24.317 ? 505 ASP AAA CB  1 ? 
ATOM   128  C CG  . ASP A 1 19 ? 5.213   7.608   8.371   1.000 29.765 ? 505 ASP AAA CG  1 ? 
ATOM   129  O OD1 . ASP A 1 19 ? 4.194   6.877   8.616   1.000 32.587 ? 505 ASP AAA OD1 1 ? 
ATOM   130  O OD2 . ASP A 1 19 ? 6.309   7.160   7.976   1.000 32.738 ? 505 ASP AAA OD2 1 ? 
ATOM   131  N N   . GLU A 1 20 ? 1.875   8.797   7.149   1.000 25.822 ? 506 GLU AAA N   1 ? 
ATOM   132  C CA  . GLU A 1 20 ? 1.262   8.483   5.833   1.000 28.018 ? 506 GLU AAA CA  1 ? 
ATOM   133  C C   . GLU A 1 20 ? 0.260   9.559   5.425   1.000 29.714 ? 506 GLU AAA C   1 ? 
ATOM   134  O O   . GLU A 1 20 ? -0.217  10.320  6.286   1.000 33.090 ? 506 GLU AAA O   1 ? 
ATOM   135  C CB  . GLU A 1 20 ? 0.596   7.112   5.843   1.000 25.995 ? 506 GLU AAA CB  1 ? 
ATOM   136  C CG  . GLU A 1 20 ? 1.598   5.983   5.677   1.000 24.231 ? 506 GLU AAA CG  1 ? 
ATOM   137  C CD  . GLU A 1 20 ? 1.084   4.652   6.142   1.000 23.381 ? 506 GLU AAA CD  1 ? 
ATOM   138  O OE1 . GLU A 1 20 ? -0.085  4.558   6.629   1.000 21.139 ? 506 GLU AAA OE1 1 ? 
ATOM   139  O OE2 . GLU A 1 20 ? 1.866   3.727   6.016   1.000 26.678 ? 506 GLU AAA OE2 1 ? 
ATOM   140  N N   . LEU A 1 21 ? -0.027  9.566   4.130   1.000 32.739 ? 507 LEU AAA N   1 ? 
ATOM   141  C CA  . LEU A 1 21 ? -0.922  10.513  3.424   1.000 33.787 ? 507 LEU AAA CA  1 ? 
ATOM   142  C C   . LEU A 1 21 ? -2.204  9.780   3.017   1.000 33.877 ? 507 LEU AAA C   1 ? 
ATOM   143  O O   . LEU A 1 21 ? -2.096  8.776   2.300   1.000 34.997 ? 507 LEU AAA O   1 ? 
ATOM   144  C CB  . LEU A 1 21 ? -0.169  11.026  2.189   1.000 31.614 ? 507 LEU AAA CB  1 ? 
ATOM   145  C CG  . LEU A 1 21 ? -0.838  12.200  1.481   1.000 33.705 ? 507 LEU AAA CG  1 ? 
ATOM   146  C CD1 . LEU A 1 21 ? -1.143  13.320  2.444   1.000 33.955 ? 507 LEU AAA CD1 1 ? 
ATOM   147  C CD2 . LEU A 1 21 ? 0.016   12.723  0.345   1.000 35.137 ? 507 LEU AAA CD2 1 ? 
ATOM   148  N N   . GLU A 1 22 ? -3.362  10.271  3.445   1.000 29.776 ? 508 GLU AAA N   1 ? 
ATOM   149  C CA  . GLU A 1 22 ? -4.686  9.787   2.976   1.000 30.262 ? 508 GLU AAA CA  1 ? 
ATOM   150  C C   . GLU A 1 22 ? -4.929  10.206  1.512   1.000 27.857 ? 508 GLU AAA C   1 ? 
ATOM   151  O O   . GLU A 1 22 ? -4.766  11.386  1.187   1.000 25.731 ? 508 GLU AAA O   1 ? 
ATOM   152  C CB  . GLU A 1 22 ? -5.759  10.321  3.918   1.000 33.060 ? 508 GLU AAA CB  1 ? 
ATOM   153  C CG  . GLU A 1 22 ? -7.095  9.669   3.741   1.000 37.587 ? 508 GLU AAA CG  1 ? 
ATOM   154  C CD  . GLU A 1 22 ? -7.908  9.601   5.023   1.000 47.637 ? 508 GLU AAA CD  1 ? 
ATOM   155  O OE1 . GLU A 1 22 ? -8.826  8.737   5.085   1.000 55.829 ? 508 GLU AAA OE1 1 ? 
ATOM   156  O OE2 . GLU A 1 22 ? -7.625  10.392  5.965   1.000 50.712 ? 508 GLU AAA OE2 1 ? 
ATOM   157  N N   . LEU A 1 23 ? -5.277  9.250   0.655   1.000 24.282 ? 509 LEU AAA N   1 ? 
ATOM   158  C CA  . LEU A 1 23 ? -5.600  9.463   -0.782  1.000 23.235 ? 509 LEU AAA CA  1 ? 
ATOM   159  C C   . LEU A 1 23 ? -7.048  9.047   -1.074  1.000 25.267 ? 509 LEU AAA C   1 ? 
ATOM   160  O O   . LEU A 1 23 ? -7.483  7.993   -0.606  1.000 23.465 ? 509 LEU AAA O   1 ? 
ATOM   161  C CB  . LEU A 1 23 ? -4.667  8.637   -1.651  1.000 21.995 ? 509 LEU AAA CB  1 ? 
ATOM   162  C CG  . LEU A 1 23 ? -3.167  8.823   -1.441  1.000 21.915 ? 509 LEU AAA CG  1 ? 
ATOM   163  C CD1 . LEU A 1 23 ? -2.430  8.028   -2.503  1.000 22.037 ? 509 LEU AAA CD1 1 ? 
ATOM   164  C CD2 . LEU A 1 23 ? -2.756  10.272  -1.510  1.000 21.387 ? 509 LEU AAA CD2 1 ? 
ATOM   165  N N   . GLU A 1 24 ? -7.761  9.863   -1.848  0.990 28.987 ? 510 GLU AAA N   1 ? 
ATOM   166  C CA  . GLU A 1 24 ? -9.018  9.467   -2.537  0.990 32.102 ? 510 GLU AAA CA  1 ? 
ATOM   167  C C   . GLU A 1 24 ? -8.681  9.284   -4.017  0.990 30.348 ? 510 GLU AAA C   1 ? 
ATOM   168  O O   . GLU A 1 24 ? -7.699  9.914   -4.503  0.990 29.561 ? 510 GLU AAA O   1 ? 
ATOM   169  C CB  . GLU A 1 24 ? -10.107 10.522  -2.357  0.990 35.938 ? 510 GLU AAA CB  1 ? 
ATOM   170  C CG  . GLU A 1 24 ? -10.537 10.719  -0.924  0.990 40.360 ? 510 GLU AAA CG  1 ? 
ATOM   171  C CD  . GLU A 1 24 ? -11.248 9.530   -0.321  0.990 49.119 ? 510 GLU AAA CD  1 ? 
ATOM   172  O OE1 . GLU A 1 24 ? -11.894 8.783   -1.078  0.990 52.920 ? 510 GLU AAA OE1 1 ? 
ATOM   173  O OE2 . GLU A 1 24 ? -11.110 9.325   0.910   0.990 64.690 ? 510 GLU AAA OE2 1 ? 
ATOM   174  N N   . VAL A 1 25 ? -9.437  8.433   -4.695  1.000 29.777 ? 511 VAL AAA N   1 ? 
ATOM   175  C CA  . VAL A 1 25 ? -9.277  8.207   -6.155  1.000 34.097 ? 511 VAL AAA CA  1 ? 
ATOM   176  C C   . VAL A 1 25 ? -9.321  9.571   -6.851  1.000 34.897 ? 511 VAL AAA C   1 ? 
ATOM   177  O O   . VAL A 1 25 ? -10.276 10.321  -6.614  1.000 30.399 ? 511 VAL AAA O   1 ? 
ATOM   178  C CB  . VAL A 1 25 ? -10.328 7.240   -6.723  1.000 34.216 ? 511 VAL AAA CB  1 ? 
ATOM   179  C CG1 . VAL A 1 25 ? -10.289 7.249   -8.241  1.000 34.900 ? 511 VAL AAA CG1 1 ? 
ATOM   180  C CG2 . VAL A 1 25 ? -10.128 5.828   -6.189  1.000 37.344 ? 511 VAL AAA CG2 1 ? 
ATOM   181  N N   . ASP A 1 26 ? -8.254  9.883   -7.596  1.000 38.358 ? 512 ASP AAA N   1 ? 
ATOM   182  C CA  . ASP A 1 26 ? -8.150  11.022  -8.545  1.000 39.933 ? 512 ASP AAA CA  1 ? 
ATOM   183  C C   . ASP A 1 26 ? -7.623  12.255  -7.821  1.000 37.609 ? 512 ASP AAA C   1 ? 
ATOM   184  O O   . ASP A 1 26 ? -7.621  13.320  -8.459  1.000 35.290 ? 512 ASP AAA O   1 ? 
ATOM   185  C CB  . ASP A 1 26 ? -9.486  11.314  -9.239  1.000 46.753 ? 512 ASP AAA CB  1 ? 
ATOM   186  C CG  . ASP A 1 26 ? -9.858  10.289  -10.293 1.000 48.398 ? 512 ASP AAA CG  1 ? 
ATOM   187  O OD1 . ASP A 1 26 ? -8.951  9.898   -11.056 1.000 49.086 ? 512 ASP AAA OD1 1 ? 
ATOM   188  O OD2 . ASP A 1 26 ? -11.045 9.890   -10.328 1.000 47.977 ? 512 ASP AAA OD2 1 ? 
ATOM   189  N N   . ASP A 1 27 ? -7.165  12.131  -6.566  1.000 33.968 ? 513 ASP AAA N   1 ? 
ATOM   190  C CA  . ASP A 1 27 ? -6.537  13.272  -5.853  1.000 30.922 ? 513 ASP AAA CA  1 ? 
ATOM   191  C C   . ASP A 1 27 ? -5.289  13.687  -6.628  1.000 26.276 ? 513 ASP AAA C   1 ? 
ATOM   192  O O   . ASP A 1 27 ? -4.489  12.844  -6.998  1.000 21.423 ? 513 ASP AAA O   1 ? 
ATOM   193  C CB  . ASP A 1 27 ? -6.203  12.927  -4.402  1.000 33.059 ? 513 ASP AAA CB  1 ? 
ATOM   194  C CG  . ASP A 1 27 ? -7.409  12.970  -3.482  1.000 34.826 ? 513 ASP AAA CG  1 ? 
ATOM   195  O OD1 . ASP A 1 27 ? -8.507  13.356  -3.963  1.000 34.097 ? 513 ASP AAA OD1 1 ? 
ATOM   196  O OD2 . ASP A 1 27 ? -7.244  12.624  -2.284  1.000 35.249 ? 513 ASP AAA OD2 1 ? 
ATOM   197  N N   . PRO A 1 28 ? -5.135  14.979  -6.991  1.000 26.095 ? 514 PRO AAA N   1 ? 
ATOM   198  C CA  . PRO A 1 28 ? -3.889  15.464  -7.575  1.000 26.499 ? 514 PRO AAA CA  1 ? 
ATOM   199  C C   . PRO A 1 28 ? -2.856  15.598  -6.445  1.000 26.295 ? 514 PRO AAA C   1 ? 
ATOM   200  O O   . PRO A 1 28 ? -3.190  16.072  -5.343  1.000 24.316 ? 514 PRO AAA O   1 ? 
ATOM   201  C CB  . PRO A 1 28 ? -4.220  16.826  -8.230  1.000 24.954 ? 514 PRO AAA CB  1 ? 
ATOM   202  C CG  . PRO A 1 28 ? -5.498  17.279  -7.510  1.000 26.629 ? 514 PRO AAA CG  1 ? 
ATOM   203  C CD  . PRO A 1 28 ? -6.148  16.046  -6.904  1.000 27.142 ? 514 PRO AAA CD  1 ? 
ATOM   204  N N   . LEU A 1 29 ? -1.638  15.157  -6.757  1.000 24.070 ? 515 LEU AAA N   1 ? 
ATOM   205  C CA  . LEU A 1 29 ? -0.519  15.062  -5.805  1.000 25.882 ? 515 LEU AAA CA  1 ? 
ATOM   206  C C   . LEU A 1 29 ? 0.701   15.699  -6.449  1.000 24.963 ? 515 LEU AAA C   1 ? 
ATOM   207  O O   . LEU A 1 29 ? 0.830   15.587  -7.698  1.000 24.286 ? 515 LEU AAA O   1 ? 
ATOM   208  C CB  . LEU A 1 29 ? -0.271  13.589  -5.481  1.000 24.492 ? 515 LEU AAA CB  1 ? 
ATOM   209  C CG  . LEU A 1 29 ? -1.528  12.769  -5.203  1.000 25.080 ? 515 LEU AAA CG  1 ? 
ATOM   210  C CD1 . LEU A 1 29 ? -1.206  11.277  -5.243  1.000 24.740 ? 515 LEU AAA CD1 1 ? 
ATOM   211  C CD2 . LEU A 1 29 ? -2.211  13.181  -3.892  1.000 24.845 ? 515 LEU AAA CD2 1 ? 
ATOM   212  N N   . LEU A 1 30 ? 1.490   16.393  -5.632  1.000 27.405 ? 516 LEU AAA N   1 ? 
ATOM   213  C CA  . LEU A 1 30 ? 2.926   16.662  -5.924  1.000 32.885 ? 516 LEU AAA CA  1 ? 
ATOM   214  C C   . LEU A 1 30 ? 3.751   15.613  -5.168  1.000 33.592 ? 516 LEU AAA C   1 ? 
ATOM   215  O O   . LEU A 1 30 ? 3.493   15.410  -3.960  1.000 34.286 ? 516 LEU AAA O   1 ? 
ATOM   216  C CB  . LEU A 1 30 ? 3.327   18.064  -5.468  1.000 36.023 ? 516 LEU AAA CB  1 ? 
ATOM   217  C CG  . LEU A 1 30 ? 2.430   19.221  -5.890  1.000 39.513 ? 516 LEU AAA CG  1 ? 
ATOM   218  C CD1 . LEU A 1 30 ? 3.024   20.515  -5.364  1.000 40.134 ? 516 LEU AAA CD1 1 ? 
ATOM   219  C CD2 . LEU A 1 30 ? 2.278   19.273  -7.405  1.000 44.818 ? 516 LEU AAA CD2 1 ? 
ATOM   220  N N   . VAL A 1 31 ? 4.730   15.025  -5.842  1.000 32.067 ? 517 VAL AAA N   1 ? 
ATOM   221  C CA  . VAL A 1 31 ? 5.253   13.679  -5.524  1.000 33.549 ? 517 VAL AAA CA  1 ? 
ATOM   222  C C   . VAL A 1 31 ? 6.772   13.654  -5.770  1.000 35.626 ? 517 VAL AAA C   1 ? 
ATOM   223  O O   . VAL A 1 31 ? 7.215   14.202  -6.798  1.000 28.438 ? 517 VAL AAA O   1 ? 
ATOM   224  C CB  . VAL A 1 31 ? 4.445   12.728  -6.410  1.000 34.061 ? 517 VAL AAA CB  1 ? 
ATOM   225  C CG1 . VAL A 1 31 ? 5.311   11.828  -7.252  1.000 35.555 ? 517 VAL AAA CG1 1 ? 
ATOM   226  C CG2 . VAL A 1 31 ? 3.389   11.982  -5.623  1.000 33.115 ? 517 VAL AAA CG2 1 ? 
ATOM   227  N N   . GLU A 1 32 ? 7.545   13.099  -4.823  1.000 37.080 ? 518 GLU AAA N   1 ? 
ATOM   228  C CA  . GLU A 1 32 ? 8.934   12.632  -5.052  1.000 40.335 ? 518 GLU AAA CA  1 ? 
ATOM   229  C C   . GLU A 1 32 ? 9.020   11.132  -4.725  1.000 40.018 ? 518 GLU AAA C   1 ? 
ATOM   230  O O   . GLU A 1 32 ? 8.813   10.739  -3.566  1.000 35.745 ? 518 GLU AAA O   1 ? 
ATOM   231  C CB  . GLU A 1 32 ? 9.942   13.448  -4.250  1.000 48.503 ? 518 GLU AAA CB  1 ? 
ATOM   232  C CG  . GLU A 1 32 ? 11.385  13.162  -4.671  1.000 53.366 ? 518 GLU AAA CG  1 ? 
ATOM   233  C CD  . GLU A 1 32 ? 12.500  13.922  -3.955  1.000 64.466 ? 518 GLU AAA CD  1 ? 
ATOM   234  O OE1 . GLU A 1 32 ? 12.454  14.043  -2.702  1.000 65.620 ? 518 GLU AAA OE1 1 ? 
ATOM   235  O OE2 . GLU A 1 32 ? 13.448  14.369  -4.650  1.000 72.505 ? 518 GLU AAA OE2 1 ? 
ATOM   236  N N   . LEU A 1 33 ? 9.326   10.322  -5.729  1.000 37.820 ? 519 LEU AAA N   1 ? 
ATOM   237  C CA  . LEU A 1 33 ? 9.608   8.873   -5.575  1.000 43.898 ? 519 LEU AAA CA  1 ? 
ATOM   238  C C   . LEU A 1 33 ? 10.869  8.685   -4.715  1.000 42.276 ? 519 LEU AAA C   1 ? 
ATOM   239  O O   . LEU A 1 33 ? 11.957  9.281   -5.055  1.000 38.092 ? 519 LEU AAA O   1 ? 
ATOM   240  C CB  . LEU A 1 33 ? 9.782   8.272   -6.976  1.000 46.653 ? 519 LEU AAA CB  1 ? 
ATOM   241  C CG  . LEU A 1 33 ? 9.673   6.754   -7.127  1.000 46.966 ? 519 LEU AAA CG  1 ? 
ATOM   242  C CD1 . LEU A 1 33 ? 11.052  6.122   -7.092  1.000 46.736 ? 519 LEU AAA CD1 1 ? 
ATOM   243  C CD2 . LEU A 1 33 ? 8.716   6.132   -6.113  1.000 43.442 ? 519 LEU AAA CD2 1 ? 
ATOM   244  N N   . GLN A 1 34 ? 10.725  7.895   -3.647  1.000 34.843 ? 520 GLN AAA N   1 ? 
ATOM   245  C CA  . GLN A 1 34 ? 11.836  7.453   -2.768  1.000 34.379 ? 520 GLN AAA CA  1 ? 
ATOM   246  C C   . GLN A 1 34 ? 12.331  6.123   -3.322  1.000 34.450 ? 520 GLN AAA C   1 ? 
ATOM   247  O O   . GLN A 1 34 ? 11.625  5.079   -3.129  1.000 35.181 ? 520 GLN AAA O   1 ? 
ATOM   248  C CB  . GLN A 1 34 ? 11.371  7.365   -1.312  1.000 38.702 ? 520 GLN AAA CB  1 ? 
ATOM   249  C CG  . GLN A 1 34 ? 10.654  8.624   -0.814  1.000 40.177 ? 520 GLN AAA CG  1 ? 
ATOM   250  C CD  . GLN A 1 34 ? 11.524  9.854   -0.934  1.000 38.952 ? 520 GLN AAA CD  1 ? 
ATOM   251  O OE1 . GLN A 1 34 ? 11.286  10.758  -1.748  1.000 35.577 ? 520 GLN AAA OE1 1 ? 
ATOM   252  N NE2 . GLN A 1 34 ? 12.568  9.876   -0.123  1.000 37.975 ? 520 GLN AAA NE2 1 ? 
ATOM   253  N N   . ALA A 1 35 ? 13.479  6.154   -4.003  1.000 33.081 ? 521 ALA AAA N   1 ? 
ATOM   254  C CA  . ALA A 1 35 ? 13.967  5.051   -4.863  1.000 35.652 ? 521 ALA AAA CA  1 ? 
ATOM   255  C C   . ALA A 1 35 ? 14.375  3.838   -4.018  1.000 36.625 ? 521 ALA AAA C   1 ? 
ATOM   256  O O   . ALA A 1 35 ? 14.324  2.727   -4.544  1.000 40.901 ? 521 ALA AAA O   1 ? 
ATOM   257  C CB  . ALA A 1 35 ? 15.109  5.545   -5.720  1.000 38.235 ? 521 ALA AAA CB  1 ? 
ATOM   258  N N   . GLU A 1 36 ? 14.785  4.045   -2.759  1.000 37.120 ? 522 GLU AAA N   1 ? 
ATOM   259  C CA  . GLU A 1 36 ? 15.219  2.957   -1.839  1.000 35.926 ? 522 GLU AAA CA  1 ? 
ATOM   260  C C   . GLU A 1 36 ? 14.071  1.984   -1.534  1.000 31.970 ? 522 GLU AAA C   1 ? 
ATOM   261  O O   . GLU A 1 36 ? 14.386  0.853   -1.226  1.000 36.352 ? 522 GLU AAA O   1 ? 
ATOM   262  C CB  . GLU A 1 36 ? 15.782  3.510   -0.531  1.000 40.290 ? 522 GLU AAA CB  1 ? 
ATOM   263  C CG  . GLU A 1 36 ? 14.843  4.465   0.179   1.000 43.485 ? 522 GLU AAA CG  1 ? 
ATOM   264  C CD  . GLU A 1 36 ? 15.013  5.931   -0.177  1.000 46.869 ? 522 GLU AAA CD  1 ? 
ATOM   265  O OE1 . GLU A 1 36 ? 14.512  6.766   0.591   1.000 50.817 ? 522 GLU AAA OE1 1 ? 
ATOM   266  O OE2 . GLU A 1 36 ? 15.646  6.239   -1.211  1.000 50.795 ? 522 GLU AAA OE2 1 ? 
ATOM   267  N N   . ASP A 1 37 ? 12.802  2.388   -1.564  1.000 32.073 ? 523 ASP AAA N   1 ? 
ATOM   268  C CA  . ASP A 1 37 ? 11.685  1.468   -1.197  1.000 31.774 ? 523 ASP AAA CA  1 ? 
ATOM   269  C C   . ASP A 1 37 ? 10.438  1.666   -2.072  1.000 32.491 ? 523 ASP AAA C   1 ? 
ATOM   270  O O   . ASP A 1 37 ? 9.440   0.965   -1.812  1.000 28.707 ? 523 ASP AAA O   1 ? 
ATOM   271  C CB  . ASP A 1 37 ? 11.315  1.605   0.279   1.000 33.335 ? 523 ASP AAA CB  1 ? 
ATOM   272  C CG  . ASP A 1 37 ? 11.056  3.025   0.751   1.000 33.045 ? 523 ASP AAA CG  1 ? 
ATOM   273  O OD1 . ASP A 1 37 ? 11.052  3.933   -0.090  1.000 37.837 ? 523 ASP AAA OD1 1 ? 
ATOM   274  O OD2 . ASP A 1 37 ? 10.871  3.212   1.962   1.000 33.584 ? 523 ASP AAA OD2 1 ? 
ATOM   275  N N   . TYR A 1 38 ? 10.473  2.558   -3.072  1.000 33.213 ? 524 TYR AAA N   1 ? 
ATOM   276  C CA  . TYR A 1 38 ? 9.322   2.849   -3.972  1.000 32.907 ? 524 TYR AAA CA  1 ? 
ATOM   277  C C   . TYR A 1 38 ? 8.095   3.236   -3.129  1.000 30.314 ? 524 TYR AAA C   1 ? 
ATOM   278  O O   . TYR A 1 38 ? 6.982   2.701   -3.332  1.000 26.705 ? 524 TYR AAA O   1 ? 
ATOM   279  C CB  . TYR A 1 38 ? 9.060   1.663   -4.905  1.000 41.191 ? 524 TYR AAA CB  1 ? 
ATOM   280  C CG  . TYR A 1 38 ? 9.867   1.679   -6.178  1.000 55.777 ? 524 TYR AAA CG  1 ? 
ATOM   281  C CD1 . TYR A 1 38 ? 11.250  1.533   -6.152  1.000 63.466 ? 524 TYR AAA CD1 1 ? 
ATOM   282  C CD2 . TYR A 1 38 ? 9.256   1.843   -7.415  1.000 67.980 ? 524 TYR AAA CD2 1 ? 
ATOM   283  C CE1 . TYR A 1 38 ? 12.008  1.551   -7.314  1.000 65.688 ? 524 TYR AAA CE1 1 ? 
ATOM   284  C CE2 . TYR A 1 38 ? 9.998   1.848   -8.588  1.000 74.118 ? 524 TYR AAA CE2 1 ? 
ATOM   285  C CZ  . TYR A 1 38 ? 11.379  1.703   -8.538  1.000 74.496 ? 524 TYR AAA CZ  1 ? 
ATOM   286  O OH  . TYR A 1 38 ? 12.116  1.700   -9.689  1.000 75.347 ? 524 TYR AAA OH  1 ? 
ATOM   287  N N   . TRP A 1 39 ? 8.310   4.133   -2.161  1.000 25.443 ? 525 TRP AAA N   1 ? 
ATOM   288  C CA  . TRP A 1 39 ? 7.250   4.971   -1.557  1.000 25.341 ? 525 TRP AAA CA  1 ? 
ATOM   289  C C   . TRP A 1 39 ? 7.360   6.341   -2.209  1.000 25.866 ? 525 TRP AAA C   1 ? 
ATOM   290  O O   . TRP A 1 39 ? 8.483   6.698   -2.624  1.000 28.350 ? 525 TRP AAA O   1 ? 
ATOM   291  C CB  . TRP A 1 39 ? 7.376   5.069   -0.027  1.000 23.946 ? 525 TRP AAA CB  1 ? 
ATOM   292  C CG  . TRP A 1 39 ? 7.030   3.805   0.689   1.000 21.987 ? 525 TRP AAA CG  1 ? 
ATOM   293  C CD1 . TRP A 1 39 ? 7.644   2.610   0.537   1.000 22.358 ? 525 TRP AAA CD1 1 ? 
ATOM   294  C CD2 . TRP A 1 39 ? 5.993   3.597   1.667   1.000 21.996 ? 525 TRP AAA CD2 1 ? 
ATOM   295  N NE1 . TRP A 1 39 ? 7.066   1.669   1.341   1.000 21.700 ? 525 TRP AAA NE1 1 ? 
ATOM   296  C CE2 . TRP A 1 39 ? 6.046   2.236   2.039   1.000 21.468 ? 525 TRP AAA CE2 1 ? 
ATOM   297  C CE3 . TRP A 1 39 ? 5.026   4.407   2.260   1.000 21.235 ? 525 TRP AAA CE3 1 ? 
ATOM   298  C CZ2 . TRP A 1 39 ? 5.192   1.675   2.985   1.000 21.223 ? 525 TRP AAA CZ2 1 ? 
ATOM   299  C CZ3 . TRP A 1 39 ? 4.162   3.854   3.180   1.000 21.786 ? 525 TRP AAA CZ3 1 ? 
ATOM   300  C CH2 . TRP A 1 39 ? 4.267   2.511   3.559   1.000 22.997 ? 525 TRP AAA CH2 1 ? 
ATOM   301  N N   . TYR A 1 40 ? 6.239   7.047   -2.296  1.000 24.539 ? 526 TYR AAA N   1 ? 
ATOM   302  C CA  . TYR A 1 40 ? 6.190   8.495   -2.602  1.000 25.996 ? 526 TYR AAA CA  1 ? 
ATOM   303  C C   . TYR A 1 40 ? 6.171   9.285   -1.299  1.000 26.038 ? 526 TYR AAA C   1 ? 
ATOM   304  O O   . TYR A 1 40 ? 5.411   8.928   -0.382  1.000 23.893 ? 526 TYR AAA O   1 ? 
ATOM   305  C CB  . TYR A 1 40 ? 4.960   8.827   -3.447  1.000 27.349 ? 526 TYR AAA CB  1 ? 
ATOM   306  C CG  . TYR A 1 40 ? 5.070   8.509   -4.920  1.000 27.457 ? 526 TYR AAA CG  1 ? 
ATOM   307  C CD1 . TYR A 1 40 ? 6.062   9.064   -5.708  1.000 27.794 ? 526 TYR AAA CD1 1 ? 
ATOM   308  C CD2 . TYR A 1 40 ? 4.128   7.709   -5.547  1.000 29.777 ? 526 TYR AAA CD2 1 ? 
ATOM   309  C CE1 . TYR A 1 40 ? 6.139   8.814   -7.074  1.000 29.244 ? 526 TYR AAA CE1 1 ? 
ATOM   310  C CE2 . TYR A 1 40 ? 4.192   7.435   -6.910  1.000 30.986 ? 526 TYR AAA CE2 1 ? 
ATOM   311  C CZ  . TYR A 1 40 ? 5.194   8.004   -7.687  1.000 33.297 ? 526 TYR AAA CZ  1 ? 
ATOM   312  O OH  . TYR A 1 40 ? 5.270   7.772   -9.039  1.000 30.913 ? 526 TYR AAA OH  1 ? 
ATOM   313  N N   . GLU A 1 41 ? 7.010   10.319  -1.229  1.000 30.981 ? 527 GLU AAA N   1 ? 
ATOM   314  C CA  . GLU A 1 41 ? 6.769   11.544  -0.418  1.000 35.160 ? 527 GLU AAA CA  1 ? 
ATOM   315  C C   . GLU A 1 41 ? 5.850   12.453  -1.245  1.000 33.717 ? 527 GLU AAA C   1 ? 
ATOM   316  O O   . GLU A 1 41 ? 6.150   12.685  -2.413  1.000 30.887 ? 527 GLU AAA O   1 ? 
ATOM   317  C CB  . GLU A 1 41 ? 8.090   12.229  -0.087  1.000 39.891 ? 527 GLU AAA CB  1 ? 
ATOM   318  C CG  . GLU A 1 41 ? 8.094   12.932  1.247   1.000 51.638 ? 527 GLU AAA CG  1 ? 
ATOM   319  C CD  . GLU A 1 41 ? 9.497   13.215  1.757   1.000 59.942 ? 527 GLU AAA CD  1 ? 
ATOM   320  O OE1 . GLU A 1 41 ? 10.143  14.147  1.215   1.000 61.618 ? 527 GLU AAA OE1 1 ? 
ATOM   321  O OE2 . GLU A 1 41 ? 9.946   12.473  2.668   1.000 74.792 ? 527 GLU AAA OE2 1 ? 
ATOM   322  N N   . ALA A 1 42 ? 4.743   12.916  -0.680  1.000 31.211 ? 528 ALA AAA N   1 ? 
ATOM   323  C CA  . ALA A 1 42 ? 3.660   13.565  -1.454  1.000 30.746 ? 528 ALA AAA CA  1 ? 
ATOM   324  C C   . ALA A 1 42 ? 3.019   14.734  -0.694  1.000 27.442 ? 528 ALA AAA C   1 ? 
ATOM   325  O O   . ALA A 1 42 ? 3.064   14.756  0.546   1.000 24.802 ? 528 ALA AAA O   1 ? 
ATOM   326  C CB  . ALA A 1 42 ? 2.643   12.528  -1.834  1.000 30.948 ? 528 ALA AAA CB  1 ? 
ATOM   327  N N   . TYR A 1 43 ? 2.473   15.678  -1.457  1.000 27.909 ? 529 TYR AAA N   1 ? 
ATOM   328  C CA  . TYR A 1 43 ? 1.517   16.715  -1.005  1.000 28.206 ? 529 TYR AAA CA  1 ? 
ATOM   329  C C   . TYR A 1 43 ? 0.179   16.455  -1.712  1.000 25.480 ? 529 TYR AAA C   1 ? 
ATOM   330  O O   . TYR A 1 43 ? 0.163   16.448  -2.950  1.000 26.174 ? 529 TYR AAA O   1 ? 
ATOM   331  C CB  . TYR A 1 43 ? 2.102   18.104  -1.272  1.000 30.107 ? 529 TYR AAA CB  1 ? 
ATOM   332  C CG  . TYR A 1 43 ? 1.185   19.235  -0.898  1.000 32.379 ? 529 TYR AAA CG  1 ? 
ATOM   333  C CD1 . TYR A 1 43 ? 1.014   19.616  0.425   1.000 35.039 ? 529 TYR AAA CD1 1 ? 
ATOM   334  C CD2 . TYR A 1 43 ? 0.462   19.906  -1.869  1.000 34.830 ? 529 TYR AAA CD2 1 ? 
ATOM   335  C CE1 . TYR A 1 43 ? 0.145   20.640  0.777   1.000 37.131 ? 529 TYR AAA CE1 1 ? 
ATOM   336  C CE2 . TYR A 1 43 ? -0.390  20.948  -1.537  1.000 36.262 ? 529 TYR AAA CE2 1 ? 
ATOM   337  C CZ  . TYR A 1 43 ? -0.550  21.313  -0.212  1.000 36.682 ? 529 TYR AAA CZ  1 ? 
ATOM   338  O OH  . TYR A 1 43 ? -1.402  22.327  0.115   1.000 45.311 ? 529 TYR AAA OH  1 ? 
ATOM   339  N N   . ASN A 1 44 ? -0.888  16.210  -0.943  1.000 23.662 ? 530 ASN AAA N   1 ? 
ATOM   340  C CA  . ASN A 1 44 ? -2.279  16.101  -1.450  1.000 23.411 ? 530 ASN AAA CA  1 ? 
ATOM   341  C C   . ASN A 1 44 ? -2.826  17.513  -1.678  1.000 24.238 ? 530 ASN AAA C   1 ? 
ATOM   342  O O   . ASN A 1 44 ? -2.975  18.275  -0.701  1.000 25.211 ? 530 ASN AAA O   1 ? 
ATOM   343  C CB  . ASN A 1 44 ? -3.158  15.274  -0.523  1.000 22.827 ? 530 ASN AAA CB  1 ? 
ATOM   344  C CG  . ASN A 1 44 ? -4.520  15.009  -1.125  1.000 25.127 ? 530 ASN AAA CG  1 ? 
ATOM   345  O OD1 . ASN A 1 44 ? -5.137  15.915  -1.700  1.000 25.264 ? 530 ASN AAA OD1 1 ? 
ATOM   346  N ND2 . ASN A 1 44 ? -4.971  13.763  -1.051  1.000 23.535 ? 530 ASN AAA ND2 1 ? 
ATOM   347  N N   . MET A 1 45 ? -3.089  17.876  -2.935  1.000 27.603 ? 531 MET AAA N   1 ? 
ATOM   348  C CA  . MET A 1 45 ? -3.465  19.275  -3.291  1.000 28.853 ? 531 MET AAA CA  1 ? 
ATOM   349  C C   . MET A 1 45 ? -4.930  19.513  -2.936  1.000 25.676 ? 531 MET AAA C   1 ? 
ATOM   350  O O   . MET A 1 45 ? -5.286  20.677  -2.669  1.000 29.381 ? 531 MET AAA O   1 ? 
ATOM   351  C CB  . MET A 1 45 ? -3.208  19.569  -4.768  1.000 31.050 ? 531 MET AAA CB  1 ? 
ATOM   352  C CG  . MET A 1 45 ? -1.742  19.759  -5.034  1.000 33.435 ? 531 MET AAA CG  1 ? 
ATOM   353  S SD  . MET A 1 45 ? -1.428  19.755  -6.780  1.000 43.422 ? 531 MET AAA SD  1 ? 
ATOM   354  C CE  . MET A 1 45 ? -1.432  21.533  -7.039  1.000 46.759 ? 531 MET AAA CE  1 ? 
ATOM   355  N N   . ARG A 1 46 ? -5.727  18.455  -2.841  1.000 22.888 ? 532 ARG AAA N   1 ? 
ATOM   356  C CA  . ARG A 1 46 ? -7.121  18.594  -2.372  1.000 26.117 ? 532 ARG AAA CA  1 ? 
ATOM   357  C C   . ARG A 1 46 ? -7.140  18.874  -0.857  1.000 27.996 ? 532 ARG AAA C   1 ? 
ATOM   358  O O   . ARG A 1 46 ? -7.844  19.812  -0.446  1.000 31.464 ? 532 ARG AAA O   1 ? 
ATOM   359  C CB  . ARG A 1 46 ? -7.960  17.362  -2.695  1.000 27.805 ? 532 ARG AAA CB  1 ? 
ATOM   360  C CG  . ARG A 1 46 ? -9.392  17.541  -2.209  1.000 30.856 ? 532 ARG AAA CG  1 ? 
ATOM   361  C CD  . ARG A 1 46 ? -10.298 16.436  -2.685  1.000 35.300 ? 532 ARG AAA CD  1 ? 
ATOM   362  N NE  . ARG A 1 46 ? -9.772  15.210  -2.148  1.000 39.035 ? 532 ARG AAA NE  1 ? 
ATOM   363  C CZ  . ARG A 1 46 ? -9.941  14.790  -0.906  1.000 41.334 ? 532 ARG AAA CZ  1 ? 
ATOM   364  N NH1 . ARG A 1 46 ? -10.689 15.490  -0.070  1.000 45.912 ? 532 ARG AAA NH1 1 ? 
ATOM   365  N NH2 . ARG A 1 46 ? -9.386  13.651  -0.521  1.000 40.691 ? 532 ARG AAA NH2 1 ? 
ATOM   366  N N   . THR A 1 47 ? -6.419  18.086  -0.044  1.000 26.763 ? 533 THR AAA N   1 ? 
ATOM   367  C CA  . THR A 1 47 ? -6.562  18.088  1.435   1.000 26.760 ? 533 THR AAA CA  1 ? 
ATOM   368  C C   . THR A 1 47 ? -5.546  19.031  2.086   1.000 26.048 ? 533 THR AAA C   1 ? 
ATOM   369  O O   . THR A 1 47 ? -5.798  19.448  3.218   1.000 26.380 ? 533 THR AAA O   1 ? 
ATOM   370  C CB  . THR A 1 47 ? -6.457  16.668  1.999   1.000 27.237 ? 533 THR AAA CB  1 ? 
ATOM   371  O OG1 . THR A 1 47 ? -5.120  16.248  1.743   1.000 29.530 ? 533 THR AAA OG1 1 ? 
ATOM   372  C CG2 . THR A 1 47 ? -7.479  15.719  1.418   1.000 25.342 ? 533 THR AAA CG2 1 ? 
ATOM   373  N N   . GLY A 1 48 ? -4.441  19.352  1.409   1.000 27.895 ? 534 GLY AAA N   1 ? 
ATOM   374  C CA  . GLY A 1 48 ? -3.351  20.162  1.986   1.000 26.511 ? 534 GLY AAA CA  1 ? 
ATOM   375  C C   . GLY A 1 48 ? -2.487  19.335  2.930   1.000 30.779 ? 534 GLY AAA C   1 ? 
ATOM   376  O O   . GLY A 1 48 ? -1.588  19.902  3.535   1.000 33.350 ? 534 GLY AAA O   1 ? 
ATOM   377  N N   . ALA A 1 49 ? -2.706  18.012  3.009   1.000 31.059 ? 535 ALA AAA N   1 ? 
ATOM   378  C CA  . ALA A 1 49 ? -1.942  17.057  3.842   1.000 28.614 ? 535 ALA AAA CA  1 ? 
ATOM   379  C C   . ALA A 1 49 ? -0.640  16.662  3.127   1.000 28.249 ? 535 ALA AAA C   1 ? 
ATOM   380  O O   . ALA A 1 49 ? -0.594  16.676  1.896   1.000 27.450 ? 535 ALA AAA O   1 ? 
ATOM   381  C CB  . ALA A 1 49 ? -2.804  15.860  4.132   1.000 27.282 ? 535 ALA AAA CB  1 ? 
ATOM   382  N N   . ARG A 1 50 ? 0.392   16.326  3.899   1.000 30.746 ? 536 ARG AAA N   1 ? 
ATOM   383  C CA  . ARG A 1 50 ? 1.749   15.924  3.427   1.000 31.291 ? 536 ARG AAA CA  1 ? 
ATOM   384  C C   . ARG A 1 50 ? 2.052   14.603  4.136   1.000 29.530 ? 536 ARG AAA C   1 ? 
ATOM   385  O O   . ARG A 1 50 ? 1.538   14.393  5.259   1.000 28.891 ? 536 ARG AAA O   1 ? 
ATOM   386  C CB  . ARG A 1 50 ? 2.782   17.034  3.667   1.000 34.941 ? 536 ARG AAA CB  1 ? 
ATOM   387  C CG  . ARG A 1 50 ? 4.225   16.704  3.299   1.000 42.431 ? 536 ARG AAA CG  1 ? 
ATOM   388  C CD  . ARG A 1 50 ? 4.527   16.446  1.833   1.000 49.633 ? 536 ARG AAA CD  1 ? 
ATOM   389  N NE  . ARG A 1 50 ? 5.913   16.671  1.412   1.000 54.766 ? 536 ARG AAA NE  1 ? 
ATOM   390  C CZ  . ARG A 1 50 ? 6.384   16.545  0.158   1.000 60.100 ? 536 ARG AAA CZ  1 ? 
ATOM   391  N NH1 . ARG A 1 50 ? 7.660   16.777  -0.099  1.000 68.890 ? 536 ARG AAA NH1 1 ? 
ATOM   392  N NH2 . ARG A 1 50 ? 5.612   16.183  -0.849  1.000 57.566 ? 536 ARG AAA NH2 1 ? 
ATOM   393  N N   . GLY A 1 51 ? 2.771   13.702  3.477   1.000 28.204 ? 537 GLY AAA N   1 ? 
ATOM   394  C CA  . GLY A 1 51 ? 3.039   12.350  4.018   1.000 27.740 ? 537 GLY AAA CA  1 ? 
ATOM   395  C C   . GLY A 1 51 ? 3.524   11.400  2.951   1.000 26.881 ? 537 GLY AAA C   1 ? 
ATOM   396  O O   . GLY A 1 51 ? 3.751   11.829  1.799   1.000 26.448 ? 537 GLY AAA O   1 ? 
ATOM   397  N N   . VAL A 1 52 ? 3.691   10.138  3.319   1.000 26.223 ? 538 VAL AAA N   1 ? 
ATOM   398  C CA  . VAL A 1 52 ? 4.245   9.106   2.403   1.000 24.418 ? 538 VAL AAA CA  1 ? 
ATOM   399  C C   . VAL A 1 52 ? 3.127   8.117   2.104   1.000 24.945 ? 538 VAL AAA C   1 ? 
ATOM   400  O O   . VAL A 1 52 ? 2.197   7.978   2.929   1.000 22.275 ? 538 VAL AAA O   1 ? 
ATOM   401  C CB  . VAL A 1 52 ? 5.499   8.399   2.960   1.000 26.653 ? 538 VAL AAA CB  1 ? 
ATOM   402  C CG1 . VAL A 1 52 ? 6.645   9.376   3.147   1.000 26.824 ? 538 VAL AAA CG1 1 ? 
ATOM   403  C CG2 . VAL A 1 52 ? 5.220   7.619   4.246   1.000 25.877 ? 538 VAL AAA CG2 1 ? 
ATOM   404  N N   . PHE A 1 53 ? 3.205   7.506   0.924   1.000 22.502 ? 539 PHE AAA N   1 ? 
ATOM   405  C CA  . PHE A 1 53 ? 2.332   6.372   0.565   1.000 23.018 ? 539 PHE AAA CA  1 ? 
ATOM   406  C C   . PHE A 1 53 ? 3.101   5.469   -0.398  1.000 20.871 ? 539 PHE AAA C   1 ? 
ATOM   407  O O   . PHE A 1 53 ? 4.114   5.842   -1.007  1.000 17.818 ? 539 PHE AAA O   1 ? 
ATOM   408  C CB  . PHE A 1 53 ? 0.984   6.901   0.048   1.000 23.828 ? 539 PHE AAA CB  1 ? 
ATOM   409  C CG  . PHE A 1 53 ? 1.085   7.528   -1.316  1.000 22.262 ? 539 PHE AAA CG  1 ? 
ATOM   410  C CD1 . PHE A 1 53 ? 0.964   6.752   -2.458  1.000 24.588 ? 539 PHE AAA CD1 1 ? 
ATOM   411  C CD2 . PHE A 1 53 ? 1.377   8.864   -1.464  1.000 24.025 ? 539 PHE AAA CD2 1 ? 
ATOM   412  C CE1 . PHE A 1 53 ? 1.101   7.304   -3.724  1.000 25.734 ? 539 PHE AAA CE1 1 ? 
ATOM   413  C CE2 . PHE A 1 53 ? 1.486   9.427   -2.729  1.000 24.817 ? 539 PHE AAA CE2 1 ? 
ATOM   414  C CZ  . PHE A 1 53 ? 1.366   8.647   -3.856  1.000 25.064 ? 539 PHE AAA CZ  1 ? 
ATOM   415  N N   . PRO A 1 54 ? 2.652   4.210   -0.507  1.000 21.629 ? 540 PRO AAA N   1 ? 
ATOM   416  C CA  . PRO A 1 54 ? 3.299   3.250   -1.400  1.000 22.205 ? 540 PRO AAA CA  1 ? 
ATOM   417  C C   . PRO A 1 54 ? 2.944   3.543   -2.877  1.000 22.880 ? 540 PRO AAA C   1 ? 
ATOM   418  O O   . PRO A 1 54 ? 1.756   3.665   -3.222  1.000 20.551 ? 540 PRO AAA O   1 ? 
ATOM   419  C CB  . PRO A 1 54 ? 2.741   1.897   -0.926  1.000 22.590 ? 540 PRO AAA CB  1 ? 
ATOM   420  C CG  . PRO A 1 54 ? 1.823   2.188   0.259   1.000 24.228 ? 540 PRO AAA CG  1 ? 
ATOM   421  C CD  . PRO A 1 54 ? 1.486   3.662   0.206   1.000 22.909 ? 540 PRO AAA CD  1 ? 
ATOM   422  N N   . ALA A 1 55 ? 3.975   3.627   -3.719  1.000 22.735 ? 541 ALA AAA N   1 ? 
ATOM   423  C CA  . ALA A 1 55 ? 3.962   4.274   -5.051  1.000 24.718 ? 541 ALA AAA CA  1 ? 
ATOM   424  C C   . ALA A 1 55 ? 2.886   3.670   -5.969  1.000 22.854 ? 541 ALA AAA C   1 ? 
ATOM   425  O O   . ALA A 1 55 ? 2.368   4.415   -6.798  1.000 23.405 ? 541 ALA AAA O   1 ? 
ATOM   426  C CB  . ALA A 1 55 ? 5.350   4.212   -5.679  1.000 23.935 ? 541 ALA AAA CB  1 ? 
ATOM   427  N N   . TYR A 1 56 ? 2.553   2.394   -5.863  1.000 23.942 ? 542 TYR AAA N   1 ? 
ATOM   428  C CA  . TYR A 1 56 ? 1.592   1.756   -6.808  1.000 26.685 ? 542 TYR AAA CA  1 ? 
ATOM   429  C C   . TYR A 1 56 ? 0.160   2.296   -6.617  1.000 25.609 ? 542 TYR AAA C   1 ? 
ATOM   430  O O   . TYR A 1 56 ? -0.628  2.074   -7.544  1.000 24.895 ? 542 TYR AAA O   1 ? 
ATOM   431  C CB  . TYR A 1 56 ? 1.708   0.224   -6.768  1.000 29.736 ? 542 TYR AAA CB  1 ? 
ATOM   432  C CG  . TYR A 1 56 ? 2.933   -0.305  -7.479  1.000 30.212 ? 542 TYR AAA CG  1 ? 
ATOM   433  C CD1 . TYR A 1 56 ? 3.063   -0.225  -8.865  1.000 31.215 ? 542 TYR AAA CD1 1 ? 
ATOM   434  C CD2 . TYR A 1 56 ? 3.972   -0.882  -6.768  1.000 29.782 ? 542 TYR AAA CD2 1 ? 
ATOM   435  C CE1 . TYR A 1 56 ? 4.186   -0.715  -9.522  1.000 29.469 ? 542 TYR AAA CE1 1 ? 
ATOM   436  C CE2 . TYR A 1 56 ? 5.096   -1.383  -7.405  1.000 31.645 ? 542 TYR AAA CE2 1 ? 
ATOM   437  C CZ  . TYR A 1 56 ? 5.202   -1.303  -8.784  1.000 32.151 ? 542 TYR AAA CZ  1 ? 
ATOM   438  O OH  . TYR A 1 56 ? 6.332   -1.798  -9.369  1.000 34.876 ? 542 TYR AAA OH  1 ? 
ATOM   439  N N   . TYR A 1 57 ? -0.139  3.104   -5.587  1.000 22.597 ? 543 TYR AAA N   1 ? 
ATOM   440  C CA  . TYR A 1 57 ? -1.470  3.738   -5.381  1.000 22.251 ? 543 TYR AAA CA  1 ? 
ATOM   441  C C   . TYR A 1 57 ? -1.669  4.978   -6.285  1.000 24.460 ? 543 TYR AAA C   1 ? 
ATOM   442  O O   . TYR A 1 57 ? -2.782  5.534   -6.312  1.000 24.065 ? 543 TYR AAA O   1 ? 
ATOM   443  C CB  . TYR A 1 57 ? -1.661  4.120   -3.902  1.000 21.127 ? 543 TYR AAA CB  1 ? 
ATOM   444  C CG  . TYR A 1 57 ? -2.125  2.964   -3.060  1.000 18.647 ? 543 TYR AAA CG  1 ? 
ATOM   445  C CD1 . TYR A 1 57 ? -1.225  2.032   -2.584  1.000 17.283 ? 543 TYR AAA CD1 1 ? 
ATOM   446  C CD2 . TYR A 1 57 ? -3.472  2.800   -2.777  1.000 18.486 ? 543 TYR AAA CD2 1 ? 
ATOM   447  C CE1 . TYR A 1 57 ? -1.662  0.934   -1.847  1.000 18.382 ? 543 TYR AAA CE1 1 ? 
ATOM   448  C CE2 . TYR A 1 57 ? -3.928  1.711   -2.064  1.000 18.025 ? 543 TYR AAA CE2 1 ? 
ATOM   449  C CZ  . TYR A 1 57 ? -3.020  0.788   -1.581  1.000 17.714 ? 543 TYR AAA CZ  1 ? 
ATOM   450  O OH  . TYR A 1 57 ? -3.525  -0.271  -0.902  1.000 16.382 ? 543 TYR AAA OH  1 ? 
ATOM   451  N N   . ALA A 1 58 ? -0.634  5.432   -6.989  1.000 25.427 ? 544 ALA AAA N   1 ? 
ATOM   452  C CA  . ALA A 1 58 ? -0.724  6.595   -7.898  1.000 29.926 ? 544 ALA AAA CA  1 ? 
ATOM   453  C C   . ALA A 1 58 ? 0.086   6.358   -9.189  1.000 33.507 ? 544 ALA AAA C   1 ? 
ATOM   454  O O   . ALA A 1 58 ? 0.958   5.433   -9.220  1.000 33.447 ? 544 ALA AAA O   1 ? 
ATOM   455  C CB  . ALA A 1 58 ? -0.249  7.824   -7.159  1.000 29.515 ? 544 ALA AAA CB  1 ? 
ATOM   456  N N   . ILE A 1 59 ? -0.174  7.189   -10.201 1.000 33.678 ? 545 ILE AAA N   1 ? 
ATOM   457  C CA  . ILE A 1 59 ? 0.531   7.201   -11.519 1.000 35.181 ? 545 ILE AAA CA  1 ? 
ATOM   458  C C   . ILE A 1 59 ? 0.989   8.627   -11.794 1.000 38.140 ? 545 ILE AAA C   1 ? 
ATOM   459  O O   . ILE A 1 59 ? 0.188   9.569   -11.512 1.000 37.214 ? 545 ILE AAA O   1 ? 
ATOM   460  C CB  . ILE A 1 59 ? -0.355  6.696   -12.673 1.000 39.244 ? 545 ILE AAA CB  1 ? 
ATOM   461  C CG1 . ILE A 1 59 ? -1.642  7.513   -12.837 1.000 41.719 ? 545 ILE AAA CG1 1 ? 
ATOM   462  C CG2 . ILE A 1 59 ? -0.633  5.216   -12.513 1.000 39.060 ? 545 ILE AAA CG2 1 ? 
ATOM   463  C CD1 . ILE A 1 59 ? -2.350  7.294   -14.155 1.000 42.623 ? 545 ILE AAA CD1 1 ? 
ATOM   464  N N   . GLU A 1 60 ? 2.198   8.771   -12.352 1.000 37.458 ? 546 GLU AAA N   1 ? 
ATOM   465  C CA  . GLU A 1 60 ? 2.759   10.084  -12.757 1.000 42.140 ? 546 GLU AAA CA  1 ? 
ATOM   466  C C   . GLU A 1 60 ? 1.908   10.630  -13.903 1.000 41.267 ? 546 GLU AAA C   1 ? 
ATOM   467  O O   . GLU A 1 60 ? 1.372   9.814   -14.642 1.000 41.138 ? 546 GLU AAA O   1 ? 
ATOM   468  C CB  . GLU A 1 60 ? 4.254   9.941   -13.049 1.000 44.780 ? 546 GLU AAA CB  1 ? 
ATOM   469  C CG  . GLU A 1 60 ? 5.058   9.779   -11.761 1.000 53.819 ? 546 GLU AAA CG  1 ? 
ATOM   470  C CD  . GLU A 1 60 ? 6.528   9.380   -11.857 1.000 59.416 ? 546 GLU AAA CD  1 ? 
ATOM   471  O OE1 . GLU A 1 60 ? 7.121   9.608   -12.934 1.000 61.369 ? 546 GLU AAA OE1 1 ? 
ATOM   472  O OE2 . GLU A 1 60 ? 7.081   8.855   -10.832 1.000 54.313 ? 546 GLU AAA OE2 1 ? 
ATOM   473  N N   . VAL A 1 61 ? 1.708   11.951  -13.969 1.000 49.795 ? 547 VAL AAA N   1 ? 
ATOM   474  C CA  . VAL A 1 61 ? 0.995   12.618  -15.108 1.000 54.630 ? 547 VAL AAA CA  1 ? 
ATOM   475  C C   . VAL A 1 61 ? 1.981   13.522  -15.871 1.000 55.391 ? 547 VAL AAA C   1 ? 
ATOM   476  O O   . VAL A 1 61 ? 2.821   14.155  -15.206 1.000 53.901 ? 547 VAL AAA O   1 ? 
ATOM   477  C CB  . VAL A 1 61 ? -0.279  13.378  -14.674 1.000 47.215 ? 547 VAL AAA CB  1 ? 
ATOM   478  C CG1 . VAL A 1 61 ? -1.171  12.557  -13.766 1.000 47.218 ? 547 VAL AAA CG1 1 ? 
ATOM   479  C CG2 . VAL A 1 61 ? 0.023   14.703  -14.022 1.000 53.409 ? 547 VAL AAA CG2 1 ? 
ATOM   480  N N   . THR A 1 62 ? 1.901   13.518  -17.212 1.000 61.325 ? 548 THR AAA N   1 ? 
ATOM   481  C CA  . THR A 1 62 ? 2.508   14.521  -18.137 1.000 69.093 ? 548 THR AAA CA  1 ? 
ATOM   482  C C   . THR A 1 62 ? 1.507   14.866  -19.251 1.000 69.186 ? 548 THR AAA C   1 ? 
ATOM   483  O O   . THR A 1 62 ? 0.810   14.072  -19.890 1.000 73.526 ? 548 THR AAA O   1 ? 
ATOM   484  C CB  . THR A 1 62 ? 3.850   14.060  -18.731 1.000 74.263 ? 548 THR AAA CB  1 ? 
ATOM   485  O OG1 . THR A 1 62 ? 3.778   12.652  -18.970 1.000 76.633 ? 548 THR AAA OG1 1 ? 
ATOM   486  C CG2 . THR A 1 62 ? 5.040   14.374  -17.846 1.000 72.155 ? 548 THR AAA CG2 1 ? 
ATOM   487  N N   . GLY B 1 1  ? -18.609 -9.783  7.722   1.000 67.742 ? 487 GLY BBB N   1 ? 
ATOM   488  C CA  . GLY B 1 1  ? -17.463 -10.705 7.924   1.000 66.952 ? 487 GLY BBB CA  1 ? 
ATOM   489  C C   . GLY B 1 1  ? -16.532 -10.713 6.725   1.000 64.709 ? 487 GLY BBB C   1 ? 
ATOM   490  O O   . GLY B 1 1  ? -17.016 -10.987 5.613   1.000 63.863 ? 487 GLY BBB O   1 ? 
ATOM   491  N N   . HIS B 1 2  ? -15.250 -10.387 6.940   1.000 61.709 ? 488 HIS BBB N   1 ? 
ATOM   492  C CA  . HIS B 1 2  ? -14.142 -10.563 5.961   1.000 55.613 ? 488 HIS BBB CA  1 ? 
ATOM   493  C C   . HIS B 1 2  ? -13.288 -11.752 6.416   1.000 52.294 ? 488 HIS BBB C   1 ? 
ATOM   494  O O   . HIS B 1 2  ? -12.314 -11.549 7.204   1.000 45.593 ? 488 HIS BBB O   1 ? 
ATOM   495  C CB  . HIS B 1 2  ? -13.334 -9.272  5.783   1.000 52.547 ? 488 HIS BBB CB  1 ? 
ATOM   496  C CG  . HIS B 1 2  ? -14.161 -8.113  5.338   1.000 53.706 ? 488 HIS BBB CG  1 ? 
ATOM   497  N ND1 . HIS B 1 2  ? -14.275 -7.747  4.006   1.000 50.793 ? 488 HIS BBB ND1 1 ? 
ATOM   498  C CD2 . HIS B 1 2  ? -14.921 -7.246  6.041   1.000 52.605 ? 488 HIS BBB CD2 1 ? 
ATOM   499  C CE1 . HIS B 1 2  ? -15.056 -6.694  3.911   1.000 52.998 ? 488 HIS BBB CE1 1 ? 
ATOM   500  N NE2 . HIS B 1 2  ? -15.466 -6.366  5.150   1.000 50.859 ? 488 HIS BBB NE2 1 ? 
ATOM   501  N N   . MET B 1 3  ? -13.642 -12.949 5.936   1.000 49.596 ? 489 MET BBB N   1 ? 
ATOM   502  C CA  . MET B 1 3  ? -12.972 -14.205 6.368   1.000 48.143 ? 489 MET BBB CA  1 ? 
ATOM   503  C C   . MET B 1 3  ? -11.579 -14.281 5.738   1.000 42.971 ? 489 MET BBB C   1 ? 
ATOM   504  O O   . MET B 1 3  ? -11.349 -13.620 4.694   1.000 35.335 ? 489 MET BBB O   1 ? 
ATOM   505  C CB  . MET B 1 3  ? -13.769 -15.484 6.074   1.000 49.561 ? 489 MET BBB CB  1 ? 
ATOM   506  C CG  . MET B 1 3  ? -14.775 -15.415 4.963   1.000 51.890 ? 489 MET BBB CG  1 ? 
ATOM   507  S SD  . MET B 1 3  ? -15.848 -16.891 4.985   1.000 59.203 ? 489 MET BBB SD  1 ? 
ATOM   508  C CE  . MET B 1 3  ? -14.656 -18.163 4.563   1.000 58.403 ? 489 MET BBB CE  1 ? 
ATOM   509  N N   . GLU B 1 4  ? -10.689 -15.040 6.390   1.000 43.352 ? 490 GLU BBB N   1 ? 
ATOM   510  C CA  . GLU B 1 4  ? -9.323  -15.344 5.900   1.000 43.429 ? 490 GLU BBB CA  1 ? 
ATOM   511  C C   . GLU B 1 4  ? -9.434  -15.799 4.451   1.000 39.846 ? 490 GLU BBB C   1 ? 
ATOM   512  O O   . GLU B 1 4  ? -10.493 -16.369 4.046   1.000 34.228 ? 490 GLU BBB O   1 ? 
ATOM   513  C CB  . GLU B 1 4  ? -8.610  -16.448 6.684   1.000 49.055 ? 490 GLU BBB CB  1 ? 
ATOM   514  C CG  . GLU B 1 4  ? -7.593  -15.933 7.682   1.000 57.122 ? 490 GLU BBB CG  1 ? 
ATOM   515  C CD  . GLU B 1 4  ? -7.351  -16.863 8.864   1.000 60.608 ? 490 GLU BBB CD  1 ? 
ATOM   516  O OE1 . GLU B 1 4  ? -7.062  -18.051 8.614   1.000 59.032 ? 490 GLU BBB OE1 1 ? 
ATOM   517  O OE2 . GLU B 1 4  ? -7.478  -16.406 10.033  1.000 59.614 ? 490 GLU BBB OE2 1 ? 
ATOM   518  N N   . GLN B 1 5  ? -8.367  -15.535 3.712   1.000 33.186 ? 491 GLN BBB N   1 ? 
ATOM   519  C CA  . GLN B 1 5  ? -8.315  -15.796 2.268   1.000 33.279 ? 491 GLN BBB CA  1 ? 
ATOM   520  C C   . GLN B 1 5  ? -6.848  -15.970 1.872   1.000 29.982 ? 491 GLN BBB C   1 ? 
ATOM   521  O O   . GLN B 1 5  ? -5.960  -15.491 2.584   1.000 28.942 ? 491 GLN BBB O   1 ? 
ATOM   522  C CB  . GLN B 1 5  ? -9.043  -14.677 1.519   1.000 34.430 ? 491 GLN BBB CB  1 ? 
ATOM   523  C CG  . GLN B 1 5  ? -9.765  -15.202 0.298   1.000 36.460 ? 491 GLN BBB CG  1 ? 
ATOM   524  C CD  . GLN B 1 5  ? -10.999 -15.977 0.699   1.000 37.201 ? 491 GLN BBB CD  1 ? 
ATOM   525  O OE1 . GLN B 1 5  ? -11.080 -17.194 0.544   1.000 39.130 ? 491 GLN BBB OE1 1 ? 
ATOM   526  N NE2 . GLN B 1 5  ? -11.985 -15.274 1.226   1.000 32.060 ? 491 GLN BBB NE2 1 ? 
ATOM   527  N N   . THR B 1 6  ? -6.657  -16.663 0.760   1.000 28.983 ? 492 THR BBB N   1 ? 
ATOM   528  C CA  . THR B 1 6  ? -5.373  -16.969 0.088   1.000 29.270 ? 492 THR BBB CA  1 ? 
ATOM   529  C C   . THR B 1 6  ? -5.165  -15.902 -0.982  1.000 27.611 ? 492 THR BBB C   1 ? 
ATOM   530  O O   . THR B 1 6  ? -6.158  -15.475 -1.595  1.000 24.616 ? 492 THR BBB O   1 ? 
ATOM   531  C CB  . THR B 1 6  ? -5.445  -18.408 -0.436  1.000 32.556 ? 492 THR BBB CB  1 ? 
ATOM   532  O OG1 . THR B 1 6  ? -5.062  -19.235 0.673   1.000 38.716 ? 492 THR BBB OG1 1 ? 
ATOM   533  C CG2 . THR B 1 6  ? -4.592  -18.696 -1.650  1.000 32.686 ? 492 THR BBB CG2 1 ? 
ATOM   534  N N   . ALA B 1 7  ? -3.940  -15.419 -1.138  1.000 26.309 ? 493 ALA BBB N   1 ? 
ATOM   535  C CA  . ALA B 1 7  ? -3.676  -14.288 -2.047  1.000 26.684 ? 493 ALA BBB CA  1 ? 
ATOM   536  C C   . ALA B 1 7  ? -2.266  -14.402 -2.609  1.000 25.623 ? 493 ALA BBB C   1 ? 
ATOM   537  O O   . ALA B 1 7  ? -1.517  -15.287 -2.165  1.000 23.047 ? 493 ALA BBB O   1 ? 
ATOM   538  C CB  . ALA B 1 7  ? -3.890  -12.992 -1.302  1.000 27.206 ? 493 ALA BBB CB  1 ? 
ATOM   539  N N   . ARG B 1 8  ? -1.963  -13.544 -3.567  1.000 26.162 ? 494 ARG BBB N   1 ? 
ATOM   540  C CA  . ARG B 1 8  ? -0.636  -13.442 -4.206  1.000 28.889 ? 494 ARG BBB CA  1 ? 
ATOM   541  C C   . ARG B 1 8  ? -0.287  -11.969 -4.345  1.000 24.492 ? 494 ARG BBB C   1 ? 
ATOM   542  O O   . ARG B 1 8  ? -1.117  -11.188 -4.812  1.000 25.456 ? 494 ARG BBB O   1 ? 
ATOM   543  C CB  . ARG B 1 8  ? -0.642  -14.119 -5.582  1.000 34.998 ? 494 ARG BBB CB  1 ? 
ATOM   544  C CG  . ARG B 1 8  ? -0.806  -15.625 -5.487  1.000 41.587 ? 494 ARG BBB CG  1 ? 
ATOM   545  C CD  . ARG B 1 8  ? -0.005  -16.410 -6.504  1.000 49.617 ? 494 ARG BBB CD  1 ? 
ATOM   546  N NE  . ARG B 1 8  ? -0.052  -17.808 -6.094  1.000 52.389 ? 494 ARG BBB NE  1 ? 
ATOM   547  C CZ  . ARG B 1 8  ? 0.976   -18.526 -5.647  1.000 50.761 ? 494 ARG BBB CZ  1 ? 
ATOM   548  N NH1 . ARG B 1 8  ? 0.768   -19.785 -5.306  1.000 53.146 ? 494 ARG BBB NH1 1 ? 
ATOM   549  N NH2 . ARG B 1 8  ? 2.198   -18.015 -5.562  1.000 46.984 ? 494 ARG BBB NH2 1 ? 
ATOM   550  N N   . ALA B 1 9  ? 0.922   -11.623 -3.957  1.000 24.649 ? 495 ALA BBB N   1 ? 
ATOM   551  C CA  . ALA B 1 9  ? 1.485   -10.280 -4.140  1.000 23.413 ? 495 ALA BBB CA  1 ? 
ATOM   552  C C   . ALA B 1 9  ? 1.553   -10.012 -5.644  1.000 23.097 ? 495 ALA BBB C   1 ? 
ATOM   553  O O   . ALA B 1 9  ? 2.068   -10.848 -6.385  1.000 24.157 ? 495 ALA BBB O   1 ? 
ATOM   554  C CB  . ALA B 1 9  ? 2.820   -10.178 -3.470  1.000 22.844 ? 495 ALA BBB CB  1 ? 
ATOM   555  N N   . ILE B 1 10 ? 1.005   -8.885  -6.078  1.000 25.662 ? 496 ILE BBB N   1 ? 
ATOM   556  C CA  . ILE B 1 10 ? 1.025   -8.478  -7.514  1.000 25.730 ? 496 ILE BBB CA  1 ? 
ATOM   557  C C   . ILE B 1 10 ? 2.121   -7.427  -7.679  1.000 25.617 ? 496 ILE BBB C   1 ? 
ATOM   558  O O   . ILE B 1 10 ? 2.597   -7.277  -8.793  1.000 24.869 ? 496 ILE BBB O   1 ? 
ATOM   559  C CB  . ILE B 1 10 ? -0.364  -8.034  -8.005  1.000 24.907 ? 496 ILE BBB CB  1 ? 
ATOM   560  C CG1 . ILE B 1 10 ? -0.835  -6.758  -7.307  1.000 26.855 ? 496 ILE BBB CG1 1 ? 
ATOM   561  C CG2 . ILE B 1 10 ? -1.373  -9.166  -7.840  1.000 24.889 ? 496 ILE BBB CG2 1 ? 
ATOM   562  C CD1 . ILE B 1 10 ? -2.175  -6.229  -7.793  1.000 28.354 ? 496 ILE BBB CD1 1 ? 
ATOM   563  N N   . PHE B 1 11 ? 2.563   -6.806  -6.582  1.000 27.789 ? 497 PHE BBB N   1 ? 
ATOM   564  C CA  . PHE B 1 11 ? 3.657   -5.792  -6.586  1.000 27.738 ? 497 PHE BBB CA  1 ? 
ATOM   565  C C   . PHE B 1 11 ? 4.601   -6.094  -5.427  1.000 25.797 ? 497 PHE BBB C   1 ? 
ATOM   566  O O   . PHE B 1 11 ? 4.135   -6.587  -4.367  1.000 23.880 ? 497 PHE BBB O   1 ? 
ATOM   567  C CB  . PHE B 1 11 ? 3.152   -4.350  -6.405  1.000 28.600 ? 497 PHE BBB CB  1 ? 
ATOM   568  C CG  . PHE B 1 11 ? 2.211   -3.848  -7.465  1.000 31.464 ? 497 PHE BBB CG  1 ? 
ATOM   569  C CD1 . PHE B 1 11 ? 2.610   -3.766  -8.796  1.000 31.507 ? 497 PHE BBB CD1 1 ? 
ATOM   570  C CD2 . PHE B 1 11 ? 0.920   -3.457  -7.133  1.000 32.397 ? 497 PHE BBB CD2 1 ? 
ATOM   571  C CE1 . PHE B 1 11 ? 1.733   -3.294  -9.764  1.000 32.039 ? 497 PHE BBB CE1 1 ? 
ATOM   572  C CE2 . PHE B 1 11 ? 0.041   -3.008  -8.111  1.000 30.997 ? 497 PHE BBB CE2 1 ? 
ATOM   573  C CZ  . PHE B 1 11 ? 0.449   -2.924  -9.423  1.000 30.026 ? 497 PHE BBB CZ  1 ? 
ATOM   574  N N   . ARG B 1 12 ? 5.875   -5.787  -5.653  1.000 23.004 ? 498 ARG BBB N   1 ? 
ATOM   575  C CA  . ARG B 1 12 ? 6.928   -5.744  -4.627  1.000 24.996 ? 498 ARG BBB CA  1 ? 
ATOM   576  C C   . ARG B 1 12 ? 6.536   -4.690  -3.591  1.000 24.778 ? 498 ARG BBB C   1 ? 
ATOM   577  O O   . ARG B 1 12 ? 6.158   -3.578  -3.980  1.000 23.624 ? 498 ARG BBB O   1 ? 
ATOM   578  C CB  . ARG B 1 12 ? 8.283   -5.461  -5.283  1.000 29.492 ? 498 ARG BBB CB  1 ? 
ATOM   579  C CG  . ARG B 1 12 ? 9.371   -5.013  -4.322  1.000 36.400 ? 498 ARG BBB CG  1 ? 
ATOM   580  C CD  . ARG B 1 12 ? 10.747  -5.550  -4.658  1.000 42.194 ? 498 ARG BBB CD  1 ? 
ATOM   581  N NE  . ARG B 1 12 ? 11.589  -5.869  -3.513  1.000 50.011 ? 498 ARG BBB NE  1 ? 
ATOM   582  C CZ  . ARG B 1 12 ? 11.208  -6.491  -2.386  1.000 57.612 ? 498 ARG BBB CZ  1 ? 
ATOM   583  N NH1 . ARG B 1 12 ? 9.958   -6.871  -2.180  1.000 55.707 ? 498 ARG BBB NH1 1 ? 
ATOM   584  N NH2 . ARG B 1 12 ? 12.096  -6.717  -1.433  1.000 64.560 ? 498 ARG BBB NH2 1 ? 
ATOM   585  N N   . PHE B 1 13 ? 6.626   -5.046  -2.311  1.000 24.284 ? 499 PHE BBB N   1 ? 
ATOM   586  C CA  . PHE B 1 13 ? 6.338   -4.145  -1.170  1.000 23.368 ? 499 PHE BBB CA  1 ? 
ATOM   587  C C   . PHE B 1 13 ? 7.527   -4.196  -0.220  1.000 24.786 ? 499 PHE BBB C   1 ? 
ATOM   588  O O   . PHE B 1 13 ? 7.871   -5.289  0.271   1.000 24.302 ? 499 PHE BBB O   1 ? 
ATOM   589  C CB  . PHE B 1 13 ? 5.017   -4.499  -0.491  1.000 22.908 ? 499 PHE BBB CB  1 ? 
ATOM   590  C CG  . PHE B 1 13 ? 4.686   -3.548  0.623   1.000 24.024 ? 499 PHE BBB CG  1 ? 
ATOM   591  C CD1 . PHE B 1 13 ? 4.482   -2.188  0.379   1.000 23.475 ? 499 PHE BBB CD1 1 ? 
ATOM   592  C CD2 . PHE B 1 13 ? 4.665   -3.997  1.929   1.000 24.476 ? 499 PHE BBB CD2 1 ? 
ATOM   593  C CE1 . PHE B 1 13 ? 4.208   -1.320  1.425   1.000 22.976 ? 499 PHE BBB CE1 1 ? 
ATOM   594  C CE2 . PHE B 1 13 ? 4.383   -3.128  2.974   1.000 23.735 ? 499 PHE BBB CE2 1 ? 
ATOM   595  C CZ  . PHE B 1 13 ? 4.154   -1.792  2.719   1.000 24.458 ? 499 PHE BBB CZ  1 ? 
ATOM   596  N N   . VAL B 1 14 ? 8.180   -3.054  -0.044  1.000 23.844 ? 500 VAL BBB N   1 ? 
ATOM   597  C CA  . VAL B 1 14 ? 9.311   -2.881  0.906   1.000 25.828 ? 500 VAL BBB CA  1 ? 
ATOM   598  C C   . VAL B 1 14 ? 8.767   -2.126  2.108   1.000 24.779 ? 500 VAL BBB C   1 ? 
ATOM   599  O O   . VAL B 1 14 ? 8.276   -1.019  1.940   1.000 27.997 ? 500 VAL BBB O   1 ? 
ATOM   600  C CB  . VAL B 1 14 ? 10.484  -2.113  0.277   1.000 26.885 ? 500 VAL BBB CB  1 ? 
ATOM   601  C CG1 . VAL B 1 14 ? 11.612  -1.955  1.279   1.000 27.421 ? 500 VAL BBB CG1 1 ? 
ATOM   602  C CG2 . VAL B 1 14 ? 10.979  -2.759  -1.008  1.000 26.033 ? 500 VAL BBB CG2 1 ? 
ATOM   603  N N   . PRO B 1 15 ? 8.758   -2.704  3.332   1.000 23.518 ? 501 PRO BBB N   1 ? 
ATOM   604  C CA  . PRO B 1 15 ? 8.296   -1.969  4.507   1.000 23.265 ? 501 PRO BBB CA  1 ? 
ATOM   605  C C   . PRO B 1 15 ? 9.068   -0.659  4.717   1.000 25.036 ? 501 PRO BBB C   1 ? 
ATOM   606  O O   . PRO B 1 15 ? 10.281  -0.569  4.411   1.000 21.921 ? 501 PRO BBB O   1 ? 
ATOM   607  C CB  . PRO B 1 15 ? 8.535   -2.962  5.642   1.000 24.375 ? 501 PRO BBB CB  1 ? 
ATOM   608  C CG  . PRO B 1 15 ? 8.344   -4.319  4.959   1.000 23.484 ? 501 PRO BBB CG  1 ? 
ATOM   609  C CD  . PRO B 1 15 ? 9.047   -4.113  3.640   1.000 23.950 ? 501 PRO BBB CD  1 ? 
ATOM   610  N N   . ARG B 1 16 ? 8.339   0.327   5.233   1.000 25.900 ? 502 ARG BBB N   1 ? 
ATOM   611  C CA  . ARG B 1 16 ? 8.909   1.505   5.921   1.000 28.084 ? 502 ARG BBB CA  1 ? 
ATOM   612  C C   . ARG B 1 16 ? 8.733   1.322   7.429   1.000 27.960 ? 502 ARG BBB C   1 ? 
ATOM   613  O O   . ARG B 1 16 ? 9.467   1.957   8.162   1.000 30.912 ? 502 ARG BBB O   1 ? 
ATOM   614  C CB  . ARG B 1 16 ? 8.185   2.779   5.485   1.000 29.448 ? 502 ARG BBB CB  1 ? 
ATOM   615  C CG  . ARG B 1 16 ? 8.731   3.396   4.225   1.000 30.958 ? 502 ARG BBB CG  1 ? 
ATOM   616  C CD  . ARG B 1 16 ? 8.501   4.886   4.204   1.000 32.510 ? 502 ARG BBB CD  1 ? 
ATOM   617  N NE  . ARG B 1 16 ? 9.399   5.329   3.152   1.000 33.785 ? 502 ARG BBB NE  1 ? 
ATOM   618  C CZ  . ARG B 1 16 ? 9.921   6.529   3.042   1.000 35.167 ? 502 ARG BBB CZ  1 ? 
ATOM   619  N NH1 . ARG B 1 16 ? 9.622   7.478   3.908   1.000 32.602 ? 502 ARG BBB NH1 1 ? 
ATOM   620  N NH2 . ARG B 1 16 ? 10.743  6.778   2.037   1.000 42.322 ? 502 ARG BBB NH2 1 ? 
ATOM   621  N N   . HIS B 1 17 ? 7.773   0.494   7.855   1.000 27.512 ? 503 HIS BBB N   1 ? 
ATOM   622  C CA  . HIS B 1 17 ? 7.370   0.358   9.274   1.000 27.019 ? 503 HIS BBB CA  1 ? 
ATOM   623  C C   . HIS B 1 17 ? 7.655   -1.075  9.740   1.000 28.431 ? 503 HIS BBB C   1 ? 
ATOM   624  O O   . HIS B 1 17 ? 7.612   -2.002  8.900   1.000 24.717 ? 503 HIS BBB O   1 ? 
ATOM   625  C CB  . HIS B 1 17 ? 5.902   0.796   9.468   1.000 27.296 ? 503 HIS BBB CB  1 ? 
ATOM   626  C CG  . HIS B 1 17 ? 5.592   2.125   8.859   1.000 28.073 ? 503 HIS BBB CG  1 ? 
ATOM   627  N ND1 . HIS B 1 17 ? 4.956   2.249   7.635   1.000 28.510 ? 503 HIS BBB ND1 1 ? 
ATOM   628  C CD2 . HIS B 1 17 ? 5.884   3.380   9.258   1.000 28.088 ? 503 HIS BBB CD2 1 ? 
ATOM   629  C CE1 . HIS B 1 17 ? 4.825   3.528   7.340   1.000 28.623 ? 503 HIS BBB CE1 1 ? 
ATOM   630  N NE2 . HIS B 1 17 ? 5.403   4.241   8.308   1.000 28.992 ? 503 HIS BBB NE2 1 ? 
ATOM   631  N N   . GLU B 1 18 ? 7.943   -1.215  11.036  1.000 28.085 ? 504 GLU BBB N   1 ? 
ATOM   632  C CA  . GLU B 1 18 ? 8.309   -2.473  11.716  1.000 29.480 ? 504 GLU BBB CA  1 ? 
ATOM   633  C C   . GLU B 1 18 ? 7.123   -3.452  11.669  1.000 27.681 ? 504 GLU BBB C   1 ? 
ATOM   634  O O   . GLU B 1 18 ? 7.415   -4.644  11.575  1.000 31.033 ? 504 GLU BBB O   1 ? 
ATOM   635  C CB  . GLU B 1 18 ? 8.756   -2.169  13.157  1.000 34.053 ? 504 GLU BBB CB  1 ? 
ATOM   636  C CG  . GLU B 1 18 ? 9.123   -3.402  13.983  1.000 42.629 ? 504 GLU BBB CG  1 ? 
ATOM   637  C CD  . GLU B 1 18 ? 8.287   -3.691  15.235  1.000 49.674 ? 504 GLU BBB CD  1 ? 
ATOM   638  O OE1 . GLU B 1 18 ? 7.078   -4.085  15.118  1.000 57.691 ? 504 GLU BBB OE1 1 ? 
ATOM   639  O OE2 . GLU B 1 18 ? 8.842   -3.542  16.342  1.000 56.053 ? 504 GLU BBB OE2 1 ? 
ATOM   640  N N   . ASP B 1 19 ? 5.855   -3.020  11.760  1.000 24.442 ? 505 ASP BBB N   1 ? 
ATOM   641  C CA  . ASP B 1 19 ? 4.703   -3.976  11.741  1.000 24.074 ? 505 ASP BBB CA  1 ? 
ATOM   642  C C   . ASP B 1 19 ? 4.389   -4.466  10.307  1.000 24.996 ? 505 ASP BBB C   1 ? 
ATOM   643  O O   . ASP B 1 19 ? 3.416   -5.249  10.134  1.000 22.911 ? 505 ASP BBB O   1 ? 
ATOM   644  C CB  . ASP B 1 19 ? 3.446   -3.353  12.343  1.000 24.687 ? 505 ASP BBB CB  1 ? 
ATOM   645  C CG  . ASP B 1 19 ? 2.983   -2.072  11.661  1.000 26.300 ? 505 ASP BBB CG  1 ? 
ATOM   646  O OD1 . ASP B 1 19 ? 3.804   -1.416  10.925  1.000 27.930 ? 505 ASP BBB OD1 1 ? 
ATOM   647  O OD2 . ASP B 1 19 ? 1.814   -1.736  11.870  1.000 26.957 ? 505 ASP BBB OD2 1 ? 
ATOM   648  N N   . GLU B 1 20 ? 5.152   -4.033  9.293   1.000 24.450 ? 506 GLU BBB N   1 ? 
ATOM   649  C CA  . GLU B 1 20 ? 4.804   -4.336  7.877   1.000 28.695 ? 506 GLU BBB CA  1 ? 
ATOM   650  C C   . GLU B 1 20 ? 5.460   -5.645  7.428   1.000 28.977 ? 506 GLU BBB C   1 ? 
ATOM   651  O O   . GLU B 1 20 ? 6.455   -6.067  8.019   1.000 28.630 ? 506 GLU BBB O   1 ? 
ATOM   652  C CB  . GLU B 1 20 ? 5.184   -3.198  6.922   1.000 27.701 ? 506 GLU BBB CB  1 ? 
ATOM   653  C CG  . GLU B 1 20 ? 4.200   -2.049  6.958   1.000 25.490 ? 506 GLU BBB CG  1 ? 
ATOM   654  C CD  . GLU B 1 20 ? 4.744   -0.747  6.409   1.000 25.400 ? 506 GLU BBB CD  1 ? 
ATOM   655  O OE1 . GLU B 1 20 ? 5.938   -0.665  6.058   1.000 24.567 ? 506 GLU BBB OE1 1 ? 
ATOM   656  O OE2 . GLU B 1 20 ? 3.961   0.199   6.331   1.000 28.436 ? 506 GLU BBB OE2 1 ? 
ATOM   657  N N   . LEU B 1 21 ? 4.891   -6.220  6.369   1.000 29.227 ? 507 LEU BBB N   1 ? 
ATOM   658  C CA  . LEU B 1 21 ? 5.255   -7.516  5.742   1.000 26.904 ? 507 LEU BBB CA  1 ? 
ATOM   659  C C   . LEU B 1 21 ? 5.895   -7.201  4.391   1.000 24.113 ? 507 LEU BBB C   1 ? 
ATOM   660  O O   . LEU B 1 21 ? 5.229   -6.523  3.571   1.000 21.560 ? 507 LEU BBB O   1 ? 
ATOM   661  C CB  . LEU B 1 21 ? 3.969   -8.332  5.547   1.000 27.040 ? 507 LEU BBB CB  1 ? 
ATOM   662  C CG  . LEU B 1 21 ? 4.165   -9.757  5.050   1.000 27.802 ? 507 LEU BBB CG  1 ? 
ATOM   663  C CD1 . LEU B 1 21 ? 5.066   -10.502 6.011   1.000 31.289 ? 507 LEU BBB CD1 1 ? 
ATOM   664  C CD2 . LEU B 1 21 ? 2.826   -10.478 4.901   1.000 29.718 ? 507 LEU BBB CD2 1 ? 
ATOM   665  N N   . GLU B 1 22 ? 7.124   -7.639  4.188   1.000 22.360 ? 508 GLU BBB N   1 ? 
ATOM   666  C CA  . GLU B 1 22 ? 7.823   -7.571  2.886   1.000 26.087 ? 508 GLU BBB CA  1 ? 
ATOM   667  C C   . GLU B 1 22 ? 7.165   -8.552  1.899   1.000 25.020 ? 508 GLU BBB C   1 ? 
ATOM   668  O O   . GLU B 1 22 ? 6.973   -9.745  2.237   1.000 23.762 ? 508 GLU BBB O   1 ? 
ATOM   669  C CB  . GLU B 1 22 ? 9.303   -7.842  3.102   1.000 29.225 ? 508 GLU BBB CB  1 ? 
ATOM   670  C CG  . GLU B 1 22 ? 10.154  -7.540  1.888   1.000 36.005 ? 508 GLU BBB CG  1 ? 
ATOM   671  C CD  . GLU B 1 22 ? 11.522  -6.959  2.252   1.000 43.600 ? 508 GLU BBB CD  1 ? 
ATOM   672  O OE1 . GLU B 1 22 ? 11.986  -7.242  3.392   1.000 46.643 ? 508 GLU BBB OE1 1 ? 
ATOM   673  O OE2 . GLU B 1 22 ? 12.106  -6.184  1.428   1.000 42.959 ? 508 GLU BBB OE2 1 ? 
ATOM   674  N N   . LEU B 1 23 ? 6.796   -8.053  0.716   1.000 24.588 ? 509 LEU BBB N   1 ? 
ATOM   675  C CA  . LEU B 1 23 ? 6.266   -8.862  -0.404  1.000 23.187 ? 509 LEU BBB CA  1 ? 
ATOM   676  C C   . LEU B 1 23 ? 7.229   -8.844  -1.602  1.000 24.167 ? 509 LEU BBB C   1 ? 
ATOM   677  O O   . LEU B 1 23 ? 7.753   -7.782  -1.941  1.000 22.232 ? 509 LEU BBB O   1 ? 
ATOM   678  C CB  . LEU B 1 23 ? 4.916   -8.299  -0.818  1.000 22.029 ? 509 LEU BBB CB  1 ? 
ATOM   679  C CG  . LEU B 1 23 ? 3.849   -8.179  0.254   1.000 23.097 ? 509 LEU BBB CG  1 ? 
ATOM   680  C CD1 . LEU B 1 23 ? 2.546   -7.737  -0.399  1.000 25.100 ? 509 LEU BBB CD1 1 ? 
ATOM   681  C CD2 . LEU B 1 23 ? 3.642   -9.474  0.996   1.000 22.375 ? 509 LEU BBB CD2 1 ? 
ATOM   682  N N   . GLU B 1 24 ? 7.403   -9.999  -2.235  1.000 27.703 ? 510 GLU BBB N   1 ? 
ATOM   683  C CA  . GLU B 1 24 ? 7.940   -10.133 -3.611  1.000 29.858 ? 510 GLU BBB CA  1 ? 
ATOM   684  C C   . GLU B 1 24 ? 6.783   -10.503 -4.532  1.000 29.218 ? 510 GLU BBB C   1 ? 
ATOM   685  O O   . GLU B 1 24 ? 5.818   -11.141 -4.054  1.000 24.777 ? 510 GLU BBB O   1 ? 
ATOM   686  C CB  . GLU B 1 24 ? 9.001   -11.221 -3.671  1.000 33.739 ? 510 GLU BBB CB  1 ? 
ATOM   687  C CG  . GLU B 1 24 ? 10.208  -10.947 -2.811  1.000 36.941 ? 510 GLU BBB CG  1 ? 
ATOM   688  C CD  . GLU B 1 24 ? 11.051  -9.868  -3.429  1.000 42.646 ? 510 GLU BBB CD  1 ? 
ATOM   689  O OE1 . GLU B 1 24 ? 12.060  -9.516  -2.813  1.000 50.168 ? 510 GLU BBB OE1 1 ? 
ATOM   690  O OE2 . GLU B 1 24 ? 10.696  -9.415  -4.539  1.000 44.296 ? 510 GLU BBB OE2 1 ? 
ATOM   691  N N   . VAL B 1 25 ? 6.863   -10.118 -5.803  1.000 29.371 ? 511 VAL BBB N   1 ? 
ATOM   692  C CA  . VAL B 1 25 ? 5.801   -10.463 -6.789  1.000 29.427 ? 511 VAL BBB CA  1 ? 
ATOM   693  C C   . VAL B 1 25 ? 5.591   -11.986 -6.771  1.000 29.712 ? 511 VAL BBB C   1 ? 
ATOM   694  O O   . VAL B 1 25 ? 6.552   -12.731 -6.934  1.000 26.930 ? 511 VAL BBB O   1 ? 
ATOM   695  C CB  . VAL B 1 25 ? 6.118   -9.941  -8.197  1.000 27.954 ? 511 VAL BBB CB  1 ? 
ATOM   696  C CG1 . VAL B 1 25 ? 5.199   -10.563 -9.235  1.000 28.518 ? 511 VAL BBB CG1 1 ? 
ATOM   697  C CG2 . VAL B 1 25 ? 6.019   -8.437  -8.247  1.000 28.137 ? 511 VAL BBB CG2 1 ? 
ATOM   698  N N   . ASP B 1 26 ? 4.350   -12.390 -6.526  1.000 32.468 ? 512 ASP BBB N   1 ? 
ATOM   699  C CA  . ASP B 1 26 ? 3.810   -13.754 -6.676  1.000 33.502 ? 512 ASP BBB CA  1 ? 
ATOM   700  C C   . ASP B 1 26 ? 4.008   -14.520 -5.374  1.000 32.544 ? 512 ASP BBB C   1 ? 
ATOM   701  O O   . ASP B 1 26 ? 3.810   -15.745 -5.382  1.000 30.226 ? 512 ASP BBB O   1 ? 
ATOM   702  C CB  . ASP B 1 26 ? 4.407   -14.452 -7.898  1.000 42.837 ? 512 ASP BBB CB  1 ? 
ATOM   703  C CG  . ASP B 1 26 ? 3.449   -15.475 -8.501  1.000 55.667 ? 512 ASP BBB CG  1 ? 
ATOM   704  O OD1 . ASP B 1 26 ? 2.236   -15.138 -8.684  1.000 54.804 ? 512 ASP BBB OD1 1 ? 
ATOM   705  O OD2 . ASP B 1 26 ? 3.901   -16.629 -8.744  1.000 70.892 ? 512 ASP BBB OD2 1 ? 
ATOM   706  N N   . ASP B 1 27 ? 4.331   -13.821 -4.282  1.000 30.821 ? 513 ASP BBB N   1 ? 
ATOM   707  C CA  . ASP B 1 27 ? 4.389   -14.442 -2.939  1.000 28.652 ? 513 ASP BBB CA  1 ? 
ATOM   708  C C   . ASP B 1 27 ? 2.998   -14.969 -2.620  1.000 26.700 ? 513 ASP BBB C   1 ? 
ATOM   709  O O   . ASP B 1 27 ? 2.028   -14.249 -2.784  1.000 24.869 ? 513 ASP BBB O   1 ? 
ATOM   710  C CB  . ASP B 1 27 ? 4.931   -13.482 -1.888  1.000 29.685 ? 513 ASP BBB CB  1 ? 
ATOM   711  C CG  . ASP B 1 27 ? 6.447   -13.396 -1.884  1.000 31.138 ? 513 ASP BBB CG  1 ? 
ATOM   712  O OD1 . ASP B 1 27 ? 7.071   -14.117 -2.681  1.000 32.490 ? 513 ASP BBB OD1 1 ? 
ATOM   713  O OD2 . ASP B 1 27 ? 6.991   -12.612 -1.085  1.000 28.438 ? 513 ASP BBB OD2 1 ? 
ATOM   714  N N   . PRO B 1 28 ? 2.865   -16.249 -2.205  1.000 23.993 ? 514 PRO BBB N   1 ? 
ATOM   715  C CA  . PRO B 1 28 ? 1.606   -16.751 -1.662  1.000 24.367 ? 514 PRO BBB CA  1 ? 
ATOM   716  C C   . PRO B 1 28 ? 1.453   -16.206 -0.234  1.000 26.471 ? 514 PRO BBB C   1 ? 
ATOM   717  O O   . PRO B 1 28 ? 2.438   -16.151 0.507   1.000 28.364 ? 514 PRO BBB O   1 ? 
ATOM   718  C CB  . PRO B 1 28 ? 1.722   -18.285 -1.706  1.000 23.254 ? 514 PRO BBB CB  1 ? 
ATOM   719  C CG  . PRO B 1 28 ? 3.225   -18.538 -1.693  1.000 25.540 ? 514 PRO BBB CG  1 ? 
ATOM   720  C CD  . PRO B 1 28 ? 3.906   -17.290 -2.241  1.000 24.975 ? 514 PRO BBB CD  1 ? 
ATOM   721  N N   . LEU B 1 29 ? 0.238   -15.779 0.101   1.000 25.539 ? 515 LEU BBB N   1 ? 
ATOM   722  C CA  . LEU B 1 29 ? -0.088  -15.069 1.358   1.000 26.410 ? 515 LEU BBB CA  1 ? 
ATOM   723  C C   . LEU B 1 29 ? -1.373  -15.684 1.892   1.000 30.748 ? 515 LEU BBB C   1 ? 
ATOM   724  O O   . LEU B 1 29 ? -2.196  -16.117 1.073   1.000 27.969 ? 515 LEU BBB O   1 ? 
ATOM   725  C CB  . LEU B 1 29 ? -0.281  -13.576 1.086   1.000 25.060 ? 515 LEU BBB CB  1 ? 
ATOM   726  C CG  . LEU B 1 29 ? 0.761   -12.929 0.173   1.000 26.617 ? 515 LEU BBB CG  1 ? 
ATOM   727  C CD1 . LEU B 1 29 ? 0.321   -11.548 -0.286  1.000 26.279 ? 515 LEU BBB CD1 1 ? 
ATOM   728  C CD2 . LEU B 1 29 ? 2.123   -12.858 0.850   1.000 25.263 ? 515 LEU BBB CD2 1 ? 
ATOM   729  N N   . LEU B 1 30 ? -1.459  -15.798 3.214   1.000 35.034 ? 516 LEU BBB N   1 ? 
ATOM   730  C CA  . LEU B 1 30 ? -2.704  -15.956 3.995   1.000 34.109 ? 516 LEU BBB CA  1 ? 
ATOM   731  C C   . LEU B 1 30 ? -3.010  -14.582 4.580   1.000 32.817 ? 516 LEU BBB C   1 ? 
ATOM   732  O O   . LEU B 1 30 ? -2.114  -13.969 5.185   1.000 30.893 ? 516 LEU BBB O   1 ? 
ATOM   733  C CB  . LEU B 1 30 ? -2.508  -16.998 5.098   1.000 38.039 ? 516 LEU BBB CB  1 ? 
ATOM   734  C CG  . LEU B 1 30 ? -3.781  -17.347 5.872   1.000 41.007 ? 516 LEU BBB CG  1 ? 
ATOM   735  C CD1 . LEU B 1 30 ? -4.857  -17.899 4.931   1.000 40.778 ? 516 LEU BBB CD1 1 ? 
ATOM   736  C CD2 . LEU B 1 30 ? -3.475  -18.325 6.994   1.000 40.593 ? 516 LEU BBB CD2 1 ? 
ATOM   737  N N   . VAL B 1 31 ? -4.257  -14.152 4.457   1.000 31.822 ? 517 VAL BBB N   1 ? 
ATOM   738  C CA  . VAL B 1 31 ? -4.621  -12.710 4.441   1.000 30.575 ? 517 VAL BBB CA  1 ? 
ATOM   739  C C   . VAL B 1 31 ? -5.982  -12.546 5.136   1.000 28.328 ? 517 VAL BBB C   1 ? 
ATOM   740  O O   . VAL B 1 31 ? -6.851  -13.378 4.915   1.000 27.809 ? 517 VAL BBB O   1 ? 
ATOM   741  C CB  . VAL B 1 31 ? -4.593  -12.277 2.960   1.000 33.137 ? 517 VAL BBB CB  1 ? 
ATOM   742  C CG1 . VAL B 1 31 ? -5.926  -11.724 2.489   1.000 34.719 ? 517 VAL BBB CG1 1 ? 
ATOM   743  C CG2 . VAL B 1 31 ? -3.419  -11.364 2.621   1.000 30.152 ? 517 VAL BBB CG2 1 ? 
ATOM   744  N N   . GLU B 1 32 ? -6.109  -11.545 6.002   1.000 29.752 ? 518 GLU BBB N   1 ? 
ATOM   745  C CA  . GLU B 1 32 ? -7.395  -11.087 6.589   1.000 33.259 ? 518 GLU BBB CA  1 ? 
ATOM   746  C C   . GLU B 1 32 ? -7.498  -9.568  6.382   1.000 30.847 ? 518 GLU BBB C   1 ? 
ATOM   747  O O   . GLU B 1 32 ? -6.637  -8.821  6.934   1.000 29.297 ? 518 GLU BBB O   1 ? 
ATOM   748  C CB  . GLU B 1 32 ? -7.501  -11.450 8.071   1.000 35.957 ? 518 GLU BBB CB  1 ? 
ATOM   749  C CG  . GLU B 1 32 ? -8.895  -11.223 8.621   1.000 43.984 ? 518 GLU BBB CG  1 ? 
ATOM   750  C CD  . GLU B 1 32 ? -8.991  -11.100 10.134  1.000 51.880 ? 518 GLU BBB CD  1 ? 
ATOM   751  O OE1 . GLU B 1 32 ? -9.765  -11.884 10.729  1.000 57.484 ? 518 GLU BBB OE1 1 ? 
ATOM   752  O OE2 . GLU B 1 32 ? -8.298  -10.214 10.713  1.000 55.848 ? 518 GLU BBB OE2 1 ? 
ATOM   753  N N   . LEU B 1 33 ? -8.485  -9.138  5.591   1.000 30.577 ? 519 LEU BBB N   1 ? 
ATOM   754  C CA  . LEU B 1 33 ? -8.715  -7.702  5.303   1.000 32.821 ? 519 LEU BBB CA  1 ? 
ATOM   755  C C   . LEU B 1 33 ? -9.175  -6.976  6.577   1.000 29.560 ? 519 LEU BBB C   1 ? 
ATOM   756  O O   . LEU B 1 33 ? -10.193 -7.417  7.204   1.000 23.017 ? 519 LEU BBB O   1 ? 
ATOM   757  C CB  . LEU B 1 33 ? -9.765  -7.538  4.200   1.000 35.245 ? 519 LEU BBB CB  1 ? 
ATOM   758  C CG  . LEU B 1 33 ? -10.055 -6.074  3.865   1.000 36.376 ? 519 LEU BBB CG  1 ? 
ATOM   759  C CD1 . LEU B 1 33 ? -8.898  -5.490  3.059   1.000 35.775 ? 519 LEU BBB CD1 1 ? 
ATOM   760  C CD2 . LEU B 1 33 ? -11.388 -5.907  3.148   1.000 36.336 ? 519 LEU BBB CD2 1 ? 
ATOM   761  N N   . GLN B 1 34 ? -8.463  -5.901  6.920   1.000 27.990 ? 520 GLN BBB N   1 ? 
ATOM   762  C CA  . GLN B 1 34 ? -8.803  -4.979  8.041   1.000 31.668 ? 520 GLN BBB CA  1 ? 
ATOM   763  C C   . GLN B 1 34 ? -9.648  -3.840  7.460   1.000 33.029 ? 520 GLN BBB C   1 ? 
ATOM   764  O O   . GLN B 1 34 ? -9.091  -2.975  6.705   1.000 27.870 ? 520 GLN BBB O   1 ? 
ATOM   765  C CB  . GLN B 1 34 ? -7.528  -4.475  8.738   1.000 32.204 ? 520 GLN BBB CB  1 ? 
ATOM   766  C CG  . GLN B 1 34 ? -6.554  -5.581  9.130   1.000 32.880 ? 520 GLN BBB CG  1 ? 
ATOM   767  C CD  . GLN B 1 34 ? -7.197  -6.601  10.043  1.000 34.737 ? 520 GLN BBB CD  1 ? 
ATOM   768  O OE1 . GLN B 1 34 ? -7.715  -6.250  11.093  1.000 35.092 ? 520 GLN BBB OE1 1 ? 
ATOM   769  N NE2 . GLN B 1 34 ? -7.165  -7.870  9.657   1.000 31.298 ? 520 GLN BBB NE2 1 ? 
ATOM   770  N N   . ALA B 1 35 ? -10.948 -3.875  7.762   1.000 35.829 ? 521 ALA BBB N   1 ? 
ATOM   771  C CA  . ALA B 1 35 ? -11.997 -3.073  7.086   1.000 45.033 ? 521 ALA BBB CA  1 ? 
ATOM   772  C C   . ALA B 1 35 ? -11.850 -1.565  7.379   1.000 43.245 ? 521 ALA BBB C   1 ? 
ATOM   773  O O   . ALA B 1 35 ? -12.263 -0.765  6.527   1.000 40.828 ? 521 ALA BBB O   1 ? 
ATOM   774  C CB  . ALA B 1 35 ? -13.360 -3.581  7.494   1.000 50.344 ? 521 ALA BBB CB  1 ? 
ATOM   775  N N   . GLU B 1 36 ? -11.292 -1.195  8.530   1.000 41.908 ? 522 GLU BBB N   1 ? 
ATOM   776  C CA  . GLU B 1 36 ? -11.098 0.220   8.942   1.000 43.145 ? 522 GLU BBB CA  1 ? 
ATOM   777  C C   . GLU B 1 36 ? -10.150 0.958   7.982   1.000 42.478 ? 522 GLU BBB C   1 ? 
ATOM   778  O O   . GLU B 1 36 ? -10.286 2.184   7.914   1.000 44.440 ? 522 GLU BBB O   1 ? 
ATOM   779  C CB  . GLU B 1 36 ? -10.474 0.401   10.331  1.000 47.772 ? 522 GLU BBB CB  1 ? 
ATOM   780  C CG  . GLU B 1 36 ? -10.545 -0.786  11.261  1.000 54.703 ? 522 GLU BBB CG  1 ? 
ATOM   781  C CD  . GLU B 1 36 ? -9.444  -1.811  11.047  1.000 53.418 ? 522 GLU BBB CD  1 ? 
ATOM   782  O OE1 . GLU B 1 36 ? -9.792  -2.941  10.667  1.000 61.188 ? 522 GLU BBB OE1 1 ? 
ATOM   783  O OE2 . GLU B 1 36 ? -8.252  -1.468  11.228  1.000 52.766 ? 522 GLU BBB OE2 1 ? 
ATOM   784  N N   . ASP B 1 37 ? -9.197  0.294   7.313   1.000 38.086 ? 523 ASP BBB N   1 ? 
ATOM   785  C CA  . ASP B 1 37 ? -8.243  1.018   6.427   1.000 36.159 ? 523 ASP BBB CA  1 ? 
ATOM   786  C C   . ASP B 1 37 ? -7.897  0.241   5.150   1.000 34.460 ? 523 ASP BBB C   1 ? 
ATOM   787  O O   . ASP B 1 37 ? -7.078  0.765   4.375   1.000 33.889 ? 523 ASP BBB O   1 ? 
ATOM   788  C CB  . ASP B 1 37 ? -6.970  1.403   7.178   1.000 37.378 ? 523 ASP BBB CB  1 ? 
ATOM   789  C CG  . ASP B 1 37 ? -6.311  0.267   7.938   1.000 40.003 ? 523 ASP BBB CG  1 ? 
ATOM   790  O OD1 . ASP B 1 37 ? -6.769  -0.893  7.791   1.000 43.002 ? 523 ASP BBB OD1 1 ? 
ATOM   791  O OD2 . ASP B 1 37 ? -5.341  0.552   8.674   1.000 42.982 ? 523 ASP BBB OD2 1 ? 
ATOM   792  N N   . TYR B 1 38 ? -8.474  -0.941  4.916   1.000 34.226 ? 524 TYR BBB N   1 ? 
ATOM   793  C CA  . TYR B 1 38 ? -8.143  -1.808  3.745   1.000 32.479 ? 524 TYR BBB CA  1 ? 
ATOM   794  C C   . TYR B 1 38 ? -6.624  -2.054  3.666   1.000 28.282 ? 524 TYR BBB C   1 ? 
ATOM   795  O O   . TYR B 1 38 ? -5.990  -1.898  2.607   1.000 27.870 ? 524 TYR BBB O   1 ? 
ATOM   796  C CB  . TYR B 1 38 ? -8.740  -1.196  2.469   1.000 36.136 ? 524 TYR BBB CB  1 ? 
ATOM   797  C CG  . TYR B 1 38 ? -10.134 -1.692  2.189   1.000 39.268 ? 524 TYR BBB CG  1 ? 
ATOM   798  C CD1 . TYR B 1 38 ? -11.192 -1.419  3.050   1.000 39.459 ? 524 TYR BBB CD1 1 ? 
ATOM   799  C CD2 . TYR B 1 38 ? -10.379 -2.504  1.091   1.000 44.316 ? 524 TYR BBB CD2 1 ? 
ATOM   800  C CE1 . TYR B 1 38 ? -12.459 -1.926  2.820   1.000 41.502 ? 524 TYR BBB CE1 1 ? 
ATOM   801  C CE2 . TYR B 1 38 ? -11.640 -3.021  0.846   1.000 47.459 ? 524 TYR BBB CE2 1 ? 
ATOM   802  C CZ  . TYR B 1 38 ? -12.682 -2.726  1.708   1.000 47.406 ? 524 TYR BBB CZ  1 ? 
ATOM   803  O OH  . TYR B 1 38 ? -13.908 -3.250  1.419   1.000 47.756 ? 524 TYR BBB OH  1 ? 
ATOM   804  N N   . TRP B 1 39 ? -6.042  -2.391  4.812   1.000 26.637 ? 525 TRP BBB N   1 ? 
ATOM   805  C CA  . TRP B 1 39 ? -4.757  -3.119  4.924   1.000 25.118 ? 525 TRP BBB CA  1 ? 
ATOM   806  C C   . TRP B 1 39 ? -5.111  -4.577  5.195   1.000 24.190 ? 525 TRP BBB C   1 ? 
ATOM   807  O O   . TRP B 1 39 ? -6.173  -4.825  5.825   1.000 22.861 ? 525 TRP BBB O   1 ? 
ATOM   808  C CB  . TRP B 1 39 ? -3.833  -2.545  6.002   1.000 24.478 ? 525 TRP BBB CB  1 ? 
ATOM   809  C CG  . TRP B 1 39 ? -3.268  -1.206  5.649   1.000 23.564 ? 525 TRP BBB CG  1 ? 
ATOM   810  C CD1 . TRP B 1 39 ? -3.984  -0.070  5.421   1.000 22.871 ? 525 TRP BBB CD1 1 ? 
ATOM   811  C CD2 . TRP B 1 39 ? -1.886  -0.827  5.572   1.000 22.501 ? 525 TRP BBB CD2 1 ? 
ATOM   812  N NE1 . TRP B 1 39 ? -3.147  0.966   5.143   1.000 22.827 ? 525 TRP BBB NE1 1 ? 
ATOM   813  C CE2 . TRP B 1 39 ? -1.851  0.545   5.251   1.000 22.985 ? 525 TRP BBB CE2 1 ? 
ATOM   814  C CE3 . TRP B 1 39 ? -0.676  -1.497  5.752   1.000 22.903 ? 525 TRP BBB CE3 1 ? 
ATOM   815  C CZ2 . TRP B 1 39 ? -0.658  1.250   5.072   1.000 22.066 ? 525 TRP BBB CZ2 1 ? 
ATOM   816  C CZ3 . TRP B 1 39 ? 0.506   -0.802  5.573   1.000 22.683 ? 525 TRP BBB CZ3 1 ? 
ATOM   817  C CH2 . TRP B 1 39 ? 0.513   0.550   5.227   1.000 21.691 ? 525 TRP BBB CH2 1 ? 
ATOM   818  N N   . TYR B 1 40 ? -4.269  -5.474  4.696   1.000 22.961 ? 526 TYR BBB N   1 ? 
ATOM   819  C CA  . TYR B 1 40 ? -4.267  -6.916  5.060   1.000 25.675 ? 526 TYR BBB CA  1 ? 
ATOM   820  C C   . TYR B 1 40 ? -3.320  -7.147  6.231   1.000 24.302 ? 526 TYR BBB C   1 ? 
ATOM   821  O O   . TYR B 1 40 ? -2.181  -6.608  6.220   1.000 23.059 ? 526 TYR BBB O   1 ? 
ATOM   822  C CB  . TYR B 1 40 ? -3.837  -7.789  3.881   1.000 27.574 ? 526 TYR BBB CB  1 ? 
ATOM   823  C CG  . TYR B 1 40 ? -4.872  -7.947  2.786   1.000 27.916 ? 526 TYR BBB CG  1 ? 
ATOM   824  C CD1 . TYR B 1 40 ? -6.104  -8.534  3.042   1.000 28.083 ? 526 TYR BBB CD1 1 ? 
ATOM   825  C CD2 . TYR B 1 40 ? -4.596  -7.554  1.479   1.000 29.120 ? 526 TYR BBB CD2 1 ? 
ATOM   826  C CE1 . TYR B 1 40 ? -7.026  -8.735  2.025   1.000 28.387 ? 526 TYR BBB CE1 1 ? 
ATOM   827  C CE2 . TYR B 1 40 ? -5.508  -7.740  0.455   1.000 28.964 ? 526 TYR BBB CE2 1 ? 
ATOM   828  C CZ  . TYR B 1 40 ? -6.732  -8.331  0.728   1.000 29.470 ? 526 TYR BBB CZ  1 ? 
ATOM   829  O OH  . TYR B 1 40 ? -7.632  -8.501  -0.298  1.000 32.793 ? 526 TYR BBB OH  1 ? 
ATOM   830  N N   . GLU B 1 41 ? -3.823  -7.876  7.230   1.000 28.960 ? 527 GLU BBB N   1 ? 
ATOM   831  C CA  . GLU B 1 41 ? -3.013  -8.664  8.204   1.000 32.023 ? 527 GLU BBB CA  1 ? 
ATOM   832  C C   . GLU B 1 41 ? -2.696  -9.988  7.509   1.000 29.717 ? 527 GLU BBB C   1 ? 
ATOM   833  O O   . GLU B 1 41 ? -3.629  -10.617 6.981   1.000 26.602 ? 527 GLU BBB O   1 ? 
ATOM   834  C CB  . GLU B 1 41 ? -3.746  -8.897  9.526   1.000 38.383 ? 527 GLU BBB CB  1 ? 
ATOM   835  C CG  . GLU B 1 41 ? -3.376  -7.900  10.610  1.000 50.382 ? 527 GLU BBB CG  1 ? 
ATOM   836  C CD  . GLU B 1 41 ? -4.085  -8.106  11.943  1.000 64.062 ? 527 GLU BBB CD  1 ? 
ATOM   837  O OE1 . GLU B 1 41 ? -3.951  -7.234  12.841  1.000 67.070 ? 527 GLU BBB OE1 1 ? 
ATOM   838  O OE2 . GLU B 1 41 ? -4.780  -9.139  12.091  1.000 81.740 ? 527 GLU BBB OE2 1 ? 
ATOM   839  N N   . ALA B 1 42 ? -1.421  -10.365 7.439   1.000 28.880 ? 528 ALA BBB N   1 ? 
ATOM   840  C CA  . ALA B 1 42 ? -0.978  -11.394 6.486   1.000 29.102 ? 528 ALA BBB CA  1 ? 
ATOM   841  C C   . ALA B 1 42 ? 0.167   -12.235 7.035   1.000 26.916 ? 528 ALA BBB C   1 ? 
ATOM   842  O O   . ALA B 1 42 ? 0.984   -11.749 7.844   1.000 26.251 ? 528 ALA BBB O   1 ? 
ATOM   843  C CB  . ALA B 1 42 ? -0.582  -10.727 5.197   1.000 30.386 ? 528 ALA BBB CB  1 ? 
ATOM   844  N N   . TYR B 1 43 ? 0.199   -13.483 6.575   1.000 26.216 ? 529 TYR BBB N   1 ? 
ATOM   845  C CA  . TYR B 1 43 ? 1.334   -14.423 6.698   1.000 23.367 ? 529 TYR BBB CA  1 ? 
ATOM   846  C C   . TYR B 1 43 ? 1.863   -14.662 5.275   1.000 22.325 ? 529 TYR BBB C   1 ? 
ATOM   847  O O   . TYR B 1 43 ? 1.095   -15.083 4.433   1.000 21.547 ? 529 TYR BBB O   1 ? 
ATOM   848  C CB  . TYR B 1 43 ? 0.863   -15.681 7.420   1.000 26.077 ? 529 TYR BBB CB  1 ? 
ATOM   849  C CG  . TYR B 1 43 ? 1.894   -16.780 7.503   1.000 26.501 ? 529 TYR BBB CG  1 ? 
ATOM   850  C CD1 . TYR B 1 43 ? 2.911   -16.714 8.441   1.000 27.517 ? 529 TYR BBB CD1 1 ? 
ATOM   851  C CD2 . TYR B 1 43 ? 1.886   -17.855 6.622   1.000 27.400 ? 529 TYR BBB CD2 1 ? 
ATOM   852  C CE1 . TYR B 1 43 ? 3.881   -17.700 8.531   1.000 29.404 ? 529 TYR BBB CE1 1 ? 
ATOM   853  C CE2 . TYR B 1 43 ? 2.846   -18.857 6.700   1.000 27.372 ? 529 TYR BBB CE2 1 ? 
ATOM   854  C CZ  . TYR B 1 43 ? 3.847   -18.783 7.659   1.000 28.873 ? 529 TYR BBB CZ  1 ? 
ATOM   855  O OH  . TYR B 1 43 ? 4.817   -19.745 7.737   1.000 26.901 ? 529 TYR BBB OH  1 ? 
ATOM   856  N N   . ASN B 1 44 ? 3.121   -14.327 5.025   1.000 21.325 ? 530 ASN BBB N   1 ? 
ATOM   857  C CA  . ASN B 1 44 ? 3.858   -14.668 3.788   1.000 21.227 ? 530 ASN BBB CA  1 ? 
ATOM   858  C C   . ASN B 1 44 ? 4.281   -16.148 3.850   1.000 23.397 ? 530 ASN BBB C   1 ? 
ATOM   859  O O   . ASN B 1 44 ? 5.095   -16.518 4.713   1.000 22.586 ? 530 ASN BBB O   1 ? 
ATOM   860  C CB  . ASN B 1 44 ? 5.062   -13.744 3.609   1.000 20.718 ? 530 ASN BBB CB  1 ? 
ATOM   861  C CG  . ASN B 1 44 ? 5.715   -13.948 2.261   1.000 20.049 ? 530 ASN BBB CG  1 ? 
ATOM   862  O OD1 . ASN B 1 44 ? 5.909   -15.093 1.846   1.000 20.266 ? 530 ASN BBB OD1 1 ? 
ATOM   863  N ND2 . ASN B 1 44 ? 5.998   -12.863 1.559   1.000 19.290 ? 530 ASN BBB ND2 1 ? 
ATOM   864  N N   . MET B 1 45 ? 3.704   -16.978 2.978   1.000 26.024 ? 531 MET BBB N   1 ? 
ATOM   865  C CA  . MET B 1 45 ? 3.900   -18.452 2.991   1.000 27.784 ? 531 MET BBB CA  1 ? 
ATOM   866  C C   . MET B 1 45 ? 5.276   -18.794 2.406   1.000 27.289 ? 531 MET BBB C   1 ? 
ATOM   867  O O   . MET B 1 45 ? 5.764   -19.861 2.714   1.000 30.016 ? 531 MET BBB O   1 ? 
ATOM   868  C CB  . MET B 1 45 ? 2.782   -19.165 2.232   1.000 30.630 ? 531 MET BBB CB  1 ? 
ATOM   869  C CG  . MET B 1 45 ? 1.503   -19.201 3.012   1.000 36.417 ? 531 MET BBB CG  1 ? 
ATOM   870  S SD  . MET B 1 45 ? 0.078   -19.742 2.027   1.000 50.599 ? 531 MET BBB SD  1 ? 
ATOM   871  C CE  . MET B 1 45 ? 0.243   -21.525 2.102   1.000 49.387 ? 531 MET BBB CE  1 ? 
ATOM   872  N N   . ARG B 1 46 ? 5.912   -17.908 1.649   1.000 24.952 ? 532 ARG BBB N   1 ? 
ATOM   873  C CA  . ARG B 1 46 ? 7.307   -18.127 1.215   1.000 27.669 ? 532 ARG BBB CA  1 ? 
ATOM   874  C C   . ARG B 1 46 ? 8.272   -17.870 2.379   1.000 28.943 ? 532 ARG BBB C   1 ? 
ATOM   875  O O   . ARG B 1 46 ? 9.113   -18.757 2.643   1.000 30.673 ? 532 ARG BBB O   1 ? 
ATOM   876  C CB  . ARG B 1 46 ? 7.716   -17.261 0.028   1.000 28.450 ? 532 ARG BBB CB  1 ? 
ATOM   877  C CG  . ARG B 1 46 ? 9.133   -17.570 -0.427  1.000 30.130 ? 532 ARG BBB CG  1 ? 
ATOM   878  C CD  . ARG B 1 46 ? 9.467   -16.870 -1.722  1.000 33.979 ? 532 ARG BBB CD  1 ? 
ATOM   879  N NE  . ARG B 1 46 ? 9.295   -15.435 -1.549  1.000 37.960 ? 532 ARG BBB NE  1 ? 
ATOM   880  C CZ  . ARG B 1 46 ? 10.173  -14.646 -0.953  1.000 35.965 ? 532 ARG BBB CZ  1 ? 
ATOM   881  N NH1 . ARG B 1 46 ? 11.294  -15.151 -0.468  1.000 37.185 ? 532 ARG BBB NH1 1 ? 
ATOM   882  N NH2 . ARG B 1 46 ? 9.920   -13.361 -0.831  1.000 35.003 ? 532 ARG BBB NH2 1 ? 
ATOM   883  N N   . THR B 1 47 ? 8.178   -16.707 3.037   1.000 29.540 ? 533 THR BBB N   1 ? 
ATOM   884  C CA  . THR B 1 47 ? 9.201   -16.181 3.983   1.000 26.049 ? 533 THR BBB CA  1 ? 
ATOM   885  C C   . THR B 1 47 ? 8.895   -16.598 5.433   1.000 24.013 ? 533 THR BBB C   1 ? 
ATOM   886  O O   . THR B 1 47 ? 9.802   -16.515 6.259   1.000 18.863 ? 533 THR BBB O   1 ? 
ATOM   887  C CB  . THR B 1 47 ? 9.313   -14.655 3.878   1.000 25.339 ? 533 THR BBB CB  1 ? 
ATOM   888  O OG1 . THR B 1 47 ? 8.082   -14.125 4.381   1.000 23.096 ? 533 THR BBB OG1 1 ? 
ATOM   889  C CG2 . THR B 1 47 ? 9.631   -14.185 2.477   1.000 24.687 ? 533 THR BBB CG2 1 ? 
ATOM   890  N N   . GLY B 1 48 ? 7.651   -16.970 5.739   1.000 24.274 ? 534 GLY BBB N   1 ? 
ATOM   891  C CA  . GLY B 1 48 ? 7.222   -17.276 7.116   1.000 24.204 ? 534 GLY BBB CA  1 ? 
ATOM   892  C C   . GLY B 1 48 ? 7.038   -16.013 7.947   1.000 24.520 ? 534 GLY BBB C   1 ? 
ATOM   893  O O   . GLY B 1 48 ? 6.813   -16.145 9.141   1.000 26.017 ? 534 GLY BBB O   1 ? 
ATOM   894  N N   . ALA B 1 49 ? 7.067   -14.825 7.333   1.000 24.578 ? 535 ALA BBB N   1 ? 
ATOM   895  C CA  . ALA B 1 49 ? 6.921   -13.526 8.023   1.000 23.532 ? 535 ALA BBB CA  1 ? 
ATOM   896  C C   . ALA B 1 49 ? 5.440   -13.191 8.207   1.000 24.892 ? 535 ALA BBB C   1 ? 
ATOM   897  O O   . ALA B 1 49 ? 4.618   -13.639 7.419   1.000 22.512 ? 535 ALA BBB O   1 ? 
ATOM   898  C CB  . ALA B 1 49 ? 7.655   -12.425 7.300   1.000 22.544 ? 535 ALA BBB CB  1 ? 
ATOM   899  N N   . ARG B 1 50 ? 5.173   -12.391 9.239   1.000 28.146 ? 536 ARG BBB N   1 ? 
ATOM   900  C CA  . ARG B 1 50 ? 3.854   -11.907 9.698   1.000 33.045 ? 536 ARG BBB CA  1 ? 
ATOM   901  C C   . ARG B 1 50 ? 3.914   -10.374 9.660   1.000 30.014 ? 536 ARG BBB C   1 ? 
ATOM   902  O O   . ARG B 1 50 ? 5.015   -9.809  9.880   1.000 26.594 ? 536 ARG BBB O   1 ? 
ATOM   903  C CB  . ARG B 1 50 ? 3.612   -12.431 11.117  1.000 36.937 ? 536 ARG BBB CB  1 ? 
ATOM   904  C CG  . ARG B 1 50 ? 3.022   -13.830 11.194  1.000 45.353 ? 536 ARG BBB CG  1 ? 
ATOM   905  C CD  . ARG B 1 50 ? 1.555   -13.783 11.606  1.000 55.036 ? 536 ARG BBB CD  1 ? 
ATOM   906  N NE  . ARG B 1 50 ? 0.881   -12.650 10.958  1.000 66.498 ? 536 ARG BBB NE  1 ? 
ATOM   907  C CZ  . ARG B 1 50 ? -0.240  -12.045 11.367  1.000 67.127 ? 536 ARG BBB CZ  1 ? 
ATOM   908  N NH1 . ARG B 1 50 ? -0.702  -11.018 10.672  1.000 64.624 ? 536 ARG BBB NH1 1 ? 
ATOM   909  N NH2 . ARG B 1 50 ? -0.879  -12.444 12.454  1.000 70.833 ? 536 ARG BBB NH2 1 ? 
ATOM   910  N N   . GLY B 1 51 ? 2.810   -9.726  9.298   1.000 30.728 ? 537 GLY BBB N   1 ? 
ATOM   911  C CA  . GLY B 1 51 ? 2.751   -8.256  9.244   1.000 31.690 ? 537 GLY BBB CA  1 ? 
ATOM   912  C C   . GLY B 1 51 ? 1.594   -7.747  8.421   1.000 29.846 ? 537 GLY BBB C   1 ? 
ATOM   913  O O   . GLY B 1 51 ? 0.723   -8.540  8.061   1.000 31.524 ? 537 GLY BBB O   1 ? 
ATOM   914  N N   . VAL B 1 52 ? 1.581   -6.445  8.172   1.000 29.408 ? 538 VAL BBB N   1 ? 
ATOM   915  C CA  . VAL B 1 52 ? 0.466   -5.791  7.438   1.000 28.668 ? 538 VAL BBB CA  1 ? 
ATOM   916  C C   . VAL B 1 52 ? 1.039   -5.269  6.129   1.000 25.237 ? 538 VAL BBB C   1 ? 
ATOM   917  O O   . VAL B 1 52 ? 2.254   -4.894  6.097   1.000 22.788 ? 538 VAL BBB O   1 ? 
ATOM   918  C CB  . VAL B 1 52 ? -0.219  -4.672  8.251   1.000 28.367 ? 538 VAL BBB CB  1 ? 
ATOM   919  C CG1 . VAL B 1 52 ? -0.894  -5.226  9.496   1.000 31.305 ? 538 VAL BBB CG1 1 ? 
ATOM   920  C CG2 . VAL B 1 52 ? 0.737   -3.538  8.596   1.000 27.872 ? 538 VAL BBB CG2 1 ? 
ATOM   921  N N   . PHE B 1 53 ? 0.176   -5.185  5.126   1.000 23.968 ? 539 PHE BBB N   1 ? 
ATOM   922  C CA  . PHE B 1 53 ? 0.474   -4.468  3.861   1.000 24.235 ? 539 PHE BBB CA  1 ? 
ATOM   923  C C   . PHE B 1 53 ? -0.840  -3.913  3.291   1.000 22.942 ? 539 PHE BBB C   1 ? 
ATOM   924  O O   . PHE B 1 53 ? -1.971  -4.329  3.637   1.000 19.308 ? 539 PHE BBB O   1 ? 
ATOM   925  C CB  . PHE B 1 53 ? 1.271   -5.390  2.930   1.000 24.399 ? 539 PHE BBB CB  1 ? 
ATOM   926  C CG  . PHE B 1 53 ? 0.399   -6.478  2.352   1.000 26.348 ? 539 PHE BBB CG  1 ? 
ATOM   927  C CD1 . PHE B 1 53 ? -0.324  -6.255  1.186   1.000 27.165 ? 539 PHE BBB CD1 1 ? 
ATOM   928  C CD2 . PHE B 1 53 ? 0.235   -7.689  3.005   1.000 27.233 ? 539 PHE BBB CD2 1 ? 
ATOM   929  C CE1 . PHE B 1 53 ? -1.191  -7.214  0.697   1.000 28.741 ? 539 PHE BBB CE1 1 ? 
ATOM   930  C CE2 . PHE B 1 53 ? -0.629  -8.652  2.502   1.000 28.047 ? 539 PHE BBB CE2 1 ? 
ATOM   931  C CZ  . PHE B 1 53 ? -1.339  -8.412  1.351   1.000 29.457 ? 539 PHE BBB CZ  1 ? 
ATOM   932  N N   . PRO B 1 54 ? -0.708  -2.895  2.421   1.000 23.346 ? 540 PRO BBB N   1 ? 
ATOM   933  C CA  . PRO B 1 54 ? -1.883  -2.246  1.828   1.000 21.829 ? 540 PRO BBB CA  1 ? 
ATOM   934  C C   . PRO B 1 54 ? -2.477  -3.114  0.704   1.000 20.920 ? 540 PRO BBB C   1 ? 
ATOM   935  O O   . PRO B 1 54 ? -1.751  -3.619  -0.147  1.000 20.082 ? 540 PRO BBB O   1 ? 
ATOM   936  C CB  . PRO B 1 54 ? -1.340  -0.865  1.436   1.000 21.534 ? 540 PRO BBB CB  1 ? 
ATOM   937  C CG  . PRO B 1 54 ? 0.164   -1.083  1.173   1.000 23.243 ? 540 PRO BBB CG  1 ? 
ATOM   938  C CD  . PRO B 1 54 ? 0.577   -2.300  1.989   1.000 23.905 ? 540 PRO BBB CD  1 ? 
ATOM   939  N N   . ALA B 1 55 ? -3.803  -3.232  0.707   1.000 20.721 ? 541 ALA BBB N   1 ? 
ATOM   940  C CA  . ALA B 1 55 ? -4.589  -4.280  0.010   1.000 22.012 ? 541 ALA BBB CA  1 ? 
ATOM   941  C C   . ALA B 1 55 ? -4.358  -4.259  -1.503  1.000 23.394 ? 541 ALA BBB C   1 ? 
ATOM   942  O O   . ALA B 1 55 ? -4.388  -5.320  -2.114  1.000 23.738 ? 541 ALA BBB O   1 ? 
ATOM   943  C CB  . ALA B 1 55 ? -6.068  -4.143  0.336   1.000 22.929 ? 541 ALA BBB CB  1 ? 
ATOM   944  N N   . TYR B 1 56 ? -4.099  -3.094  -2.094  1.000 25.780 ? 542 TYR BBB N   1 ? 
ATOM   945  C CA  . TYR B 1 56 ? -3.879  -2.946  -3.553  1.000 25.991 ? 542 TYR BBB CA  1 ? 
ATOM   946  C C   . TYR B 1 56 ? -2.689  -3.811  -4.033  1.000 24.093 ? 542 TYR BBB C   1 ? 
ATOM   947  O O   . TYR B 1 56 ? -2.658  -4.111  -5.205  1.000 25.084 ? 542 TYR BBB O   1 ? 
ATOM   948  C CB  . TYR B 1 56 ? -3.712  -1.464  -3.919  1.000 25.555 ? 542 TYR BBB CB  1 ? 
ATOM   949  C CG  . TYR B 1 56 ? -3.888  -1.169  -5.386  1.000 25.683 ? 542 TYR BBB CG  1 ? 
ATOM   950  C CD1 . TYR B 1 56 ? -5.130  -1.304  -6.003  1.000 26.787 ? 542 TYR BBB CD1 1 ? 
ATOM   951  C CD2 . TYR B 1 56 ? -2.809  -0.783  -6.167  1.000 24.694 ? 542 TYR BBB CD2 1 ? 
ATOM   952  C CE1 . TYR B 1 56 ? -5.289  -1.054  -7.363  1.000 28.534 ? 542 TYR BBB CE1 1 ? 
ATOM   953  C CE2 . TYR B 1 56 ? -2.949  -0.543  -7.528  1.000 26.748 ? 542 TYR BBB CE2 1 ? 
ATOM   954  C CZ  . TYR B 1 56 ? -4.195  -0.664  -8.132  1.000 28.591 ? 542 TYR BBB CZ  1 ? 
ATOM   955  O OH  . TYR B 1 56 ? -4.325  -0.424  -9.478  1.000 29.457 ? 542 TYR BBB OH  1 ? 
ATOM   956  N N   . TYR B 1 57 ? -1.766  -4.222  -3.161  1.000 22.037 ? 543 TYR BBB N   1 ? 
ATOM   957  C CA  . TYR B 1 57 ? -0.486  -4.883  -3.546  1.000 21.741 ? 543 TYR BBB CA  1 ? 
ATOM   958  C C   . TYR B 1 57 ? -0.674  -6.408  -3.624  1.000 21.162 ? 543 TYR BBB C   1 ? 
ATOM   959  O O   . TYR B 1 57 ? 0.271   -7.093  -4.042  1.000 18.162 ? 543 TYR BBB O   1 ? 
ATOM   960  C CB  . TYR B 1 57 ? 0.612   -4.492  -2.558  1.000 19.259 ? 543 TYR BBB CB  1 ? 
ATOM   961  C CG  . TYR B 1 57 ? 1.305   -3.189  -2.846  1.000 16.992 ? 543 TYR BBB CG  1 ? 
ATOM   962  C CD1 . TYR B 1 57 ? 0.642   -1.969  -2.859  1.000 16.361 ? 543 TYR BBB CD1 1 ? 
ATOM   963  C CD2 . TYR B 1 57 ? 2.658   -3.191  -3.134  1.000 16.407 ? 543 TYR BBB CD2 1 ? 
ATOM   964  C CE1 . TYR B 1 57 ? 1.312   -0.784  -3.109  1.000 14.216 ? 543 TYR BBB CE1 1 ? 
ATOM   965  C CE2 . TYR B 1 57 ? 3.343   -2.022  -3.398  1.000 15.466 ? 543 TYR BBB CE2 1 ? 
ATOM   966  C CZ  . TYR B 1 57 ? 2.670   -0.812  -3.375  1.000 15.217 ? 543 TYR BBB CZ  1 ? 
ATOM   967  O OH  . TYR B 1 57 ? 3.399   0.312   -3.646  1.000 14.052 ? 543 TYR BBB OH  1 ? 
ATOM   968  N N   . ALA B 1 58 ? -1.878  -6.922  -3.350  1.000 20.916 ? 544 ALA BBB N   1 ? 
ATOM   969  C CA  . ALA B 1 58 ? -2.177  -8.352  -3.540  1.000 21.655 ? 544 ALA BBB CA  1 ? 
ATOM   970  C C   . ALA B 1 58 ? -3.598  -8.563  -4.057  1.000 26.269 ? 544 ALA BBB C   1 ? 
ATOM   971  O O   . ALA B 1 58 ? -4.427  -7.641  -3.952  1.000 27.758 ? 544 ALA BBB O   1 ? 
ATOM   972  C CB  . ALA B 1 58 ? -1.969  -9.120  -2.263  1.000 22.154 ? 544 ALA BBB CB  1 ? 
ATOM   973  N N   . ILE B 1 59 ? -3.823  -9.766  -4.609  1.000 28.467 ? 545 ILE BBB N   1 ? 
ATOM   974  C CA  . ILE B 1 59 ? -5.092  -10.247 -5.217  1.000 31.989 ? 545 ILE BBB CA  1 ? 
ATOM   975  C C   . ILE B 1 59 ? -5.516  -11.550 -4.537  1.000 28.066 ? 545 ILE BBB C   1 ? 
ATOM   976  O O   . ILE B 1 59 ? -4.661  -12.407 -4.389  1.000 25.269 ? 545 ILE BBB O   1 ? 
ATOM   977  C CB  . ILE B 1 59 ? -4.869  -10.445 -6.720  1.000 36.530 ? 545 ILE BBB CB  1 ? 
ATOM   978  C CG1 . ILE B 1 59 ? -4.921  -9.110  -7.444  1.000 38.992 ? 545 ILE BBB CG1 1 ? 
ATOM   979  C CG2 . ILE B 1 59 ? -5.855  -11.446 -7.276  1.000 42.505 ? 545 ILE BBB CG2 1 ? 
ATOM   980  C CD1 . ILE B 1 59 ? -6.208  -8.342  -7.210  1.000 44.015 ? 545 ILE BBB CD1 1 ? 
ATOM   981  N N   . GLU B 1 60 ? -6.787  -11.663 -4.150  1.000 29.332 ? 546 GLU BBB N   1 ? 
ATOM   982  C CA  . GLU B 1 60 ? -7.340  -12.865 -3.487  1.000 31.166 ? 546 GLU BBB CA  1 ? 
ATOM   983  C C   . GLU B 1 60 ? -7.436  -13.952 -4.558  1.000 31.885 ? 546 GLU BBB C   1 ? 
ATOM   984  O O   . GLU B 1 60 ? -7.742  -13.637 -5.695  1.000 31.756 ? 546 GLU BBB O   1 ? 
ATOM   985  C CB  . GLU B 1 60 ? -8.657  -12.554 -2.767  1.000 33.114 ? 546 GLU BBB CB  1 ? 
ATOM   986  C CG  . GLU B 1 60 ? -8.456  -11.680 -1.536  1.000 39.957 ? 546 GLU BBB CG  1 ? 
ATOM   987  C CD  . GLU B 1 60 ? -9.702  -11.297 -0.744  1.000 41.591 ? 546 GLU BBB CD  1 ? 
ATOM   988  O OE1 . GLU B 1 60 ? -10.796 -11.854 -1.035  1.000 43.776 ? 546 GLU BBB OE1 1 ? 
ATOM   989  O OE2 . GLU B 1 60 ? -9.582  -10.432 0.167   1.000 41.661 ? 546 GLU BBB OE2 1 ? 
ATOM   990  N N   . VAL B 1 61 ? -7.144  -15.189 -4.181  1.000 36.298 ? 547 VAL BBB N   1 ? 
ATOM   991  C CA  . VAL B 1 61 ? -6.977  -16.371 -5.078  1.000 42.789 ? 547 VAL BBB CA  1 ? 
ATOM   992  C C   . VAL B 1 61 ? -7.991  -17.432 -4.608  1.000 44.204 ? 547 VAL BBB C   1 ? 
ATOM   993  O O   . VAL B 1 61 ? -8.031  -18.526 -5.197  1.000 45.657 ? 547 VAL BBB O   1 ? 
ATOM   994  C CB  . VAL B 1 61 ? -5.487  -16.799 -5.044  1.000 44.311 ? 547 VAL BBB CB  1 ? 
ATOM   995  C CG1 . VAL B 1 61 ? -5.264  -18.282 -5.233  1.000 47.965 ? 547 VAL BBB CG1 1 ? 
ATOM   996  C CG2 . VAL B 1 61 ? -4.647  -15.986 -6.024  1.000 42.566 ? 547 VAL BBB CG2 1 ? 
ATOM   997  N N   . THR B 1 62 ? -8.853  -17.065 -3.648  1.000 46.078 ? 548 THR BBB N   1 ? 
ATOM   998  C CA  . THR B 1 62 ? -9.927  -17.910 -3.053  1.000 49.081 ? 548 THR BBB CA  1 ? 
ATOM   999  C C   . THR B 1 62 ? -11.219 -17.086 -2.963  1.000 49.984 ? 548 THR BBB C   1 ? 
ATOM   1000 O O   . THR B 1 62 ? -12.328 -17.645 -2.856  1.000 49.322 ? 548 THR BBB O   1 ? 
ATOM   1001 C CB  . THR B 1 62 ? -9.518  -18.462 -1.673  1.000 53.831 ? 548 THR BBB CB  1 ? 
ATOM   1002 O OG1 . THR B 1 62 ? -8.742  -17.492 -0.957  1.000 48.917 ? 548 THR BBB OG1 1 ? 
ATOM   1003 C CG2 . THR B 1 62 ? -8.742  -19.763 -1.752  1.000 52.291 ? 548 THR BBB CG2 1 ? 
HETATM 1004 C C1  . GLC C 2 .  ? -5.215  9.917   9.826   1.000 45.425 ? 1   GLC C   C1  1 ? 
HETATM 1005 C C2  . GLC C 2 .  ? -6.200  10.218  10.939  1.000 46.619 ? 1   GLC C   C2  1 ? 
HETATM 1006 C C3  . GLC C 2 .  ? -5.597  9.996   12.349  1.000 47.743 ? 1   GLC C   C3  1 ? 
HETATM 1007 C C4  . GLC C 2 .  ? -4.698  8.765   12.478  1.000 49.947 ? 1   GLC C   C4  1 ? 
HETATM 1008 C C5  . GLC C 2 .  ? -3.767  8.570   11.251  1.000 48.766 ? 1   GLC C   C5  1 ? 
HETATM 1009 C C6  . GLC C 2 .  ? -2.929  7.266   11.282  1.000 43.396 ? 1   GLC C   C6  1 ? 
HETATM 1010 O O2  . GLC C 2 .  ? -6.557  11.597  10.740  1.000 45.278 ? 1   GLC C   O2  1 ? 
HETATM 1011 O O3  . GLC C 2 .  ? -6.634  9.817   13.317  1.000 52.152 ? 1   GLC C   O3  1 ? 
HETATM 1012 O O4  . GLC C 2 .  ? -3.935  8.831   13.698  1.000 47.934 ? 1   GLC C   O4  1 ? 
HETATM 1013 O O5  . GLC C 2 .  ? -4.555  8.655   10.039  1.000 46.717 ? 1   GLC C   O5  1 ? 
HETATM 1014 O O6  . GLC C 2 .  ? -3.804  6.139   11.292  1.000 37.837 ? 1   GLC C   O6  1 ? 
HETATM 1015 C C1  . GLC C 2 .  ? -3.203  10.813  8.823   1.000 43.941 ? 2   GLC C   C1  1 ? 
HETATM 1016 C C2  . GLC C 2 .  ? -1.875  11.496  9.230   1.000 41.882 ? 2   GLC C   C2  1 ? 
HETATM 1017 C C3  . GLC C 2 .  ? -1.975  13.034  9.103   1.000 40.498 ? 2   GLC C   C3  1 ? 
HETATM 1018 C C4  . GLC C 2 .  ? -2.591  13.466  7.756   1.000 39.935 ? 2   GLC C   C4  1 ? 
HETATM 1019 C C5  . GLC C 2 .  ? -3.954  12.763  7.578   1.000 41.850 ? 2   GLC C   C5  1 ? 
HETATM 1020 C C6  . GLC C 2 .  ? -4.689  13.107  6.288   1.000 41.479 ? 2   GLC C   C6  1 ? 
HETATM 1021 O O1  . GLC C 2 .  ? -4.247  10.971  9.813   1.000 45.004 ? 2   GLC C   O1  1 ? 
HETATM 1022 O O2  . GLC C 2 .  ? -1.472  11.129  10.579  1.000 44.782 ? 2   GLC C   O2  1 ? 
HETATM 1023 O O3  . GLC C 2 .  ? -0.694  13.653  9.282   1.000 36.281 ? 2   GLC C   O3  1 ? 
HETATM 1024 O O4  . GLC C 2 .  ? -2.684  14.894  7.728   1.000 38.036 ? 2   GLC C   O4  1 ? 
HETATM 1025 O O5  . GLC C 2 .  ? -3.746  11.328  7.590   1.000 47.305 ? 2   GLC C   O5  1 ? 
HETATM 1026 O O6  . GLC C 2 .  ? -3.803  12.915  5.168   1.000 37.448 ? 2   GLC C   O6  1 ? 
HETATM 1027 O O1  . PG4 D 3 .  ? -9.063  -3.899  -7.258  1.000 58.656 ? 601 PG4 AAA O1  1 ? 
HETATM 1028 C C1  . PG4 D 3 .  ? -9.194  -4.882  -6.233  1.000 64.705 ? 601 PG4 AAA C1  1 ? 
HETATM 1029 C C2  . PG4 D 3 .  ? -8.065  -4.841  -5.226  1.000 62.378 ? 601 PG4 AAA C2  1 ? 
HETATM 1030 O O2  . PG4 D 3 .  ? -8.292  -3.818  -4.253  1.000 58.681 ? 601 PG4 AAA O2  1 ? 
HETATM 1031 C C3  . PG4 D 3 .  ? -8.298  -4.287  -2.911  1.000 48.324 ? 601 PG4 AAA C3  1 ? 
HETATM 1032 C C4  . PG4 D 3 .  ? -9.695  -4.606  -2.548  1.000 48.646 ? 601 PG4 AAA C4  1 ? 
HETATM 1033 O O3  . PG4 D 3 .  ? -9.712  -5.384  -1.359  1.000 49.313 ? 601 PG4 AAA O3  1 ? 
HETATM 1034 C C5  . PG4 D 3 .  ? -10.385 -6.632  -1.494  1.000 53.217 ? 601 PG4 AAA C5  1 ? 
HETATM 1035 C C6  . PG4 D 3 .  ? -11.875 -6.439  -1.464  1.000 52.279 ? 601 PG4 AAA C6  1 ? 
HETATM 1036 O O4  . PG4 D 3 .  ? -12.506 -7.694  -1.710  1.000 60.829 ? 601 PG4 AAA O4  1 ? 
HETATM 1037 C C7  . PG4 D 3 .  ? -12.721 -7.985  -3.091  1.000 60.371 ? 601 PG4 AAA C7  1 ? 
HETATM 1038 C C8  . PG4 D 3 .  ? -12.516 -9.455  -3.349  1.000 65.836 ? 601 PG4 AAA C8  1 ? 
HETATM 1039 O O5  . PG4 D 3 .  ? -11.254 -9.752  -3.957  1.000 63.549 ? 601 PG4 AAA O5  1 ? 
HETATM 1040 O O   . HOH E 4 .  ? -14.761 5.337   3.128   1.000 44.972 ? 701 HOH AAA O   1 ? 
HETATM 1041 O O   . HOH E 4 .  ? -1.417  14.554  -19.164 1.000 37.289 ? 702 HOH AAA O   1 ? 
HETATM 1042 O O   . HOH E 4 .  ? -5.815  -0.240  0.028   1.000 29.768 ? 703 HOH AAA O   1 ? 
HETATM 1043 O O   . HOH E 4 .  ? 6.650   17.429  -2.781  1.000 39.971 ? 704 HOH AAA O   1 ? 
HETATM 1044 O O   . HOH E 4 .  ? 17.419  6.748   -2.942  1.000 40.623 ? 705 HOH AAA O   1 ? 
HETATM 1045 O O   . HOH E 4 .  ? -8.788  21.991  -1.461  1.000 29.678 ? 706 HOH AAA O   1 ? 
HETATM 1046 O O   . HOH E 4 .  ? 12.923  8.299   1.980   1.000 31.120 ? 707 HOH AAA O   1 ? 
HETATM 1047 O O   . HOH E 4 .  ? 7.392   -0.683  -1.449  1.000 22.708 ? 708 HOH AAA O   1 ? 
HETATM 1048 O O   . HOH E 4 .  ? -4.975  13.617  2.667   1.000 25.324 ? 709 HOH AAA O   1 ? 
HETATM 1049 O O   . HOH E 4 .  ? 5.777   11.752  6.595   1.000 34.579 ? 710 HOH AAA O   1 ? 
HETATM 1050 O O   . HOH E 4 .  ? 1.393   12.719  7.584   1.000 27.433 ? 711 HOH AAA O   1 ? 
HETATM 1051 O O   . HOH E 4 .  ? -8.686  7.826   2.278   1.000 39.474 ? 712 HOH AAA O   1 ? 
HETATM 1052 O O   . HOH E 4 .  ? 2.564   3.186   -10.554 1.000 46.327 ? 713 HOH AAA O   1 ? 
HETATM 1053 O O   . HOH E 4 .  ? -0.292  16.723  6.913   1.000 27.877 ? 714 HOH AAA O   1 ? 
HETATM 1054 O O   . HOH E 4 .  ? 9.736   -0.206  -10.454 1.000 40.595 ? 715 HOH AAA O   1 ? 
HETATM 1055 O O   . HOH E 4 .  ? -13.634 16.847  -0.768  1.000 42.732 ? 716 HOH AAA O   1 ? 
HETATM 1056 O O   . HOH E 4 .  ? -11.808 13.174  -10.967 1.000 46.836 ? 717 HOH AAA O   1 ? 
HETATM 1057 O O   . HOH E 4 .  ? 13.113  4.848   4.157   1.000 41.738 ? 718 HOH AAA O   1 ? 
HETATM 1058 O O   . HOH E 4 .  ? -0.502  22.806  5.391   1.000 39.946 ? 719 HOH AAA O   1 ? 
HETATM 1059 O O   . HOH E 4 .  ? 0.666   14.498  12.881  1.000 44.636 ? 720 HOH AAA O   1 ? 
HETATM 1060 O O   . HOH E 4 .  ? 1.905   24.439  -0.847  1.000 39.847 ? 721 HOH AAA O   1 ? 
HETATM 1061 O O   . HOH E 4 .  ? -2.422  18.394  7.433   1.000 45.729 ? 722 HOH AAA O   1 ? 
HETATM 1062 O O   . HOH E 4 .  ? 7.218   4.540   -11.250 1.000 37.131 ? 723 HOH AAA O   1 ? 
HETATM 1063 O O   . HOH E 4 .  ? 12.376  -1.353  -4.618  1.000 42.660 ? 724 HOH AAA O   1 ? 
HETATM 1064 O O   . HOH E 4 .  ? 3.115   21.588  2.514   1.000 42.896 ? 725 HOH AAA O   1 ? 
HETATM 1065 O O   . HOH E 4 .  ? 5.694   18.959  6.116   1.000 40.327 ? 726 HOH AAA O   1 ? 
HETATM 1066 O O   . HOH F 4 .  ? 12.011  -8.257  5.253   1.000 35.775 ? 601 HOH BBB O   1 ? 
HETATM 1067 O O   . HOH F 4 .  ? -15.811 -3.143  2.645   1.000 28.957 ? 602 HOH BBB O   1 ? 
HETATM 1068 O O   . HOH F 4 .  ? -0.470  -2.478  12.054  1.000 27.302 ? 603 HOH BBB O   1 ? 
HETATM 1069 O O   . HOH F 4 .  ? 9.350   -9.071  -6.518  1.000 26.974 ? 604 HOH BBB O   1 ? 
HETATM 1070 O O   . HOH F 4 .  ? 5.895   0.376   -3.856  1.000 25.573 ? 605 HOH BBB O   1 ? 
HETATM 1071 O O   . HOH F 4 .  ? 7.865   -1.918  -4.770  1.000 29.123 ? 606 HOH BBB O   1 ? 
HETATM 1072 O O   . HOH F 4 .  ? 7.693   -14.711 -5.090  1.000 32.193 ? 607 HOH BBB O   1 ? 
HETATM 1073 O O   . HOH F 4 .  ? -6.718  -7.965  -2.847  1.000 36.686 ? 608 HOH BBB O   1 ? 
HETATM 1074 O O   . HOH F 4 .  ? -11.310 -10.173 2.098   1.000 30.604 ? 609 HOH BBB O   1 ? 
HETATM 1075 O O   . HOH F 4 .  ? 8.175   -11.471 4.049   1.000 19.908 ? 610 HOH BBB O   1 ? 
HETATM 1076 O O   . HOH F 4 .  ? -9.463  -14.074 12.294  1.000 46.477 ? 611 HOH BBB O   1 ? 
HETATM 1077 O O   . HOH F 4 .  ? -5.496  1.759   2.407   1.000 26.055 ? 612 HOH BBB O   1 ? 
HETATM 1078 O O   . HOH F 4 .  ? -8.304  -9.369  -4.341  1.000 39.576 ? 613 HOH BBB O   1 ? 
HETATM 1079 O O   . HOH F 4 .  ? -12.241 -5.820  9.334   1.000 38.283 ? 614 HOH BBB O   1 ? 
HETATM 1080 O O   . HOH F 4 .  ? 6.360   -4.950  -8.306  1.000 29.309 ? 615 HOH BBB O   1 ? 
HETATM 1081 O O   . HOH F 4 .  ? -10.107 -11.072 4.229   1.000 36.412 ? 616 HOH BBB O   1 ? 
HETATM 1082 O O   . HOH F 4 .  ? -14.488 -9.996  9.738   1.000 42.463 ? 617 HOH BBB O   1 ? 
HETATM 1083 O O   . HOH F 4 .  ? 12.603  -17.769 -1.055  1.000 36.150 ? 618 HOH BBB O   1 ? 
HETATM 1084 O O   . HOH F 4 .  ? 1.358   1.151   12.994  1.000 39.924 ? 619 HOH BBB O   1 ? 
HETATM 1085 O O   . HOH F 4 .  ? -0.133  -4.599  13.154  1.000 39.534 ? 620 HOH BBB O   1 ? 
HETATM 1086 O O   . HOH F 4 .  ? -14.145 3.278   8.115   1.000 35.663 ? 621 HOH BBB O   1 ? 
HETATM 1087 O O   . HOH F 4 .  ? -13.117 -15.652 13.425  1.000 34.569 ? 622 HOH BBB O   1 ? 
# 
